data_1PJ3
#
_entry.id   1PJ3
#
_cell.length_a   225.828
_cell.length_b   117.050
_cell.length_c   111.847
_cell.angle_alpha   90.00
_cell.angle_beta   109.57
_cell.angle_gamma   90.00
#
_symmetry.space_group_name_H-M   'C 1 2 1'
#
loop_
_entity.id
_entity.type
_entity.pdbx_description
1 polymer 'NAD-dependent malic enzyme, mitochondrial'
2 non-polymer 'MANGANESE (II) ION'
3 non-polymer 'PYRUVIC ACID'
4 non-polymer NICOTINAMIDE-ADENINE-DINUCLEOTIDE
5 non-polymer 'FUMARIC ACID'
6 water water
#
_entity_poly.entity_id   1
_entity_poly.type   'polypeptide(L)'
_entity_poly.pdbx_seq_one_letter_code
;IKEKGKPL(MSE)LNPRTNKG(MSE)AFTLQERQ(MSE)LGLQGLLPPKIETQDIQALRFHRNLKK(MSE)TSPLEKYIY
I(MSE)GIQERNEKLFYRILQDDIESL(MSE)PIVYTPTVGLACSQYGHIFRRPKGLFISISDRGHVRSIVDNWPENHVK
AVVVTDGERILGLGDLGVYG(MSE)GIPVGKLCLYTACAGIRPDRCLPVCIDVGTDNIALLKDPFY(MSE)GLYQKRDRT
QQYDDLIDEF(MSE)KAITDRYGRNTLIQFEDFGNHNAFRFLRKYREKYCTFNDDIQGTAAVALAGLLAAQKVISKPISE
HKILFLGAGEAALGIANLIV(MSE)S(MSE)VENGLSEQEAQKKIW(MSE)FDKYGLLVKGRKAKIDSYQEPFTHSAPES
IPDTFEDAVNILKPSTIIGVAGAGRLFTPDVIRA(MSE)ASINERPVIFALSNPTAQAECTAEEAYTLTEGRCLFASGSP
FGPVKLTDGRVFTPGQGNNVYIFPGVALAVILCNTRHISDSVFLEAAKALTSQLTDEELAQGRLYPPLANIQEVSINIAI
KVTEYLYANK(MSE)AFRYPEPEDKAKYVKERTWRSEYDSLLPDVYEWPESASSPPVITE
;
_entity_poly.pdbx_strand_id   A,B,C,D
#
loop_
_chem_comp.id
_chem_comp.type
_chem_comp.name
_chem_comp.formula
FUM non-polymer 'FUMARIC ACID' 'C4 H4 O4'
MN non-polymer 'MANGANESE (II) ION' 'Mn 2'
NAD non-polymer NICOTINAMIDE-ADENINE-DINUCLEOTIDE 'C21 H27 N7 O14 P2'
PYR non-polymer 'PYRUVIC ACID' 'C3 H4 O3'
#
# COMPACT_ATOMS: atom_id res chain seq x y z
N ILE A 1 4.92 1.84 12.37
CA ILE A 1 4.93 1.25 11.00
C ILE A 1 3.58 1.44 10.32
N LYS A 2 3.61 1.86 9.06
CA LYS A 2 2.39 2.11 8.31
C LYS A 2 1.93 0.89 7.51
N GLU A 3 2.35 -0.31 7.92
CA GLU A 3 1.97 -1.52 7.20
C GLU A 3 1.43 -2.60 8.12
N LYS A 4 0.44 -3.35 7.64
CA LYS A 4 -0.15 -4.44 8.41
C LYS A 4 -0.36 -5.64 7.49
N GLY A 5 -0.57 -6.81 8.07
CA GLY A 5 -0.79 -7.99 7.25
C GLY A 5 0.49 -8.65 6.75
N LYS A 6 0.33 -9.52 5.76
CA LYS A 6 1.43 -10.27 5.16
C LYS A 6 2.68 -9.42 4.84
N PRO A 7 2.50 -8.19 4.37
CA PRO A 7 3.69 -7.37 4.08
C PRO A 7 4.66 -7.25 5.26
N LEU A 8 4.15 -7.35 6.48
CA LEU A 8 5.00 -7.26 7.67
C LEU A 8 5.90 -8.49 7.74
N MSE A 9 5.44 -9.59 7.16
CA MSE A 9 6.20 -10.82 7.17
C MSE A 9 7.13 -10.91 5.96
O MSE A 9 8.20 -11.50 6.05
CB MSE A 9 5.25 -12.02 7.18
CG MSE A 9 4.52 -12.19 8.51
SE MSE A 9 2.97 -13.35 8.38
CE MSE A 9 3.78 -14.90 7.57
N LEU A 10 6.71 -10.29 4.85
CA LEU A 10 7.52 -10.29 3.63
C LEU A 10 8.72 -9.37 3.71
N ASN A 11 8.62 -8.31 4.50
CA ASN A 11 9.74 -7.38 4.65
C ASN A 11 10.62 -7.85 5.79
N PRO A 12 11.89 -8.17 5.50
CA PRO A 12 12.82 -8.63 6.53
C PRO A 12 13.09 -7.61 7.63
N ARG A 13 12.84 -6.34 7.34
CA ARG A 13 13.06 -5.28 8.31
C ARG A 13 12.08 -5.42 9.49
N THR A 14 10.85 -5.86 9.20
CA THR A 14 9.84 -6.02 10.24
C THR A 14 9.51 -7.46 10.67
N ASN A 15 9.78 -8.44 9.80
CA ASN A 15 9.48 -9.83 10.12
C ASN A 15 10.15 -10.40 11.37
N LYS A 16 9.35 -10.93 12.28
CA LYS A 16 9.83 -11.54 13.52
C LYS A 16 9.58 -13.06 13.49
N GLY A 17 8.97 -13.55 12.42
CA GLY A 17 8.68 -14.98 12.37
C GLY A 17 7.76 -15.32 13.53
N MSE A 18 7.96 -16.47 14.16
CA MSE A 18 7.10 -16.86 15.29
C MSE A 18 7.28 -16.01 16.54
O MSE A 18 6.59 -16.22 17.52
CB MSE A 18 7.30 -18.34 15.64
CG MSE A 18 6.61 -19.25 14.67
SE MSE A 18 6.82 -21.13 15.09
CE MSE A 18 8.53 -21.45 14.22
N ALA A 19 8.22 -15.06 16.50
CA ALA A 19 8.43 -14.20 17.66
C ALA A 19 7.37 -13.11 17.75
N PHE A 20 6.52 -12.97 16.73
CA PHE A 20 5.45 -11.97 16.80
C PHE A 20 4.56 -12.42 17.97
N THR A 21 4.28 -11.54 18.91
CA THR A 21 3.44 -11.91 20.05
C THR A 21 2.01 -12.15 19.58
N LEU A 22 1.20 -12.79 20.43
CA LEU A 22 -0.17 -13.08 20.10
C LEU A 22 -0.93 -11.77 19.86
N GLN A 23 -0.71 -10.80 20.74
CA GLN A 23 -1.36 -9.51 20.65
C GLN A 23 -0.99 -8.80 19.34
N GLU A 24 0.28 -8.87 18.96
CA GLU A 24 0.71 -8.23 17.71
C GLU A 24 0.05 -8.91 16.52
N ARG A 25 -0.03 -10.24 16.55
CA ARG A 25 -0.63 -11.00 15.45
C ARG A 25 -2.11 -10.67 15.28
N GLN A 26 -2.85 -10.57 16.38
CA GLN A 26 -4.26 -10.26 16.28
C GLN A 26 -4.48 -8.82 15.83
N MSE A 27 -3.70 -7.89 16.38
CA MSE A 27 -3.87 -6.50 16.01
C MSE A 27 -3.30 -6.11 14.65
O MSE A 27 -3.76 -5.12 14.07
CB MSE A 27 -3.26 -5.60 17.08
CG MSE A 27 -4.13 -5.45 18.30
SE MSE A 27 -3.41 -4.18 19.56
CE MSE A 27 -3.65 -5.15 21.22
N LEU A 28 -2.34 -6.86 14.13
CA LEU A 28 -1.74 -6.53 12.84
C LEU A 28 -2.16 -7.44 11.70
N GLY A 29 -3.21 -8.24 11.92
CA GLY A 29 -3.70 -9.12 10.88
C GLY A 29 -2.77 -10.26 10.47
N LEU A 30 -2.07 -10.85 11.44
CA LEU A 30 -1.17 -11.95 11.14
C LEU A 30 -1.71 -13.27 11.69
N GLN A 31 -2.76 -13.21 12.49
CA GLN A 31 -3.35 -14.43 13.07
C GLN A 31 -3.69 -15.45 11.99
N GLY A 32 -3.15 -16.65 12.13
CA GLY A 32 -3.42 -17.69 11.15
C GLY A 32 -2.34 -17.78 10.09
N LEU A 33 -1.60 -16.69 9.88
CA LEU A 33 -0.54 -16.69 8.88
C LEU A 33 0.76 -17.26 9.48
N LEU A 34 0.78 -17.43 10.79
CA LEU A 34 1.93 -18.00 11.49
C LEU A 34 1.49 -19.22 12.32
N PRO A 35 2.39 -20.17 12.58
CA PRO A 35 2.02 -21.36 13.37
C PRO A 35 1.56 -20.87 14.74
N PRO A 36 0.72 -21.65 15.45
CA PRO A 36 0.20 -21.28 16.78
C PRO A 36 1.28 -20.95 17.81
N LYS A 37 2.45 -21.55 17.65
CA LYS A 37 3.59 -21.35 18.55
C LYS A 37 4.16 -19.94 18.58
N ILE A 38 4.36 -19.40 19.78
CA ILE A 38 4.96 -18.09 19.95
C ILE A 38 6.38 -18.35 20.45
N GLU A 39 7.39 -17.92 19.70
CA GLU A 39 8.77 -18.14 20.09
C GLU A 39 9.46 -16.87 20.52
N THR A 40 10.62 -17.04 21.16
CA THR A 40 11.43 -15.91 21.61
C THR A 40 12.61 -15.89 20.64
N GLN A 41 13.37 -14.81 20.64
CA GLN A 41 14.52 -14.71 19.76
C GLN A 41 15.55 -15.77 20.14
N ASP A 42 15.63 -16.08 21.42
CA ASP A 42 16.57 -17.09 21.92
C ASP A 42 16.35 -18.43 21.23
N ILE A 43 15.09 -18.83 21.07
CA ILE A 43 14.79 -20.10 20.43
C ILE A 43 15.21 -20.05 18.97
N GLN A 44 14.91 -18.94 18.30
CA GLN A 44 15.27 -18.77 16.90
C GLN A 44 16.78 -18.84 16.74
N ALA A 45 17.52 -18.25 17.68
CA ALA A 45 18.98 -18.26 17.60
C ALA A 45 19.50 -19.68 17.74
N LEU A 46 18.88 -20.45 18.63
CA LEU A 46 19.25 -21.84 18.88
C LEU A 46 18.98 -22.64 17.60
N ARG A 47 17.83 -22.39 16.98
CA ARG A 47 17.49 -23.07 15.74
C ARG A 47 18.64 -22.85 14.76
N PHE A 48 19.05 -21.60 14.61
CA PHE A 48 20.15 -21.27 13.70
C PHE A 48 21.45 -22.02 14.00
N HIS A 49 21.99 -21.82 15.20
CA HIS A 49 23.25 -22.46 15.57
C HIS A 49 23.21 -23.95 15.34
N ARG A 50 22.10 -24.59 15.68
CA ARG A 50 21.94 -26.01 15.51
C ARG A 50 22.11 -26.38 14.03
N ASN A 51 21.48 -25.63 13.14
CA ASN A 51 21.61 -25.91 11.70
C ASN A 51 23.00 -25.56 11.19
N LEU A 52 23.58 -24.49 11.73
CA LEU A 52 24.91 -24.07 11.30
C LEU A 52 25.95 -25.13 11.62
N LYS A 53 25.82 -25.74 12.79
CA LYS A 53 26.74 -26.78 13.26
C LYS A 53 26.86 -27.94 12.28
N LYS A 54 25.79 -28.23 11.55
CA LYS A 54 25.78 -29.35 10.61
C LYS A 54 26.28 -29.03 9.20
N MSE A 55 26.43 -27.75 8.87
CA MSE A 55 26.89 -27.40 7.53
C MSE A 55 28.38 -27.66 7.34
O MSE A 55 29.16 -27.55 8.30
CB MSE A 55 26.55 -25.95 7.22
CG MSE A 55 25.10 -25.66 7.51
SE MSE A 55 24.56 -23.98 6.77
CE MSE A 55 22.69 -24.36 6.42
N THR A 56 28.78 -27.99 6.13
CA THR A 56 30.18 -28.30 5.86
C THR A 56 31.09 -27.14 5.44
N SER A 57 30.86 -26.57 4.26
CA SER A 57 31.70 -25.49 3.76
C SER A 57 31.36 -24.06 4.20
N PRO A 58 32.34 -23.15 4.12
CA PRO A 58 32.13 -21.75 4.49
C PRO A 58 31.17 -21.06 3.54
N LEU A 59 31.21 -21.40 2.26
CA LEU A 59 30.30 -20.77 1.31
C LEU A 59 28.85 -21.14 1.60
N GLU A 60 28.61 -22.39 2.00
CA GLU A 60 27.25 -22.83 2.30
C GLU A 60 26.73 -22.03 3.50
N LYS A 61 27.59 -21.82 4.50
CA LYS A 61 27.23 -21.06 5.68
C LYS A 61 26.99 -19.60 5.34
N TYR A 62 27.78 -19.05 4.42
CA TYR A 62 27.60 -17.66 4.00
C TYR A 62 26.21 -17.51 3.38
N ILE A 63 25.86 -18.42 2.48
CA ILE A 63 24.56 -18.38 1.81
C ILE A 63 23.41 -18.48 2.82
N TYR A 64 23.59 -19.29 3.84
CA TYR A 64 22.59 -19.47 4.88
C TYR A 64 22.45 -18.18 5.68
N ILE A 65 23.55 -17.75 6.30
CA ILE A 65 23.55 -16.54 7.12
C ILE A 65 23.08 -15.29 6.37
N MSE A 66 23.63 -15.01 5.19
CA MSE A 66 23.21 -13.84 4.45
C MSE A 66 21.74 -13.94 4.02
O MSE A 66 21.09 -12.91 3.80
CB MSE A 66 24.12 -13.61 3.24
CG MSE A 66 25.59 -13.39 3.62
SE MSE A 66 25.87 -11.97 4.94
CE MSE A 66 25.23 -10.45 3.92
N GLY A 67 21.24 -15.16 3.91
CA GLY A 67 19.87 -15.36 3.53
C GLY A 67 18.95 -14.90 4.63
N ILE A 68 19.41 -15.01 5.88
CA ILE A 68 18.59 -14.59 7.01
C ILE A 68 18.38 -13.07 6.99
N GLN A 69 19.38 -12.33 6.53
CA GLN A 69 19.29 -10.88 6.46
C GLN A 69 18.12 -10.50 5.57
N GLU A 70 17.80 -11.36 4.61
CA GLU A 70 16.70 -11.12 3.69
C GLU A 70 15.39 -11.71 4.19
N ARG A 71 15.40 -12.28 5.40
CA ARG A 71 14.19 -12.87 5.98
C ARG A 71 13.79 -12.25 7.30
N ASN A 72 14.74 -12.17 8.22
CA ASN A 72 14.49 -11.61 9.54
C ASN A 72 15.76 -10.84 9.92
N GLU A 73 15.77 -9.55 9.62
CA GLU A 73 16.93 -8.71 9.90
C GLU A 73 17.36 -8.71 11.35
N LYS A 74 16.39 -8.63 12.27
CA LYS A 74 16.70 -8.62 13.70
C LYS A 74 17.43 -9.89 14.10
N LEU A 75 16.92 -11.04 13.64
CA LEU A 75 17.52 -12.32 13.96
C LEU A 75 18.89 -12.42 13.32
N PHE A 76 19.02 -11.81 12.14
CA PHE A 76 20.28 -11.83 11.40
C PHE A 76 21.39 -11.22 12.25
N TYR A 77 21.14 -10.05 12.81
CA TYR A 77 22.15 -9.41 13.63
C TYR A 77 22.29 -10.10 14.99
N ARG A 78 21.22 -10.71 15.47
CA ARG A 78 21.27 -11.42 16.75
C ARG A 78 22.28 -12.55 16.58
N ILE A 79 22.19 -13.24 15.45
CA ILE A 79 23.08 -14.35 15.12
C ILE A 79 24.54 -13.90 15.09
N LEU A 80 24.82 -12.78 14.43
CA LEU A 80 26.18 -12.26 14.35
C LEU A 80 26.68 -11.92 15.74
N GLN A 81 25.82 -11.29 16.53
CA GLN A 81 26.17 -10.89 17.90
C GLN A 81 26.46 -12.05 18.85
N ASP A 82 25.83 -13.21 18.63
CA ASP A 82 26.06 -14.35 19.50
C ASP A 82 27.51 -14.82 19.44
N ASP A 83 28.13 -14.68 18.28
CA ASP A 83 29.52 -15.11 18.11
C ASP A 83 30.14 -14.43 16.88
N ILE A 84 30.47 -13.15 17.02
CA ILE A 84 31.02 -12.39 15.92
C ILE A 84 32.36 -12.91 15.42
N GLU A 85 33.18 -13.45 16.32
CA GLU A 85 34.49 -13.95 15.92
C GLU A 85 34.43 -15.21 15.05
N SER A 86 33.47 -16.09 15.30
CA SER A 86 33.38 -17.30 14.51
C SER A 86 32.72 -17.07 13.15
N LEU A 87 31.85 -16.06 13.06
CA LEU A 87 31.16 -15.76 11.81
C LEU A 87 31.88 -14.74 10.94
N MSE A 88 32.74 -13.93 11.55
CA MSE A 88 33.49 -12.91 10.80
C MSE A 88 34.16 -13.50 9.56
O MSE A 88 34.12 -12.90 8.49
CB MSE A 88 34.54 -12.27 11.70
CG MSE A 88 35.22 -11.05 11.10
SE MSE A 88 34.01 -9.54 10.93
CE MSE A 88 33.84 -9.05 12.80
N PRO A 89 34.79 -14.69 9.69
CA PRO A 89 35.47 -15.34 8.57
C PRO A 89 34.49 -15.75 7.47
N ILE A 90 33.22 -15.90 7.84
CA ILE A 90 32.17 -16.31 6.91
C ILE A 90 31.54 -15.13 6.17
N VAL A 91 31.16 -14.08 6.89
CA VAL A 91 30.53 -12.92 6.27
C VAL A 91 31.51 -11.85 5.78
N TYR A 92 32.74 -11.92 6.25
CA TYR A 92 33.79 -10.96 5.87
C TYR A 92 34.95 -11.76 5.25
N THR A 93 36.18 -11.26 5.34
CA THR A 93 37.29 -12.01 4.76
C THR A 93 37.58 -13.27 5.58
N PRO A 94 37.96 -14.37 4.90
CA PRO A 94 38.13 -14.53 3.46
C PRO A 94 36.93 -15.00 2.64
N THR A 95 35.93 -15.57 3.30
CA THR A 95 34.76 -16.09 2.59
C THR A 95 34.00 -15.06 1.75
N VAL A 96 33.96 -13.80 2.17
CA VAL A 96 33.25 -12.80 1.37
C VAL A 96 33.93 -12.67 0.01
N GLY A 97 35.22 -12.97 -0.04
CA GLY A 97 35.94 -12.91 -1.30
C GLY A 97 35.46 -14.04 -2.20
N LEU A 98 35.33 -15.22 -1.62
CA LEU A 98 34.86 -16.39 -2.37
C LEU A 98 33.43 -16.12 -2.88
N ALA A 99 32.60 -15.49 -2.06
CA ALA A 99 31.21 -15.20 -2.43
C ALA A 99 31.14 -14.26 -3.62
N CYS A 100 31.97 -13.23 -3.63
CA CYS A 100 31.99 -12.28 -4.74
C CYS A 100 32.40 -12.98 -6.02
N SER A 101 33.39 -13.87 -5.92
CA SER A 101 33.87 -14.62 -7.09
C SER A 101 32.77 -15.43 -7.74
N GLN A 102 31.78 -15.84 -6.96
CA GLN A 102 30.68 -16.64 -7.47
C GLN A 102 29.35 -15.97 -7.22
N TYR A 103 29.38 -14.64 -7.03
CA TYR A 103 28.16 -13.92 -6.74
C TYR A 103 27.00 -14.31 -7.66
N GLY A 104 27.27 -14.40 -8.96
CA GLY A 104 26.24 -14.76 -9.92
C GLY A 104 25.75 -16.19 -9.83
N HIS A 105 26.54 -17.08 -9.24
CA HIS A 105 26.15 -18.48 -9.10
C HIS A 105 25.28 -18.74 -7.87
N ILE A 106 25.46 -17.93 -6.82
CA ILE A 106 24.70 -18.11 -5.58
C ILE A 106 23.56 -17.11 -5.42
N PHE A 107 23.38 -16.25 -6.42
CA PHE A 107 22.33 -15.24 -6.41
C PHE A 107 20.95 -15.78 -6.07
N ARG A 108 20.23 -15.04 -5.22
CA ARG A 108 18.86 -15.40 -4.83
C ARG A 108 18.04 -14.11 -4.83
N ARG A 109 18.56 -13.09 -4.16
CA ARG A 109 17.91 -11.80 -4.09
C ARG A 109 18.98 -10.72 -4.18
N PRO A 110 18.64 -9.58 -4.77
CA PRO A 110 19.63 -8.50 -4.88
C PRO A 110 19.67 -7.75 -3.56
N LYS A 111 20.76 -7.05 -3.32
CA LYS A 111 20.91 -6.26 -2.11
C LYS A 111 21.56 -4.98 -2.64
N GLY A 112 21.14 -3.83 -2.13
CA GLY A 112 21.74 -2.59 -2.57
C GLY A 112 21.18 -1.97 -3.83
N LEU A 113 21.78 -0.84 -4.20
CA LEU A 113 21.39 -0.09 -5.38
C LEU A 113 22.41 -0.33 -6.48
N PHE A 114 21.96 -0.59 -7.70
CA PHE A 114 22.88 -0.79 -8.81
C PHE A 114 22.73 0.38 -9.78
N ILE A 115 23.82 1.09 -10.01
CA ILE A 115 23.81 2.22 -10.94
C ILE A 115 24.79 1.91 -12.07
N SER A 116 24.30 1.82 -13.30
CA SER A 116 25.18 1.50 -14.43
C SER A 116 25.38 2.68 -15.37
N ILE A 117 26.43 2.60 -16.17
CA ILE A 117 26.77 3.64 -17.11
C ILE A 117 25.59 3.87 -18.06
N SER A 118 24.81 2.82 -18.33
CA SER A 118 23.67 2.94 -19.22
C SER A 118 22.56 3.78 -18.58
N ASP A 119 22.71 4.08 -17.29
CA ASP A 119 21.72 4.89 -16.58
C ASP A 119 22.15 6.35 -16.50
N ARG A 120 23.21 6.70 -17.23
CA ARG A 120 23.71 8.06 -17.26
C ARG A 120 22.60 9.06 -17.51
N GLY A 121 22.51 10.08 -16.67
CA GLY A 121 21.48 11.09 -16.83
C GLY A 121 20.17 10.74 -16.15
N HIS A 122 20.09 9.55 -15.55
CA HIS A 122 18.87 9.11 -14.87
C HIS A 122 19.16 8.56 -13.48
N VAL A 123 20.34 8.86 -12.93
CA VAL A 123 20.72 8.38 -11.62
C VAL A 123 19.78 8.82 -10.50
N ARG A 124 19.28 10.06 -10.55
CA ARG A 124 18.38 10.49 -9.48
C ARG A 124 17.14 9.60 -9.40
N SER A 125 16.66 9.15 -10.55
CA SER A 125 15.48 8.29 -10.62
C SER A 125 15.74 6.94 -9.95
N ILE A 126 16.94 6.40 -10.14
CA ILE A 126 17.31 5.14 -9.51
C ILE A 126 17.36 5.35 -8.01
N VAL A 127 18.02 6.40 -7.56
CA VAL A 127 18.12 6.69 -6.14
C VAL A 127 16.73 6.86 -5.52
N ASP A 128 15.81 7.48 -6.26
CA ASP A 128 14.46 7.66 -5.73
C ASP A 128 13.70 6.35 -5.59
N ASN A 129 14.22 5.28 -6.19
CA ASN A 129 13.57 3.97 -6.09
C ASN A 129 13.93 3.22 -4.80
N TRP A 130 14.98 3.65 -4.10
CA TRP A 130 15.34 2.97 -2.85
C TRP A 130 14.20 3.24 -1.87
N PRO A 131 13.64 2.18 -1.26
CA PRO A 131 12.54 2.31 -0.30
C PRO A 131 12.72 3.08 1.01
N GLU A 132 13.94 3.13 1.54
CA GLU A 132 14.18 3.84 2.81
C GLU A 132 14.36 5.35 2.62
N ASN A 133 13.79 6.13 3.54
CA ASN A 133 13.84 7.59 3.45
C ASN A 133 14.92 8.34 4.22
N HIS A 134 15.54 7.70 5.20
CA HIS A 134 16.55 8.41 5.99
C HIS A 134 17.94 7.77 5.96
N VAL A 135 18.46 7.52 4.77
CA VAL A 135 19.79 6.93 4.66
C VAL A 135 20.84 7.87 5.25
N LYS A 136 21.74 7.32 6.07
CA LYS A 136 22.79 8.12 6.69
C LYS A 136 24.17 7.63 6.26
N ALA A 137 24.26 6.41 5.76
CA ALA A 137 25.56 5.88 5.33
C ALA A 137 25.50 5.06 4.04
N VAL A 138 26.42 5.36 3.13
CA VAL A 138 26.51 4.68 1.86
C VAL A 138 27.91 4.11 1.69
N VAL A 139 28.01 2.89 1.20
CA VAL A 139 29.30 2.27 0.90
C VAL A 139 29.18 1.93 -0.57
N VAL A 140 30.03 2.54 -1.39
CA VAL A 140 29.97 2.33 -2.81
C VAL A 140 31.23 1.73 -3.41
N THR A 141 31.07 0.96 -4.47
CA THR A 141 32.20 0.34 -5.14
C THR A 141 31.88 0.22 -6.63
N ASP A 142 32.91 0.12 -7.44
CA ASP A 142 32.72 -0.09 -8.88
C ASP A 142 33.30 -1.48 -9.17
N GLY A 143 33.67 -2.17 -8.10
CA GLY A 143 34.20 -3.52 -8.21
C GLY A 143 35.46 -3.73 -9.02
N GLU A 144 36.30 -2.71 -9.15
CA GLU A 144 37.51 -2.87 -9.94
C GLU A 144 38.69 -3.44 -9.15
N ARG A 145 38.68 -3.31 -7.83
CA ARG A 145 39.77 -3.81 -7.00
C ARG A 145 39.15 -4.44 -5.75
N ILE A 146 38.47 -5.58 -5.92
CA ILE A 146 37.82 -6.29 -4.82
C ILE A 146 38.85 -7.11 -4.04
N LEU A 147 39.14 -6.70 -2.80
CA LEU A 147 40.14 -7.39 -1.98
C LEU A 147 41.35 -7.51 -2.89
N GLY A 148 42.09 -8.61 -2.81
CA GLY A 148 43.24 -8.79 -3.67
C GLY A 148 42.89 -9.64 -4.86
N LEU A 149 41.60 -9.68 -5.18
CA LEU A 149 41.09 -10.50 -6.28
C LEU A 149 40.97 -9.79 -7.63
N GLY A 150 41.19 -8.48 -7.66
CA GLY A 150 41.10 -7.77 -8.92
C GLY A 150 39.72 -7.32 -9.34
N ASP A 151 39.57 -7.13 -10.65
CA ASP A 151 38.30 -6.66 -11.23
C ASP A 151 37.22 -7.74 -11.25
N LEU A 152 36.22 -7.61 -10.38
CA LEU A 152 35.11 -8.55 -10.32
C LEU A 152 33.81 -7.90 -10.79
N GLY A 153 33.90 -6.65 -11.23
CA GLY A 153 32.72 -5.95 -11.71
C GLY A 153 31.57 -6.00 -10.73
N VAL A 154 30.35 -6.20 -11.23
CA VAL A 154 29.18 -6.24 -10.38
C VAL A 154 29.17 -7.36 -9.34
N TYR A 155 30.04 -8.36 -9.49
CA TYR A 155 30.10 -9.46 -8.52
C TYR A 155 30.68 -8.87 -7.24
N GLY A 156 31.23 -7.66 -7.36
CA GLY A 156 31.82 -7.00 -6.23
C GLY A 156 30.81 -6.41 -5.25
N MSE A 157 29.52 -6.42 -5.61
CA MSE A 157 28.51 -5.88 -4.72
C MSE A 157 28.57 -6.55 -3.34
O MSE A 157 28.06 -5.99 -2.37
CB MSE A 157 27.11 -6.05 -5.29
CG MSE A 157 26.01 -5.64 -4.32
SE MSE A 157 26.07 -3.76 -3.75
CE MSE A 157 24.54 -3.07 -4.74
N GLY A 158 29.18 -7.72 -3.27
CA GLY A 158 29.28 -8.42 -2.00
C GLY A 158 30.04 -7.65 -0.95
N ILE A 159 31.01 -6.83 -1.38
CA ILE A 159 31.79 -6.05 -0.43
C ILE A 159 30.95 -4.97 0.26
N PRO A 160 30.30 -4.08 -0.50
CA PRO A 160 29.48 -3.05 0.16
C PRO A 160 28.50 -3.70 1.12
N VAL A 161 27.88 -4.80 0.70
CA VAL A 161 26.93 -5.50 1.55
C VAL A 161 27.62 -5.99 2.81
N GLY A 162 28.80 -6.57 2.66
CA GLY A 162 29.54 -7.05 3.83
C GLY A 162 29.94 -5.93 4.79
N LYS A 163 30.51 -4.86 4.25
CA LYS A 163 30.93 -3.75 5.10
C LYS A 163 29.77 -3.16 5.91
N LEU A 164 28.63 -2.91 5.25
CA LEU A 164 27.50 -2.35 5.95
C LEU A 164 26.94 -3.27 7.04
N CYS A 165 27.04 -4.59 6.85
CA CYS A 165 26.58 -5.51 7.89
C CYS A 165 27.40 -5.24 9.14
N LEU A 166 28.68 -4.96 8.94
CA LEU A 166 29.61 -4.68 10.05
C LEU A 166 29.35 -3.29 10.65
N TYR A 167 28.80 -2.38 9.84
CA TYR A 167 28.47 -1.04 10.34
C TYR A 167 27.50 -1.30 11.48
N THR A 168 26.57 -2.22 11.27
CA THR A 168 25.57 -2.54 12.27
C THR A 168 26.02 -3.50 13.35
N ALA A 169 26.58 -4.64 12.96
CA ALA A 169 27.01 -5.64 13.94
C ALA A 169 28.12 -5.14 14.86
N CYS A 170 28.93 -4.21 14.38
CA CYS A 170 30.01 -3.67 15.19
C CYS A 170 29.72 -2.35 15.90
N ALA A 171 29.13 -1.40 15.18
CA ALA A 171 28.87 -0.08 15.74
C ALA A 171 27.42 0.28 16.04
N GLY A 172 26.49 -0.64 15.78
CA GLY A 172 25.10 -0.36 16.07
C GLY A 172 24.48 0.71 15.20
N ILE A 173 24.99 0.88 14.00
CA ILE A 173 24.43 1.86 13.08
C ILE A 173 23.14 1.21 12.56
N ARG A 174 22.07 1.99 12.45
CA ARG A 174 20.79 1.46 11.99
C ARG A 174 20.84 0.90 10.57
N PRO A 175 20.47 -0.38 10.42
CA PRO A 175 20.46 -1.06 9.12
C PRO A 175 19.60 -0.33 8.08
N ASP A 176 18.39 0.08 8.45
CA ASP A 176 17.54 0.77 7.48
C ASP A 176 18.10 2.13 7.07
N ARG A 177 19.23 2.52 7.62
CA ARG A 177 19.82 3.80 7.25
C ARG A 177 21.13 3.61 6.50
N CYS A 178 21.40 2.37 6.10
CA CYS A 178 22.61 2.01 5.37
C CYS A 178 22.22 1.64 3.94
N LEU A 179 23.04 2.04 2.97
CA LEU A 179 22.76 1.77 1.56
C LEU A 179 23.96 1.26 0.77
N PRO A 180 23.95 -0.04 0.39
CA PRO A 180 25.08 -0.58 -0.39
C PRO A 180 24.90 -0.15 -1.84
N VAL A 181 25.97 0.33 -2.45
CA VAL A 181 25.86 0.79 -3.83
C VAL A 181 26.96 0.23 -4.73
N CYS A 182 26.57 -0.21 -5.93
CA CYS A 182 27.52 -0.74 -6.89
C CYS A 182 27.40 0.06 -8.19
N ILE A 183 28.51 0.65 -8.61
CA ILE A 183 28.55 1.42 -9.85
C ILE A 183 29.02 0.46 -10.94
N ASP A 184 28.18 0.22 -11.94
CA ASP A 184 28.54 -0.69 -13.02
C ASP A 184 28.86 0.00 -14.33
N VAL A 185 30.15 0.09 -14.66
CA VAL A 185 30.55 0.72 -15.91
C VAL A 185 31.19 -0.31 -16.82
N GLY A 186 30.93 -1.59 -16.51
CA GLY A 186 31.51 -2.68 -17.29
C GLY A 186 32.62 -3.32 -16.48
N THR A 187 33.25 -4.35 -17.03
CA THR A 187 34.36 -5.03 -16.35
C THR A 187 35.37 -5.48 -17.37
N ASP A 188 36.64 -5.52 -16.98
CA ASP A 188 37.68 -5.96 -17.89
C ASP A 188 37.98 -7.43 -17.64
N ASN A 189 37.24 -8.05 -16.72
CA ASN A 189 37.45 -9.46 -16.41
C ASN A 189 36.90 -10.32 -17.55
N ILE A 190 37.79 -10.91 -18.33
CA ILE A 190 37.40 -11.73 -19.48
C ILE A 190 36.48 -12.88 -19.11
N ALA A 191 36.79 -13.58 -18.01
CA ALA A 191 35.99 -14.69 -17.56
C ALA A 191 34.54 -14.26 -17.26
N LEU A 192 34.35 -13.06 -16.70
CA LEU A 192 32.99 -12.62 -16.39
C LEU A 192 32.22 -12.25 -17.65
N LEU A 193 32.92 -11.72 -18.65
CA LEU A 193 32.26 -11.32 -19.90
C LEU A 193 31.78 -12.52 -20.70
N LYS A 194 32.15 -13.73 -20.27
CA LYS A 194 31.73 -14.95 -20.95
C LYS A 194 30.92 -15.80 -19.96
N ASP A 195 30.59 -15.24 -18.81
CA ASP A 195 29.82 -15.93 -17.78
C ASP A 195 28.32 -15.64 -17.98
N PRO A 196 27.53 -16.66 -18.34
CA PRO A 196 26.08 -16.46 -18.55
C PRO A 196 25.34 -16.04 -17.28
N PHE A 197 25.98 -16.17 -16.13
CA PHE A 197 25.36 -15.78 -14.86
C PHE A 197 25.85 -14.40 -14.37
N TYR A 198 26.76 -13.76 -15.10
CA TYR A 198 27.27 -12.45 -14.69
C TYR A 198 26.11 -11.46 -14.47
N MSE A 199 26.23 -10.64 -13.44
CA MSE A 199 25.17 -9.69 -13.09
C MSE A 199 25.30 -8.26 -13.63
O MSE A 199 24.44 -7.43 -13.36
CB MSE A 199 25.04 -9.67 -11.57
CG MSE A 199 24.54 -11.01 -10.98
SE MSE A 199 25.09 -11.29 -9.12
CE MSE A 199 24.26 -9.74 -8.29
N GLY A 200 26.36 -7.98 -14.39
CA GLY A 200 26.52 -6.62 -14.89
C GLY A 200 26.43 -6.47 -16.40
N LEU A 201 26.80 -5.28 -16.87
CA LEU A 201 26.79 -4.96 -18.29
C LEU A 201 27.89 -5.78 -18.98
N TYR A 202 27.59 -6.34 -20.14
CA TYR A 202 28.60 -7.10 -20.85
C TYR A 202 29.45 -6.21 -21.74
N GLN A 203 30.38 -5.49 -21.12
CA GLN A 203 31.26 -4.58 -21.84
C GLN A 203 32.51 -4.30 -20.99
N LYS A 204 33.61 -3.95 -21.64
CA LYS A 204 34.85 -3.60 -20.96
C LYS A 204 34.56 -2.32 -20.18
N ARG A 205 35.37 -2.00 -19.17
CA ARG A 205 35.14 -0.79 -18.40
C ARG A 205 35.21 0.48 -19.23
N ASP A 206 34.27 1.39 -18.95
CA ASP A 206 34.23 2.67 -19.63
C ASP A 206 35.16 3.57 -18.83
N ARG A 207 36.29 3.95 -19.42
CA ARG A 207 37.23 4.81 -18.73
C ARG A 207 37.25 6.22 -19.32
N THR A 208 36.27 6.55 -20.15
CA THR A 208 36.21 7.89 -20.72
C THR A 208 35.66 8.84 -19.67
N GLN A 209 35.40 10.08 -20.07
CA GLN A 209 34.86 11.10 -19.17
C GLN A 209 33.48 10.71 -18.65
N GLN A 210 32.82 9.79 -19.34
CA GLN A 210 31.49 9.34 -18.92
C GLN A 210 31.56 8.67 -17.55
N TYR A 211 32.68 8.04 -17.25
CA TYR A 211 32.85 7.39 -15.97
C TYR A 211 32.77 8.47 -14.89
N ASP A 212 33.65 9.47 -14.97
CA ASP A 212 33.65 10.55 -13.98
C ASP A 212 32.32 11.26 -13.90
N ASP A 213 31.64 11.45 -15.03
CA ASP A 213 30.34 12.13 -15.03
C ASP A 213 29.35 11.30 -14.21
N LEU A 214 29.36 10.00 -14.42
CA LEU A 214 28.45 9.11 -13.71
C LEU A 214 28.69 9.20 -12.20
N ILE A 215 29.95 9.17 -11.78
CA ILE A 215 30.24 9.26 -10.35
C ILE A 215 29.73 10.60 -9.80
N ASP A 216 29.93 11.67 -10.57
CA ASP A 216 29.47 13.00 -10.17
C ASP A 216 27.96 12.98 -10.02
N GLU A 217 27.28 12.39 -11.01
CA GLU A 217 25.82 12.33 -10.98
C GLU A 217 25.38 11.61 -9.72
N PHE A 218 26.09 10.53 -9.40
CA PHE A 218 25.80 9.72 -8.23
C PHE A 218 25.93 10.50 -6.93
N MSE A 219 27.06 11.17 -6.74
CA MSE A 219 27.29 11.93 -5.52
C MSE A 219 26.21 12.99 -5.32
O MSE A 219 25.75 13.20 -4.20
CB MSE A 219 28.66 12.61 -5.55
CG MSE A 219 29.86 11.67 -5.64
SE MSE A 219 30.05 10.48 -4.13
CE MSE A 219 31.01 11.63 -2.89
N LYS A 220 25.83 13.65 -6.40
CA LYS A 220 24.82 14.70 -6.34
C LYS A 220 23.44 14.14 -6.00
N ALA A 221 23.07 13.05 -6.68
CA ALA A 221 21.77 12.43 -6.47
C ALA A 221 21.60 11.88 -5.06
N ILE A 222 22.63 11.24 -4.53
CA ILE A 222 22.55 10.69 -3.19
C ILE A 222 22.38 11.83 -2.19
N THR A 223 23.18 12.88 -2.30
CA THR A 223 23.07 13.99 -1.36
C THR A 223 21.79 14.78 -1.60
N ASP A 224 21.38 14.92 -2.86
CA ASP A 224 20.15 15.64 -3.14
C ASP A 224 18.99 15.02 -2.37
N ARG A 225 18.87 13.70 -2.43
CA ARG A 225 17.78 13.04 -1.74
C ARG A 225 17.96 12.87 -0.23
N TYR A 226 19.14 12.49 0.21
CA TYR A 226 19.38 12.23 1.63
C TYR A 226 20.12 13.28 2.48
N GLY A 227 20.72 14.27 1.85
CA GLY A 227 21.42 15.28 2.64
C GLY A 227 22.91 15.36 2.37
N ARG A 228 23.44 16.57 2.34
CA ARG A 228 24.85 16.81 2.07
C ARG A 228 25.81 16.16 3.08
N ASN A 229 25.36 15.89 4.30
CA ASN A 229 26.26 15.27 5.26
C ASN A 229 26.15 13.76 5.26
N THR A 230 25.46 13.21 4.25
CA THR A 230 25.33 11.76 4.12
C THR A 230 26.73 11.17 3.97
N LEU A 231 27.08 10.23 4.85
CA LEU A 231 28.39 9.61 4.82
C LEU A 231 28.55 8.73 3.57
N ILE A 232 29.57 9.01 2.76
CA ILE A 232 29.82 8.23 1.55
C ILE A 232 31.18 7.54 1.67
N GLN A 233 31.17 6.22 1.82
CA GLN A 233 32.42 5.46 1.93
C GLN A 233 32.79 4.77 0.64
N PHE A 234 33.92 5.18 0.06
CA PHE A 234 34.39 4.55 -1.17
C PHE A 234 35.10 3.25 -0.79
N GLU A 235 34.80 2.18 -1.51
CA GLU A 235 35.42 0.90 -1.21
C GLU A 235 35.79 0.10 -2.45
N ASP A 236 37.01 -0.41 -2.46
CA ASP A 236 37.51 -1.23 -3.57
C ASP A 236 37.44 -0.65 -4.99
N PHE A 237 37.81 0.63 -5.12
CA PHE A 237 37.86 1.23 -6.44
C PHE A 237 39.29 0.99 -6.89
N GLY A 238 39.56 1.18 -8.18
CA GLY A 238 40.91 1.00 -8.69
C GLY A 238 41.83 2.08 -8.15
N ASN A 239 43.12 1.81 -8.16
CA ASN A 239 44.12 2.74 -7.63
C ASN A 239 44.02 4.19 -8.12
N HIS A 240 44.03 4.41 -9.44
CA HIS A 240 43.95 5.78 -9.94
C HIS A 240 42.71 6.49 -9.41
N ASN A 241 41.55 5.87 -9.61
CA ASN A 241 40.27 6.42 -9.19
C ASN A 241 40.10 6.65 -7.68
N ALA A 242 40.65 5.76 -6.86
CA ALA A 242 40.53 5.87 -5.41
C ALA A 242 41.02 7.23 -4.91
N PHE A 243 42.28 7.55 -5.23
CA PHE A 243 42.86 8.81 -4.80
C PHE A 243 42.20 10.04 -5.41
N ARG A 244 42.08 10.08 -6.73
CA ARG A 244 41.51 11.26 -7.36
C ARG A 244 40.09 11.56 -6.89
N PHE A 245 39.30 10.53 -6.61
CA PHE A 245 37.94 10.76 -6.12
C PHE A 245 37.96 11.25 -4.69
N LEU A 246 38.87 10.71 -3.89
CA LEU A 246 38.97 11.14 -2.49
C LEU A 246 39.36 12.62 -2.45
N ARG A 247 40.35 13.00 -3.26
CA ARG A 247 40.82 14.36 -3.30
C ARG A 247 39.77 15.30 -3.88
N LYS A 248 39.04 14.83 -4.87
CA LYS A 248 38.02 15.62 -5.52
C LYS A 248 36.78 15.89 -4.67
N TYR A 249 36.39 14.93 -3.84
CA TYR A 249 35.18 15.04 -3.04
C TYR A 249 35.27 15.29 -1.52
N ARG A 250 36.37 14.92 -0.90
CA ARG A 250 36.50 15.07 0.55
C ARG A 250 36.21 16.45 1.15
N GLU A 251 36.27 17.50 0.34
CA GLU A 251 36.00 18.85 0.84
C GLU A 251 34.65 19.36 0.37
N LYS A 252 33.92 18.53 -0.37
CA LYS A 252 32.62 18.92 -0.89
C LYS A 252 31.52 18.05 -0.30
N TYR A 253 31.88 16.82 0.05
CA TYR A 253 30.94 15.87 0.62
C TYR A 253 31.53 15.24 1.88
N CYS A 254 30.70 14.52 2.62
CA CYS A 254 31.17 13.83 3.81
C CYS A 254 31.60 12.48 3.27
N THR A 255 32.87 12.35 2.93
CA THR A 255 33.35 11.12 2.31
C THR A 255 34.78 10.75 2.65
N PHE A 256 35.08 9.46 2.53
CA PHE A 256 36.42 8.97 2.78
C PHE A 256 36.57 7.65 2.06
N ASN A 257 37.80 7.21 1.87
CA ASN A 257 38.07 5.94 1.20
C ASN A 257 38.58 4.96 2.25
N ASP A 258 37.81 3.90 2.50
CA ASP A 258 38.18 2.92 3.51
C ASP A 258 39.54 2.26 3.28
N ASP A 259 39.85 1.96 2.02
CA ASP A 259 41.11 1.31 1.66
C ASP A 259 42.33 2.15 1.94
N ILE A 260 42.21 3.45 1.71
CA ILE A 260 43.31 4.36 1.92
C ILE A 260 43.41 4.81 3.37
N GLN A 261 42.33 5.40 3.89
CA GLN A 261 42.28 5.94 5.24
C GLN A 261 41.96 4.97 6.40
N GLY A 262 41.04 4.03 6.18
CA GLY A 262 40.71 3.08 7.22
C GLY A 262 41.86 2.14 7.53
N THR A 263 42.52 1.67 6.48
CA THR A 263 43.66 0.76 6.62
C THR A 263 44.80 1.47 7.30
N ALA A 264 44.96 2.74 6.94
CA ALA A 264 46.00 3.58 7.50
C ALA A 264 45.92 3.55 9.02
N ALA A 265 44.71 3.77 9.54
CA ALA A 265 44.46 3.81 10.98
C ALA A 265 44.67 2.49 11.70
N VAL A 266 44.25 1.38 11.11
CA VAL A 266 44.40 0.09 11.78
C VAL A 266 45.87 -0.32 11.82
N ALA A 267 46.58 -0.12 10.71
CA ALA A 267 48.00 -0.46 10.66
C ALA A 267 48.77 0.38 11.67
N LEU A 268 48.56 1.69 11.66
CA LEU A 268 49.23 2.58 12.60
C LEU A 268 48.94 2.10 14.03
N ALA A 269 47.68 1.80 14.31
CA ALA A 269 47.29 1.32 15.63
C ALA A 269 48.11 0.10 16.02
N GLY A 270 48.48 -0.71 15.03
CA GLY A 270 49.27 -1.91 15.29
C GLY A 270 50.70 -1.57 15.64
N LEU A 271 51.27 -0.61 14.92
CA LEU A 271 52.64 -0.17 15.16
C LEU A 271 52.72 0.51 16.53
N LEU A 272 51.69 1.29 16.86
CA LEU A 272 51.65 1.97 18.15
C LEU A 272 51.59 0.96 19.28
N ALA A 273 50.99 -0.19 19.01
CA ALA A 273 50.90 -1.25 20.02
C ALA A 273 52.25 -1.94 20.10
N ALA A 274 52.95 -2.01 18.96
CA ALA A 274 54.25 -2.65 18.89
C ALA A 274 55.33 -1.86 19.62
N GLN A 275 55.15 -0.56 19.76
CA GLN A 275 56.14 0.25 20.46
C GLN A 275 56.09 -0.07 21.95
N LYS A 276 54.92 -0.49 22.42
CA LYS A 276 54.76 -0.83 23.83
C LYS A 276 55.61 -2.04 24.18
N VAL A 277 56.09 -2.74 23.16
CA VAL A 277 56.91 -3.92 23.38
C VAL A 277 58.34 -3.73 22.85
N ILE A 278 58.52 -2.71 22.01
CA ILE A 278 59.83 -2.42 21.43
C ILE A 278 60.53 -1.27 22.15
N SER A 279 59.83 -0.16 22.32
CA SER A 279 60.36 1.04 22.98
C SER A 279 61.40 1.75 22.11
N LYS A 280 62.00 1.01 21.18
CA LYS A 280 63.03 1.52 20.27
C LYS A 280 62.77 2.94 19.78
N PRO A 281 63.86 3.73 19.61
CA PRO A 281 63.78 5.12 19.14
C PRO A 281 63.27 5.24 17.70
N ILE A 282 62.42 6.23 17.46
CA ILE A 282 61.86 6.46 16.13
C ILE A 282 63.01 6.65 15.15
N SER A 283 64.17 7.03 15.67
CA SER A 283 65.37 7.25 14.86
C SER A 283 65.92 5.94 14.34
N GLU A 284 65.46 4.83 14.91
CA GLU A 284 65.89 3.50 14.49
C GLU A 284 64.75 2.76 13.78
N HIS A 285 63.65 3.46 13.55
CA HIS A 285 62.50 2.87 12.87
C HIS A 285 62.53 3.09 11.36
N LYS A 286 62.77 2.01 10.61
CA LYS A 286 62.81 2.09 9.14
C LYS A 286 61.74 1.14 8.60
N ILE A 287 60.74 1.68 7.91
CA ILE A 287 59.66 0.87 7.37
C ILE A 287 59.80 0.63 5.88
N LEU A 288 59.53 -0.61 5.47
CA LEU A 288 59.60 -1.00 4.08
C LEU A 288 58.27 -1.65 3.68
N PHE A 289 57.60 -1.05 2.70
CA PHE A 289 56.32 -1.54 2.20
C PHE A 289 56.46 -2.46 0.99
N LEU A 290 55.70 -3.55 0.98
CA LEU A 290 55.66 -4.42 -0.18
C LEU A 290 54.38 -3.89 -0.81
N GLY A 291 54.51 -3.17 -1.92
CA GLY A 291 53.35 -2.56 -2.55
C GLY A 291 53.40 -1.06 -2.27
N ALA A 292 52.89 -0.25 -3.19
CA ALA A 292 52.90 1.20 -3.04
C ALA A 292 51.61 1.81 -3.59
N GLY A 293 50.49 1.17 -3.30
CA GLY A 293 49.21 1.64 -3.79
C GLY A 293 48.34 2.30 -2.73
N GLU A 294 47.03 2.15 -2.88
CA GLU A 294 46.05 2.72 -1.96
C GLU A 294 46.37 2.49 -0.47
N ALA A 295 46.47 1.23 -0.07
CA ALA A 295 46.75 0.92 1.32
C ALA A 295 48.12 1.41 1.78
N ALA A 296 49.15 1.15 0.98
CA ALA A 296 50.51 1.55 1.32
C ALA A 296 50.64 3.06 1.54
N LEU A 297 50.16 3.84 0.57
CA LEU A 297 50.26 5.29 0.65
C LEU A 297 49.41 5.83 1.79
N GLY A 298 48.21 5.31 1.97
CA GLY A 298 47.39 5.77 3.07
C GLY A 298 48.10 5.55 4.38
N ILE A 299 48.63 4.36 4.59
CA ILE A 299 49.34 4.00 5.82
C ILE A 299 50.60 4.86 6.00
N ALA A 300 51.39 4.97 4.94
CA ALA A 300 52.61 5.77 5.01
C ALA A 300 52.30 7.19 5.44
N ASN A 301 51.30 7.80 4.82
CA ASN A 301 50.94 9.17 5.17
C ASN A 301 50.48 9.31 6.61
N LEU A 302 49.73 8.34 7.12
CA LEU A 302 49.26 8.41 8.51
C LEU A 302 50.41 8.20 9.49
N ILE A 303 51.34 7.30 9.15
CA ILE A 303 52.49 7.06 10.01
C ILE A 303 53.28 8.36 10.12
N VAL A 304 53.47 9.04 8.99
CA VAL A 304 54.19 10.30 8.97
C VAL A 304 53.54 11.31 9.90
N MSE A 305 52.21 11.44 9.82
CA MSE A 305 51.48 12.37 10.68
C MSE A 305 51.76 12.08 12.14
O MSE A 305 51.95 13.01 12.93
CB MSE A 305 49.98 12.28 10.42
CG MSE A 305 49.56 12.91 9.10
SE MSE A 305 47.63 12.92 8.90
CE MSE A 305 47.12 13.58 10.64
N SER A 306 51.79 10.81 12.51
CA SER A 306 52.06 10.42 13.90
C SER A 306 53.46 10.85 14.32
N MSE A 307 54.44 10.67 13.45
CA MSE A 307 55.81 11.05 13.74
C MSE A 307 55.94 12.56 13.88
O MSE A 307 56.58 13.05 14.82
CB MSE A 307 56.76 10.54 12.66
CG MSE A 307 56.86 9.03 12.62
SE MSE A 307 58.14 8.40 11.32
CE MSE A 307 57.02 8.41 9.74
N VAL A 308 55.36 13.30 12.95
CA VAL A 308 55.40 14.75 12.98
C VAL A 308 54.76 15.21 14.29
N GLU A 309 53.65 14.58 14.65
CA GLU A 309 52.94 14.92 15.88
C GLU A 309 53.86 14.73 17.09
N ASN A 310 54.79 13.79 16.98
CA ASN A 310 55.71 13.52 18.08
C ASN A 310 57.10 14.11 17.93
N GLY A 311 57.23 15.19 17.16
CA GLY A 311 58.53 15.81 17.01
C GLY A 311 59.11 15.99 15.62
N LEU A 312 59.50 14.88 14.98
CA LEU A 312 60.09 14.92 13.65
C LEU A 312 59.37 15.79 12.65
N SER A 313 60.10 16.30 11.66
CA SER A 313 59.50 17.11 10.61
C SER A 313 58.93 16.14 9.59
N GLU A 314 58.19 16.64 8.61
CA GLU A 314 57.61 15.77 7.60
C GLU A 314 58.73 15.09 6.82
N GLN A 315 59.64 15.89 6.27
CA GLN A 315 60.76 15.39 5.49
C GLN A 315 61.51 14.24 6.17
N GLU A 316 61.98 14.43 7.39
CA GLU A 316 62.71 13.39 8.08
C GLU A 316 61.89 12.13 8.33
N ALA A 317 60.60 12.29 8.63
CA ALA A 317 59.74 11.13 8.86
C ALA A 317 59.60 10.34 7.55
N GLN A 318 59.30 11.04 6.46
CA GLN A 318 59.12 10.41 5.16
C GLN A 318 60.39 9.67 4.71
N LYS A 319 61.54 10.12 5.19
CA LYS A 319 62.81 9.49 4.84
C LYS A 319 62.93 8.10 5.42
N LYS A 320 62.19 7.80 6.48
CA LYS A 320 62.24 6.50 7.13
C LYS A 320 61.32 5.47 6.47
N ILE A 321 60.72 5.85 5.35
CA ILE A 321 59.79 4.96 4.66
C ILE A 321 60.19 4.63 3.22
N TRP A 322 60.30 3.35 2.92
CA TRP A 322 60.65 2.90 1.57
C TRP A 322 59.53 2.04 0.99
N MSE A 323 59.42 1.98 -0.34
CA MSE A 323 58.39 1.18 -0.97
C MSE A 323 58.96 0.34 -2.12
O MSE A 323 59.86 0.78 -2.83
CB MSE A 323 57.25 2.08 -1.46
CG MSE A 323 56.66 2.96 -0.36
SE MSE A 323 55.00 3.83 -0.85
CE MSE A 323 54.32 4.23 0.91
N PHE A 324 58.39 -0.85 -2.30
CA PHE A 324 58.81 -1.79 -3.34
C PHE A 324 57.53 -2.34 -3.97
N ASP A 325 57.23 -1.95 -5.21
CA ASP A 325 56.03 -2.43 -5.87
C ASP A 325 56.33 -3.50 -6.92
N LYS A 326 55.39 -3.79 -7.82
CA LYS A 326 55.62 -4.83 -8.81
C LYS A 326 56.80 -4.58 -9.76
N TYR A 327 57.35 -3.38 -9.74
CA TYR A 327 58.50 -3.08 -10.60
C TYR A 327 59.78 -2.99 -9.79
N GLY A 328 59.65 -3.04 -8.46
CA GLY A 328 60.83 -2.96 -7.62
C GLY A 328 60.84 -1.76 -6.70
N LEU A 329 62.00 -1.48 -6.13
CA LEU A 329 62.15 -0.36 -5.20
C LEU A 329 61.83 0.97 -5.86
N LEU A 330 61.10 1.83 -5.18
CA LEU A 330 60.77 3.13 -5.75
C LEU A 330 61.96 4.06 -5.48
N VAL A 331 62.79 4.25 -6.50
CA VAL A 331 63.95 5.13 -6.39
C VAL A 331 63.79 6.21 -7.45
N LYS A 332 64.28 7.41 -7.17
CA LYS A 332 64.16 8.50 -8.13
C LYS A 332 64.77 8.15 -9.49
N GLY A 333 64.05 8.47 -10.55
CA GLY A 333 64.55 8.20 -11.89
C GLY A 333 64.38 6.78 -12.41
N ARG A 334 63.87 5.88 -11.59
CA ARG A 334 63.68 4.49 -12.05
C ARG A 334 62.83 4.53 -13.31
N LYS A 335 62.87 3.45 -14.08
CA LYS A 335 62.09 3.38 -15.31
C LYS A 335 60.59 3.35 -15.03
N ALA A 336 60.18 2.63 -14.00
CA ALA A 336 58.76 2.53 -13.66
C ALA A 336 58.19 3.85 -13.17
N LYS A 337 56.95 4.14 -13.54
CA LYS A 337 56.31 5.38 -13.14
C LYS A 337 56.28 5.61 -11.62
N ILE A 338 56.20 6.88 -11.24
CA ILE A 338 56.15 7.30 -9.84
C ILE A 338 55.11 8.42 -9.80
N ASP A 339 53.97 8.18 -9.14
CA ASP A 339 52.92 9.18 -9.07
C ASP A 339 53.13 10.21 -7.96
N SER A 340 52.36 11.29 -7.99
CA SER A 340 52.48 12.36 -7.00
C SER A 340 52.44 11.88 -5.56
N TYR A 341 51.58 10.91 -5.25
CA TYR A 341 51.49 10.41 -3.88
C TYR A 341 52.72 9.60 -3.47
N GLN A 342 53.34 8.92 -4.43
CA GLN A 342 54.51 8.09 -4.13
C GLN A 342 55.80 8.90 -4.01
N GLU A 343 55.88 9.99 -4.75
CA GLU A 343 57.07 10.85 -4.76
C GLU A 343 57.69 11.11 -3.38
N PRO A 344 56.87 11.48 -2.37
CA PRO A 344 57.45 11.73 -1.04
C PRO A 344 58.17 10.53 -0.43
N PHE A 345 57.87 9.32 -0.91
CA PHE A 345 58.51 8.11 -0.38
C PHE A 345 59.46 7.46 -1.38
N THR A 346 59.78 8.19 -2.44
CA THR A 346 60.70 7.72 -3.47
C THR A 346 62.03 8.44 -3.24
N HIS A 347 63.03 7.69 -2.78
CA HIS A 347 64.34 8.26 -2.47
C HIS A 347 65.43 8.00 -3.50
N SER A 348 66.60 8.59 -3.29
CA SER A 348 67.72 8.39 -4.19
C SER A 348 68.14 6.93 -4.13
N ALA A 349 68.36 6.32 -5.29
CA ALA A 349 68.76 4.93 -5.36
C ALA A 349 69.91 4.63 -4.42
N PRO A 350 69.79 3.59 -3.60
CA PRO A 350 70.84 3.22 -2.65
C PRO A 350 72.13 2.80 -3.36
N GLU A 351 73.13 2.41 -2.60
CA GLU A 351 74.41 1.96 -3.18
C GLU A 351 74.12 0.96 -4.28
N SER A 352 73.41 -0.11 -3.93
CA SER A 352 73.05 -1.14 -4.89
C SER A 352 71.52 -1.26 -4.91
N ILE A 353 70.93 -1.30 -6.10
CA ILE A 353 69.49 -1.40 -6.20
C ILE A 353 69.06 -2.85 -6.02
N PRO A 354 68.23 -3.13 -5.02
CA PRO A 354 67.75 -4.49 -4.75
C PRO A 354 66.88 -5.03 -5.88
N ASP A 355 67.12 -6.28 -6.27
CA ASP A 355 66.36 -6.89 -7.35
C ASP A 355 65.07 -7.51 -6.80
N THR A 356 65.16 -8.15 -5.65
CA THR A 356 64.01 -8.79 -5.03
C THR A 356 63.67 -8.15 -3.69
N PHE A 357 62.49 -8.44 -3.16
CA PHE A 357 62.13 -7.86 -1.88
C PHE A 357 63.12 -8.35 -0.83
N GLU A 358 63.65 -9.56 -1.00
CA GLU A 358 64.62 -10.10 -0.06
C GLU A 358 65.87 -9.22 -0.05
N ASP A 359 66.34 -8.83 -1.24
CA ASP A 359 67.52 -7.98 -1.33
C ASP A 359 67.24 -6.63 -0.66
N ALA A 360 66.03 -6.11 -0.88
CA ALA A 360 65.64 -4.83 -0.32
C ALA A 360 65.72 -4.88 1.19
N VAL A 361 65.31 -6.01 1.76
CA VAL A 361 65.35 -6.18 3.21
C VAL A 361 66.81 -6.23 3.69
N ASN A 362 67.66 -6.93 2.94
CA ASN A 362 69.06 -7.05 3.33
C ASN A 362 69.82 -5.74 3.15
N ILE A 363 69.54 -5.02 2.08
CA ILE A 363 70.21 -3.76 1.79
C ILE A 363 69.72 -2.59 2.66
N LEU A 364 68.40 -2.45 2.78
CA LEU A 364 67.80 -1.38 3.57
C LEU A 364 67.73 -1.71 5.06
N LYS A 365 67.69 -2.99 5.40
CA LYS A 365 67.61 -3.43 6.79
C LYS A 365 66.47 -2.78 7.58
N PRO A 366 65.23 -2.87 7.08
CA PRO A 366 64.11 -2.28 7.82
C PRO A 366 63.87 -2.99 9.15
N SER A 367 63.10 -2.36 10.03
CA SER A 367 62.77 -2.96 11.31
C SER A 367 61.31 -3.36 11.22
N THR A 368 60.66 -2.90 10.16
CA THR A 368 59.25 -3.18 9.92
C THR A 368 58.98 -3.36 8.43
N ILE A 369 58.25 -4.41 8.07
CA ILE A 369 57.85 -4.62 6.69
C ILE A 369 56.34 -4.75 6.72
N ILE A 370 55.66 -4.10 5.78
CA ILE A 370 54.21 -4.12 5.72
C ILE A 370 53.79 -4.55 4.33
N GLY A 371 53.02 -5.63 4.24
CA GLY A 371 52.60 -6.13 2.96
C GLY A 371 51.18 -5.75 2.59
N VAL A 372 51.06 -5.02 1.49
CA VAL A 372 49.78 -4.58 0.96
C VAL A 372 49.88 -4.63 -0.57
N ALA A 373 50.30 -5.78 -1.08
CA ALA A 373 50.46 -5.96 -2.52
C ALA A 373 49.37 -6.83 -3.12
N GLY A 374 48.67 -7.58 -2.26
CA GLY A 374 47.60 -8.44 -2.73
C GLY A 374 48.04 -9.40 -3.81
N ALA A 375 49.32 -9.81 -3.78
CA ALA A 375 49.86 -10.70 -4.81
C ALA A 375 50.29 -12.09 -4.34
N GLY A 376 49.96 -12.46 -3.10
CA GLY A 376 50.35 -13.78 -2.65
C GLY A 376 51.48 -13.77 -1.64
N ARG A 377 52.04 -14.96 -1.41
CA ARG A 377 53.11 -15.18 -0.43
C ARG A 377 54.48 -14.56 -0.74
N LEU A 378 54.54 -13.24 -0.88
CA LEU A 378 55.80 -12.57 -1.18
C LEU A 378 56.73 -12.47 0.03
N PHE A 379 56.21 -12.62 1.23
CA PHE A 379 57.07 -12.61 2.41
C PHE A 379 57.51 -14.05 2.59
N THR A 380 58.49 -14.45 1.77
CA THR A 380 59.02 -15.81 1.75
C THR A 380 59.80 -16.18 3.02
N PRO A 381 60.06 -17.48 3.22
CA PRO A 381 60.81 -17.91 4.39
C PRO A 381 62.12 -17.13 4.51
N ASP A 382 62.81 -16.93 3.39
CA ASP A 382 64.06 -16.18 3.39
C ASP A 382 63.82 -14.73 3.81
N VAL A 383 62.76 -14.13 3.31
CA VAL A 383 62.43 -12.76 3.68
C VAL A 383 62.23 -12.72 5.19
N ILE A 384 61.42 -13.64 5.70
CA ILE A 384 61.16 -13.68 7.13
C ILE A 384 62.44 -13.94 7.92
N ARG A 385 63.30 -14.83 7.43
CA ARG A 385 64.55 -15.12 8.12
C ARG A 385 65.45 -13.89 8.19
N ALA A 386 65.51 -13.14 7.10
CA ALA A 386 66.33 -11.95 7.05
C ALA A 386 65.88 -10.97 8.13
N MSE A 387 64.57 -10.78 8.25
CA MSE A 387 64.04 -9.87 9.25
C MSE A 387 64.38 -10.33 10.67
O MSE A 387 64.52 -9.50 11.57
CB MSE A 387 62.52 -9.73 9.09
CG MSE A 387 62.12 -8.95 7.85
SE MSE A 387 62.48 -7.04 8.04
CE MSE A 387 64.42 -7.03 8.03
N ALA A 388 64.49 -11.64 10.86
CA ALA A 388 64.81 -12.19 12.17
C ALA A 388 66.30 -12.01 12.47
N SER A 389 67.13 -12.02 11.43
CA SER A 389 68.56 -11.85 11.63
C SER A 389 68.93 -10.37 11.77
N ILE A 390 68.16 -9.50 11.13
CA ILE A 390 68.40 -8.07 11.18
C ILE A 390 67.81 -7.40 12.41
N ASN A 391 66.67 -7.90 12.89
CA ASN A 391 66.01 -7.30 14.03
C ASN A 391 65.76 -8.31 15.15
N GLU A 392 65.79 -7.84 16.40
CA GLU A 392 65.54 -8.72 17.54
C GLU A 392 64.05 -9.07 17.55
N ARG A 393 63.22 -8.03 17.41
CA ARG A 393 61.77 -8.21 17.37
C ARG A 393 61.26 -7.56 16.08
N PRO A 394 61.42 -8.25 14.93
CA PRO A 394 60.96 -7.67 13.67
C PRO A 394 59.45 -7.48 13.61
N VAL A 395 59.00 -6.36 13.05
CA VAL A 395 57.57 -6.14 12.92
C VAL A 395 57.16 -6.61 11.54
N ILE A 396 56.22 -7.54 11.48
CA ILE A 396 55.77 -8.08 10.20
C ILE A 396 54.26 -8.03 10.04
N PHE A 397 53.79 -7.18 9.14
CA PHE A 397 52.36 -7.04 8.86
C PHE A 397 52.09 -7.55 7.45
N ALA A 398 51.35 -8.65 7.35
CA ALA A 398 50.99 -9.23 6.05
C ALA A 398 49.49 -8.92 5.96
N LEU A 399 49.17 -7.74 5.43
CA LEU A 399 47.77 -7.29 5.40
C LEU A 399 46.90 -7.54 4.17
N SER A 400 47.45 -8.17 3.14
CA SER A 400 46.65 -8.42 1.94
C SER A 400 45.54 -9.45 2.16
N ASN A 401 44.40 -9.22 1.51
CA ASN A 401 43.25 -10.12 1.60
C ASN A 401 42.83 -10.57 0.21
N PRO A 402 42.17 -11.74 0.10
CA PRO A 402 41.84 -12.62 1.22
C PRO A 402 43.07 -13.47 1.59
N THR A 403 42.88 -14.45 2.47
CA THR A 403 43.99 -15.30 2.91
C THR A 403 44.96 -15.81 1.83
N ALA A 404 44.44 -16.25 0.69
CA ALA A 404 45.31 -16.75 -0.37
C ALA A 404 46.27 -15.68 -0.92
N GLN A 405 45.88 -14.41 -0.80
CA GLN A 405 46.72 -13.32 -1.29
C GLN A 405 47.62 -12.76 -0.20
N ALA A 406 47.50 -13.28 1.02
CA ALA A 406 48.30 -12.82 2.14
C ALA A 406 49.78 -13.04 1.83
N GLU A 407 50.63 -12.13 2.30
CA GLU A 407 52.07 -12.20 2.08
C GLU A 407 52.72 -13.40 2.79
N CYS A 408 52.13 -13.81 3.91
CA CYS A 408 52.62 -14.99 4.65
C CYS A 408 51.58 -15.34 5.72
N THR A 409 51.75 -16.49 6.36
CA THR A 409 50.80 -16.91 7.39
C THR A 409 51.39 -16.64 8.76
N ALA A 410 50.56 -16.78 9.80
CA ALA A 410 51.00 -16.57 11.17
C ALA A 410 52.04 -17.65 11.53
N GLU A 411 51.77 -18.89 11.12
CA GLU A 411 52.67 -20.01 11.38
C GLU A 411 54.08 -19.73 10.89
N GLU A 412 54.21 -19.35 9.63
CA GLU A 412 55.50 -19.04 9.03
C GLU A 412 56.20 -17.88 9.75
N ALA A 413 55.43 -16.86 10.10
CA ALA A 413 55.98 -15.70 10.79
C ALA A 413 56.60 -16.08 12.15
N TYR A 414 55.81 -16.67 13.04
CA TYR A 414 56.31 -17.03 14.36
C TYR A 414 57.34 -18.15 14.34
N THR A 415 57.13 -19.17 13.52
CA THR A 415 58.06 -20.28 13.41
C THR A 415 59.42 -19.85 12.87
N LEU A 416 59.44 -19.19 11.72
CA LEU A 416 60.68 -18.75 11.12
C LEU A 416 61.42 -17.66 11.90
N THR A 417 60.75 -17.01 12.84
CA THR A 417 61.40 -15.98 13.64
C THR A 417 61.60 -16.49 15.07
N GLU A 418 61.29 -17.76 15.30
CA GLU A 418 61.42 -18.36 16.62
C GLU A 418 60.64 -17.57 17.67
N GLY A 419 59.45 -17.11 17.29
CA GLY A 419 58.60 -16.36 18.19
C GLY A 419 59.03 -14.95 18.54
N ARG A 420 59.96 -14.38 17.78
CA ARG A 420 60.43 -13.02 18.06
C ARG A 420 59.73 -11.91 17.27
N CYS A 421 58.89 -12.27 16.32
CA CYS A 421 58.22 -11.24 15.52
C CYS A 421 56.92 -10.74 16.13
N LEU A 422 56.54 -9.53 15.74
CA LEU A 422 55.30 -8.91 16.17
C LEU A 422 54.50 -9.01 14.86
N PHE A 423 53.53 -9.92 14.83
CA PHE A 423 52.76 -10.18 13.62
C PHE A 423 51.30 -9.72 13.65
N ALA A 424 50.78 -9.41 12.47
CA ALA A 424 49.40 -8.98 12.27
C ALA A 424 49.07 -9.29 10.82
N SER A 425 47.82 -9.69 10.55
CA SER A 425 47.43 -10.01 9.18
C SER A 425 46.08 -9.41 8.85
N GLY A 426 45.79 -9.26 7.56
CA GLY A 426 44.52 -8.71 7.13
C GLY A 426 43.41 -9.73 7.32
N SER A 427 43.70 -10.99 6.98
CA SER A 427 42.73 -12.05 7.14
C SER A 427 43.07 -12.92 8.37
N PRO A 428 42.07 -13.59 8.97
CA PRO A 428 42.28 -14.42 10.16
C PRO A 428 43.13 -15.69 10.09
N PHE A 429 43.90 -15.92 11.15
CA PHE A 429 44.76 -17.09 11.32
C PHE A 429 44.58 -17.48 12.79
N GLY A 430 44.58 -18.78 13.08
CA GLY A 430 44.44 -19.22 14.45
C GLY A 430 45.73 -19.08 15.24
N PRO A 431 45.72 -19.48 16.52
CA PRO A 431 46.92 -19.39 17.36
C PRO A 431 48.03 -20.29 16.85
N VAL A 432 49.28 -19.91 17.11
CA VAL A 432 50.43 -20.68 16.69
C VAL A 432 51.17 -21.22 17.92
N LYS A 433 51.47 -22.51 17.92
CA LYS A 433 52.17 -23.14 19.02
C LYS A 433 53.52 -23.67 18.52
N LEU A 434 54.61 -23.15 19.08
CA LEU A 434 55.94 -23.59 18.66
C LEU A 434 56.29 -24.91 19.33
N THR A 435 57.25 -25.63 18.73
CA THR A 435 57.69 -26.91 19.26
C THR A 435 58.09 -26.76 20.72
N ASP A 436 58.69 -25.62 21.06
CA ASP A 436 59.10 -25.37 22.43
C ASP A 436 57.90 -25.15 23.34
N GLY A 437 56.70 -25.31 22.80
CA GLY A 437 55.49 -25.14 23.60
C GLY A 437 54.90 -23.75 23.71
N ARG A 438 55.62 -22.72 23.27
CA ARG A 438 55.11 -21.35 23.34
C ARG A 438 53.91 -21.16 22.40
N VAL A 439 52.96 -20.34 22.83
CA VAL A 439 51.75 -20.07 22.05
C VAL A 439 51.58 -18.59 21.71
N PHE A 440 51.46 -18.28 20.42
CA PHE A 440 51.31 -16.91 19.96
C PHE A 440 49.94 -16.71 19.32
N THR A 441 49.22 -15.69 19.75
CA THR A 441 47.88 -15.40 19.24
C THR A 441 47.93 -14.11 18.40
N PRO A 442 47.96 -14.24 17.07
CA PRO A 442 48.02 -13.10 16.16
C PRO A 442 46.79 -12.19 16.11
N GLY A 443 47.05 -10.90 15.90
CA GLY A 443 45.97 -9.94 15.80
C GLY A 443 45.66 -9.76 14.33
N GLN A 444 44.47 -9.25 14.03
CA GLN A 444 44.07 -9.04 12.66
C GLN A 444 44.05 -7.55 12.33
N GLY A 445 45.09 -7.07 11.65
CA GLY A 445 45.13 -5.66 11.28
C GLY A 445 44.25 -5.44 10.08
N ASN A 446 42.94 -5.35 10.31
CA ASN A 446 41.98 -5.16 9.24
C ASN A 446 41.15 -3.92 9.59
N ASN A 447 40.83 -3.09 8.58
CA ASN A 447 40.09 -1.86 8.87
C ASN A 447 38.71 -2.05 9.48
N VAL A 448 38.28 -3.31 9.62
CA VAL A 448 36.98 -3.56 10.23
C VAL A 448 37.02 -3.00 11.66
N TYR A 449 38.22 -2.86 12.22
CA TYR A 449 38.38 -2.33 13.58
C TYR A 449 38.19 -0.81 13.60
N ILE A 450 38.10 -0.20 12.42
CA ILE A 450 37.97 1.24 12.39
C ILE A 450 36.78 1.90 11.71
N PHE A 451 36.46 1.54 10.47
CA PHE A 451 35.34 2.21 9.82
C PHE A 451 34.01 2.18 10.57
N PRO A 452 33.72 1.12 11.35
CA PRO A 452 32.44 1.12 12.06
C PRO A 452 32.33 2.24 13.09
N GLY A 453 33.27 2.29 14.01
CA GLY A 453 33.28 3.33 15.04
C GLY A 453 33.44 4.73 14.45
N VAL A 454 34.29 4.86 13.45
CA VAL A 454 34.49 6.16 12.82
C VAL A 454 33.21 6.63 12.15
N ALA A 455 32.54 5.73 11.44
CA ALA A 455 31.29 6.06 10.75
C ALA A 455 30.22 6.49 11.75
N LEU A 456 30.08 5.75 12.85
CA LEU A 456 29.07 6.08 13.84
C LEU A 456 29.28 7.49 14.35
N ALA A 457 30.52 7.83 14.69
CA ALA A 457 30.83 9.17 15.20
C ALA A 457 30.55 10.27 14.17
N VAL A 458 30.96 10.04 12.92
CA VAL A 458 30.73 11.04 11.88
C VAL A 458 29.23 11.23 11.66
N ILE A 459 28.48 10.15 11.71
CA ILE A 459 27.03 10.24 11.52
C ILE A 459 26.37 10.95 12.70
N LEU A 460 26.66 10.51 13.92
CA LEU A 460 26.08 11.09 15.11
C LEU A 460 26.39 12.57 15.28
N CYS A 461 27.59 12.99 14.91
CA CYS A 461 27.98 14.39 15.05
C CYS A 461 27.58 15.28 13.90
N ASN A 462 26.90 14.73 12.90
CA ASN A 462 26.50 15.52 11.74
C ASN A 462 27.73 16.18 11.12
N THR A 463 28.86 15.49 11.14
CA THR A 463 30.10 16.01 10.56
C THR A 463 29.93 16.20 9.06
N ARG A 464 30.47 17.29 8.52
CA ARG A 464 30.36 17.60 7.10
C ARG A 464 31.50 17.11 6.22
N HIS A 465 32.69 17.03 6.80
CA HIS A 465 33.87 16.60 6.06
C HIS A 465 34.80 15.86 7.01
N ILE A 466 35.50 14.85 6.51
CA ILE A 466 36.39 14.05 7.34
C ILE A 466 37.86 14.29 7.02
N SER A 467 38.61 14.78 8.00
CA SER A 467 40.02 15.06 7.80
C SER A 467 40.81 13.82 8.18
N ASP A 468 42.07 13.76 7.73
CA ASP A 468 42.91 12.60 8.04
C ASP A 468 43.18 12.52 9.54
N SER A 469 43.21 13.66 10.21
CA SER A 469 43.48 13.67 11.65
C SER A 469 42.47 12.80 12.41
N VAL A 470 41.26 12.69 11.87
CA VAL A 470 40.23 11.87 12.50
C VAL A 470 40.70 10.43 12.55
N PHE A 471 41.33 9.96 11.49
CA PHE A 471 41.81 8.59 11.44
C PHE A 471 43.00 8.39 12.36
N LEU A 472 43.75 9.47 12.58
CA LEU A 472 44.92 9.41 13.47
C LEU A 472 44.38 9.19 14.88
N GLU A 473 43.29 9.89 15.19
CA GLU A 473 42.67 9.76 16.51
C GLU A 473 42.04 8.38 16.69
N ALA A 474 41.37 7.89 15.64
CA ALA A 474 40.76 6.57 15.73
C ALA A 474 41.85 5.54 16.00
N ALA A 475 42.98 5.69 15.34
CA ALA A 475 44.10 4.77 15.51
C ALA A 475 44.54 4.73 16.97
N LYS A 476 44.68 5.91 17.57
CA LYS A 476 45.09 6.01 18.96
C LYS A 476 44.01 5.48 19.89
N ALA A 477 42.75 5.71 19.53
CA ALA A 477 41.62 5.23 20.34
C ALA A 477 41.61 3.71 20.34
N LEU A 478 41.91 3.10 19.20
CA LEU A 478 41.92 1.66 19.08
C LEU A 478 43.00 1.01 19.93
N THR A 479 44.24 1.50 19.83
CA THR A 479 45.34 0.92 20.58
C THR A 479 45.26 1.13 22.10
N SER A 480 44.69 2.25 22.53
CA SER A 480 44.57 2.52 23.96
C SER A 480 43.68 1.52 24.69
N GLN A 481 42.94 0.70 23.93
CA GLN A 481 42.07 -0.29 24.54
C GLN A 481 42.78 -1.63 24.69
N LEU A 482 43.96 -1.76 24.10
CA LEU A 482 44.70 -3.01 24.19
C LEU A 482 45.21 -3.14 25.62
N THR A 483 45.08 -4.33 26.21
CA THR A 483 45.56 -4.55 27.56
C THR A 483 46.92 -5.26 27.53
N ASP A 484 47.76 -4.95 28.50
CA ASP A 484 49.10 -5.53 28.60
C ASP A 484 49.08 -7.05 28.47
N GLU A 485 48.16 -7.71 29.16
CA GLU A 485 48.06 -9.16 29.10
C GLU A 485 47.86 -9.64 27.67
N GLU A 486 46.89 -9.04 26.97
CA GLU A 486 46.59 -9.41 25.59
C GLU A 486 47.83 -9.17 24.73
N LEU A 487 48.53 -8.09 25.00
CA LEU A 487 49.74 -7.75 24.27
C LEU A 487 50.77 -8.86 24.49
N ALA A 488 50.74 -9.45 25.68
CA ALA A 488 51.65 -10.53 26.04
C ALA A 488 51.38 -11.81 25.27
N GLN A 489 50.16 -11.96 24.75
CA GLN A 489 49.82 -13.16 23.98
C GLN A 489 50.26 -13.00 22.53
N GLY A 490 50.70 -11.81 22.17
CA GLY A 490 51.12 -11.56 20.81
C GLY A 490 50.08 -10.73 20.09
N ARG A 491 49.12 -10.21 20.85
CA ARG A 491 48.04 -9.38 20.30
C ARG A 491 48.44 -7.92 20.17
N LEU A 492 48.36 -7.39 18.95
CA LEU A 492 48.68 -5.99 18.71
C LEU A 492 47.35 -5.24 18.59
N TYR A 493 46.26 -5.97 18.78
CA TYR A 493 44.92 -5.39 18.70
C TYR A 493 43.98 -6.06 19.70
N PRO A 494 42.97 -5.31 20.19
CA PRO A 494 42.01 -5.85 21.15
C PRO A 494 41.33 -7.08 20.55
N PRO A 495 40.91 -8.04 21.39
CA PRO A 495 40.24 -9.27 20.92
C PRO A 495 39.08 -8.99 19.96
N LEU A 496 39.04 -9.73 18.86
CA LEU A 496 37.99 -9.53 17.86
C LEU A 496 36.61 -9.83 18.47
N ALA A 497 36.59 -10.64 19.53
CA ALA A 497 35.34 -10.98 20.19
C ALA A 497 34.75 -9.75 20.88
N ASN A 498 35.54 -8.69 21.01
CA ASN A 498 35.07 -7.48 21.67
C ASN A 498 34.96 -6.32 20.70
N ILE A 499 34.96 -6.62 19.41
CA ILE A 499 34.88 -5.58 18.38
C ILE A 499 33.71 -4.60 18.58
N GLN A 500 32.59 -5.08 19.11
CA GLN A 500 31.44 -4.23 19.32
C GLN A 500 31.71 -3.15 20.39
N GLU A 501 32.30 -3.55 21.50
CA GLU A 501 32.61 -2.62 22.57
C GLU A 501 33.76 -1.71 22.12
N VAL A 502 34.75 -2.30 21.47
CA VAL A 502 35.89 -1.53 20.98
C VAL A 502 35.44 -0.47 19.98
N SER A 503 34.53 -0.83 19.08
CA SER A 503 34.05 0.14 18.09
C SER A 503 33.31 1.30 18.75
N ILE A 504 32.53 1.01 19.79
CA ILE A 504 31.80 2.06 20.48
C ILE A 504 32.77 3.01 21.17
N ASN A 505 33.81 2.45 21.80
CA ASN A 505 34.80 3.30 22.46
C ASN A 505 35.46 4.20 21.43
N ILE A 506 35.76 3.66 20.25
CA ILE A 506 36.37 4.47 19.21
C ILE A 506 35.40 5.59 18.82
N ALA A 507 34.12 5.24 18.67
CA ALA A 507 33.09 6.22 18.31
C ALA A 507 33.02 7.36 19.33
N ILE A 508 33.11 7.02 20.61
CA ILE A 508 33.06 8.01 21.67
C ILE A 508 34.24 8.98 21.60
N LYS A 509 35.45 8.45 21.45
CA LYS A 509 36.64 9.29 21.37
C LYS A 509 36.66 10.14 20.11
N VAL A 510 36.19 9.59 18.99
CA VAL A 510 36.14 10.35 17.77
C VAL A 510 35.12 11.47 17.91
N THR A 511 34.02 11.18 18.61
CA THR A 511 32.98 12.19 18.82
C THR A 511 33.54 13.35 19.65
N GLU A 512 34.25 13.03 20.73
CA GLU A 512 34.85 14.07 21.58
C GLU A 512 35.87 14.86 20.77
N TYR A 513 36.60 14.16 19.89
CA TYR A 513 37.60 14.81 19.05
C TYR A 513 36.92 15.72 18.03
N LEU A 514 35.83 15.26 17.42
CA LEU A 514 35.12 16.05 16.43
C LEU A 514 34.55 17.33 17.04
N TYR A 515 34.06 17.24 18.28
CA TYR A 515 33.52 18.42 18.95
C TYR A 515 34.64 19.34 19.43
N ALA A 516 35.68 18.75 20.00
CA ALA A 516 36.80 19.53 20.49
C ALA A 516 37.46 20.35 19.38
N ASN A 517 37.33 19.89 18.15
CA ASN A 517 37.93 20.59 17.01
C ASN A 517 36.93 21.29 16.12
N LYS A 518 35.71 21.49 16.62
CA LYS A 518 34.68 22.19 15.88
C LYS A 518 34.39 21.58 14.50
N MSE A 519 34.18 20.28 14.45
CA MSE A 519 33.88 19.59 13.20
C MSE A 519 32.51 18.94 13.31
O MSE A 519 31.97 18.47 12.31
CB MSE A 519 34.95 18.53 12.91
CG MSE A 519 36.36 19.08 12.86
SE MSE A 519 37.70 17.71 12.60
CE MSE A 519 38.18 18.06 10.75
N ALA A 520 31.97 18.91 14.52
CA ALA A 520 30.67 18.32 14.77
C ALA A 520 29.60 19.41 14.75
N PHE A 521 28.51 19.19 14.02
CA PHE A 521 27.46 20.18 13.94
C PHE A 521 26.13 19.76 14.54
N ARG A 522 26.16 18.67 15.31
CA ARG A 522 24.95 18.20 15.97
C ARG A 522 24.81 19.06 17.24
N TYR A 523 23.69 19.74 17.39
CA TYR A 523 23.49 20.59 18.56
C TYR A 523 22.20 20.20 19.30
N PRO A 524 22.16 20.42 20.61
CA PRO A 524 23.27 20.99 21.40
C PRO A 524 24.38 19.96 21.54
N GLU A 525 25.55 20.40 22.01
CA GLU A 525 26.65 19.46 22.19
C GLU A 525 26.39 18.62 23.42
N PRO A 526 26.40 17.29 23.29
CA PRO A 526 26.16 16.46 24.48
C PRO A 526 27.25 16.69 25.53
N GLU A 527 26.87 16.65 26.80
CA GLU A 527 27.82 16.85 27.88
C GLU A 527 28.64 15.58 28.08
N ASP A 528 27.96 14.44 28.20
CA ASP A 528 28.61 13.15 28.37
C ASP A 528 28.61 12.46 27.01
N LYS A 529 29.69 12.63 26.25
CA LYS A 529 29.80 12.04 24.92
C LYS A 529 29.59 10.53 24.94
N ALA A 530 30.00 9.90 26.03
CA ALA A 530 29.88 8.45 26.16
C ALA A 530 28.41 8.02 26.22
N LYS A 531 27.65 8.63 27.12
CA LYS A 531 26.23 8.29 27.27
C LYS A 531 25.49 8.62 25.98
N TYR A 532 25.90 9.71 25.32
CA TYR A 532 25.28 10.13 24.07
C TYR A 532 25.35 9.04 23.01
N VAL A 533 26.53 8.45 22.83
CA VAL A 533 26.71 7.40 21.85
C VAL A 533 25.99 6.11 22.22
N LYS A 534 26.20 5.64 23.45
CA LYS A 534 25.58 4.42 23.91
C LYS A 534 24.05 4.44 23.88
N GLU A 535 23.45 5.62 24.01
CA GLU A 535 22.00 5.74 23.98
C GLU A 535 21.46 5.58 22.57
N ARG A 536 22.28 5.90 21.57
CA ARG A 536 21.85 5.85 20.19
C ARG A 536 22.22 4.64 19.33
N THR A 537 22.83 3.62 19.94
CA THR A 537 23.20 2.44 19.17
C THR A 537 21.98 1.56 18.94
N TRP A 538 21.85 1.03 17.73
CA TRP A 538 20.75 0.15 17.36
C TRP A 538 20.96 -1.20 18.04
N ARG A 539 19.87 -1.81 18.49
CA ARG A 539 19.94 -3.09 19.17
C ARG A 539 19.25 -4.17 18.34
N SER A 540 19.67 -5.42 18.51
CA SER A 540 19.09 -6.52 17.76
C SER A 540 17.85 -7.13 18.41
N GLU A 541 17.56 -6.77 19.66
CA GLU A 541 16.37 -7.28 20.34
C GLU A 541 15.14 -6.75 19.62
N TYR A 542 14.07 -7.56 19.58
CA TYR A 542 12.83 -7.17 18.91
C TYR A 542 12.14 -6.00 19.60
N ASP A 543 11.50 -5.14 18.82
CA ASP A 543 10.75 -4.03 19.38
C ASP A 543 9.29 -4.39 19.30
N SER A 544 8.46 -3.77 20.14
CA SER A 544 7.04 -4.05 20.09
C SER A 544 6.53 -3.34 18.85
N LEU A 545 5.61 -3.97 18.13
CA LEU A 545 5.05 -3.35 16.93
C LEU A 545 3.60 -3.00 17.21
N LEU A 546 3.21 -3.11 18.47
CA LEU A 546 1.86 -2.82 18.89
C LEU A 546 1.50 -1.36 18.76
N PRO A 547 0.26 -1.07 18.36
CA PRO A 547 -0.16 0.33 18.22
C PRO A 547 -0.30 0.86 19.65
N ASP A 548 -0.19 2.17 19.83
CA ASP A 548 -0.29 2.77 21.16
C ASP A 548 -1.75 2.81 21.61
N VAL A 549 -2.20 1.80 22.34
CA VAL A 549 -3.58 1.75 22.83
C VAL A 549 -3.68 2.17 24.29
N TYR A 550 -4.51 3.17 24.58
CA TYR A 550 -4.66 3.65 25.94
C TYR A 550 -6.05 4.25 26.16
N GLU A 551 -6.48 4.26 27.42
CA GLU A 551 -7.80 4.80 27.74
C GLU A 551 -7.72 6.29 28.07
N TRP A 552 -8.82 7.01 27.81
CA TRP A 552 -8.92 8.45 28.09
C TRP A 552 -9.60 8.68 29.44
N PRO A 553 -9.20 9.75 30.16
CA PRO A 553 -9.77 10.10 31.47
C PRO A 553 -11.28 9.91 31.56
N ILE B 1 -1.81 -6.41 -11.28
CA ILE B 1 -1.13 -6.06 -10.04
C ILE B 1 -1.36 -4.59 -9.68
N LYS B 2 -1.57 -4.32 -8.40
CA LYS B 2 -1.78 -2.95 -7.93
C LYS B 2 -0.50 -2.40 -7.32
N GLU B 3 0.48 -3.27 -7.14
CA GLU B 3 1.76 -2.86 -6.54
C GLU B 3 2.85 -2.47 -7.54
N LYS B 4 3.80 -1.69 -7.05
CA LYS B 4 4.95 -1.24 -7.83
C LYS B 4 6.10 -1.10 -6.84
N GLY B 5 7.32 -1.04 -7.33
CA GLY B 5 8.44 -0.91 -6.42
C GLY B 5 8.82 -2.20 -5.72
N LYS B 6 9.66 -2.07 -4.70
CA LYS B 6 10.17 -3.19 -3.92
C LYS B 6 9.13 -4.26 -3.57
N PRO B 7 7.88 -3.87 -3.25
CA PRO B 7 6.91 -4.91 -2.91
C PRO B 7 6.74 -5.98 -4.00
N LEU B 8 7.00 -5.62 -5.26
CA LEU B 8 6.89 -6.60 -6.35
C LEU B 8 7.98 -7.66 -6.27
N MSE B 9 9.09 -7.30 -5.65
CA MSE B 9 10.21 -8.22 -5.51
C MSE B 9 10.13 -9.02 -4.21
O MSE B 9 10.66 -10.12 -4.15
CB MSE B 9 11.53 -7.46 -5.54
CG MSE B 9 11.88 -6.85 -6.89
SE MSE B 9 13.14 -5.41 -6.69
CE MSE B 9 14.61 -6.35 -5.85
N LEU B 10 9.45 -8.47 -3.21
CA LEU B 10 9.33 -9.15 -1.93
C LEU B 10 8.24 -10.21 -1.95
N ASN B 11 7.30 -10.09 -2.89
CA ASN B 11 6.23 -11.07 -3.02
C ASN B 11 6.62 -12.14 -4.03
N PRO B 12 6.85 -13.37 -3.57
CA PRO B 12 7.23 -14.48 -4.46
C PRO B 12 6.25 -14.69 -5.60
N ARG B 13 5.00 -14.28 -5.39
CA ARG B 13 3.98 -14.44 -6.41
C ARG B 13 4.33 -13.62 -7.66
N THR B 14 4.91 -12.44 -7.48
CA THR B 14 5.24 -11.58 -8.61
C THR B 14 6.73 -11.44 -8.93
N ASN B 15 7.60 -11.68 -7.96
CA ASN B 15 9.03 -11.53 -8.19
C ASN B 15 9.60 -12.36 -9.35
N LYS B 16 10.40 -11.70 -10.19
CA LYS B 16 11.04 -12.36 -11.33
C LYS B 16 12.56 -12.28 -11.23
N GLY B 17 13.07 -11.65 -10.19
CA GLY B 17 14.51 -11.51 -10.09
C GLY B 17 14.98 -10.73 -11.30
N MSE B 18 16.10 -11.12 -11.90
CA MSE B 18 16.63 -10.40 -13.06
C MSE B 18 15.82 -10.63 -14.35
O MSE B 18 16.20 -10.11 -15.39
CB MSE B 18 18.09 -10.75 -13.27
CG MSE B 18 18.97 -10.28 -12.15
SE MSE B 18 20.83 -10.71 -12.41
CE MSE B 18 20.99 -12.30 -11.28
N ALA B 19 14.73 -11.39 -14.26
CA ALA B 19 13.90 -11.65 -15.43
C ALA B 19 12.96 -10.47 -15.68
N PHE B 20 12.91 -9.51 -14.75
CA PHE B 20 12.10 -8.32 -14.97
C PHE B 20 12.77 -7.62 -16.15
N THR B 21 12.01 -7.32 -17.20
CA THR B 21 12.58 -6.66 -18.37
C THR B 21 12.94 -5.21 -18.06
N LEU B 22 13.75 -4.59 -18.90
CA LEU B 22 14.16 -3.21 -18.71
C LEU B 22 12.94 -2.30 -18.62
N GLN B 23 11.98 -2.49 -19.51
CA GLN B 23 10.78 -1.67 -19.53
C GLN B 23 9.96 -1.84 -18.24
N GLU B 24 9.83 -3.07 -17.75
CA GLU B 24 9.08 -3.34 -16.52
C GLU B 24 9.75 -2.67 -15.33
N ARG B 25 11.07 -2.74 -15.26
CA ARG B 25 11.79 -2.13 -14.16
C ARG B 25 11.59 -0.62 -14.14
N GLN B 26 11.73 0.03 -15.29
CA GLN B 26 11.57 1.47 -15.32
C GLN B 26 10.14 1.89 -15.01
N MSE B 27 9.17 1.25 -15.64
CA MSE B 27 7.78 1.61 -15.39
C MSE B 27 7.24 1.18 -14.03
O MSE B 27 6.31 1.80 -13.51
CB MSE B 27 6.90 1.05 -16.50
CG MSE B 27 6.90 1.89 -17.75
SE MSE B 27 5.64 1.31 -19.09
CE MSE B 27 6.81 1.18 -20.62
N LEU B 28 7.82 0.15 -13.43
CA LEU B 28 7.33 -0.33 -12.14
C LEU B 28 8.16 0.12 -10.93
N GLY B 29 9.12 1.00 -11.16
CA GLY B 29 9.97 1.50 -10.09
C GLY B 29 10.96 0.49 -9.52
N LEU B 30 11.53 -0.35 -10.38
CA LEU B 30 12.49 -1.35 -9.93
C LEU B 30 13.90 -1.03 -10.41
N GLN B 31 14.02 -0.14 -11.39
CA GLN B 31 15.32 0.23 -11.93
C GLN B 31 16.31 0.59 -10.82
N GLY B 32 17.44 -0.09 -10.79
CA GLY B 32 18.43 0.16 -9.76
C GLY B 32 18.32 -0.77 -8.58
N LEU B 33 17.16 -1.40 -8.40
CA LEU B 33 16.97 -2.33 -7.28
C LEU B 33 17.42 -3.71 -7.71
N LEU B 34 17.69 -3.87 -8.99
CA LEU B 34 18.14 -5.14 -9.56
C LEU B 34 19.46 -4.94 -10.26
N PRO B 35 20.27 -6.00 -10.41
CA PRO B 35 21.55 -5.86 -11.11
C PRO B 35 21.24 -5.46 -12.54
N PRO B 36 22.18 -4.78 -13.22
CA PRO B 36 21.98 -4.35 -14.61
C PRO B 36 21.62 -5.48 -15.57
N LYS B 37 22.06 -6.69 -15.24
CA LYS B 37 21.79 -7.87 -16.06
C LYS B 37 20.30 -8.23 -16.18
N ILE B 38 19.88 -8.55 -17.40
CA ILE B 38 18.51 -8.97 -17.67
C ILE B 38 18.64 -10.45 -18.02
N GLU B 39 17.94 -11.32 -17.29
CA GLU B 39 18.03 -12.75 -17.58
C GLU B 39 16.72 -13.33 -18.07
N THR B 40 16.81 -14.54 -18.58
CA THR B 40 15.65 -15.29 -19.05
C THR B 40 15.40 -16.33 -17.97
N GLN B 41 14.21 -16.88 -17.92
CA GLN B 41 13.90 -17.90 -16.95
C GLN B 41 14.82 -19.09 -17.21
N ASP B 42 15.25 -19.25 -18.47
CA ASP B 42 16.13 -20.35 -18.84
C ASP B 42 17.46 -20.25 -18.13
N ILE B 43 17.98 -19.03 -18.01
CA ILE B 43 19.25 -18.83 -17.32
C ILE B 43 19.06 -19.13 -15.84
N GLN B 44 17.95 -18.68 -15.29
CA GLN B 44 17.64 -18.89 -13.87
C GLN B 44 17.51 -20.36 -13.58
N ALA B 45 16.91 -21.11 -14.50
CA ALA B 45 16.75 -22.55 -14.33
C ALA B 45 18.12 -23.22 -14.28
N LEU B 46 19.02 -22.83 -15.18
CA LEU B 46 20.37 -23.39 -15.21
C LEU B 46 21.07 -23.15 -13.88
N ARG B 47 20.94 -21.94 -13.35
CA ARG B 47 21.58 -21.59 -12.07
C ARG B 47 21.14 -22.59 -11.02
N PHE B 48 19.83 -22.86 -10.97
CA PHE B 48 19.28 -23.80 -10.01
C PHE B 48 19.89 -25.20 -10.11
N HIS B 49 19.82 -25.80 -11.29
CA HIS B 49 20.34 -27.15 -11.48
C HIS B 49 21.82 -27.23 -11.16
N ARG B 50 22.55 -26.16 -11.47
CA ARG B 50 23.97 -26.09 -11.20
C ARG B 50 24.21 -26.27 -9.70
N ASN B 51 23.47 -25.53 -8.87
CA ASN B 51 23.61 -25.61 -7.41
C ASN B 51 23.08 -26.93 -6.85
N LEU B 52 21.97 -27.41 -7.39
CA LEU B 52 21.35 -28.65 -6.92
C LEU B 52 22.27 -29.84 -7.14
N LYS B 53 22.94 -29.87 -8.28
CA LYS B 53 23.86 -30.95 -8.64
C LYS B 53 24.93 -31.14 -7.57
N LYS B 54 25.38 -30.05 -6.98
CA LYS B 54 26.42 -30.10 -5.96
C LYS B 54 25.91 -30.45 -4.56
N MSE B 55 24.59 -30.48 -4.37
CA MSE B 55 24.03 -30.80 -3.06
C MSE B 55 24.08 -32.29 -2.75
O MSE B 55 23.93 -33.11 -3.66
CB MSE B 55 22.60 -30.28 -2.95
CG MSE B 55 22.48 -28.82 -3.36
SE MSE B 55 20.93 -27.94 -2.62
CE MSE B 55 21.79 -26.76 -1.39
N THR B 56 24.24 -32.62 -1.48
CA THR B 56 24.36 -34.01 -1.07
C THR B 56 23.10 -34.73 -0.57
N SER B 57 22.52 -34.27 0.53
CA SER B 57 21.34 -34.94 1.08
C SER B 57 20.01 -34.48 0.51
N PRO B 58 19.01 -35.37 0.50
CA PRO B 58 17.68 -35.03 -0.01
C PRO B 58 17.06 -33.87 0.76
N LEU B 59 17.22 -33.87 2.08
CA LEU B 59 16.66 -32.81 2.90
C LEU B 59 17.26 -31.44 2.56
N GLU B 60 18.55 -31.41 2.24
CA GLU B 60 19.16 -30.15 1.89
C GLU B 60 18.53 -29.63 0.60
N LYS B 61 18.22 -30.55 -0.32
CA LYS B 61 17.60 -30.19 -1.59
C LYS B 61 16.17 -29.70 -1.35
N TYR B 62 15.50 -30.27 -0.37
CA TYR B 62 14.13 -29.89 -0.02
C TYR B 62 14.14 -28.44 0.47
N ILE B 63 15.01 -28.15 1.41
CA ILE B 63 15.12 -26.81 1.96
C ILE B 63 15.39 -25.80 0.84
N TYR B 64 16.28 -26.16 -0.08
CA TYR B 64 16.63 -25.28 -1.17
C TYR B 64 15.47 -25.07 -2.14
N ILE B 65 14.90 -26.16 -2.64
CA ILE B 65 13.79 -26.07 -3.57
C ILE B 65 12.58 -25.36 -2.97
N MSE B 66 12.13 -25.81 -1.80
CA MSE B 66 10.97 -25.19 -1.16
C MSE B 66 11.25 -23.72 -0.85
O MSE B 66 10.31 -22.92 -0.76
CB MSE B 66 10.59 -25.96 0.12
CG MSE B 66 10.18 -27.42 -0.14
SE MSE B 66 8.81 -27.60 -1.53
CE MSE B 66 7.33 -26.72 -0.65
N GLY B 67 12.52 -23.37 -0.70
CA GLY B 67 12.87 -21.99 -0.44
C GLY B 67 12.56 -21.13 -1.66
N ILE B 68 12.77 -21.68 -2.85
CA ILE B 68 12.49 -20.95 -4.06
C ILE B 68 11.01 -20.57 -4.17
N GLN B 69 10.13 -21.40 -3.64
CA GLN B 69 8.70 -21.11 -3.68
C GLN B 69 8.38 -19.82 -2.91
N GLU B 70 9.21 -19.47 -1.94
CA GLU B 70 9.02 -18.25 -1.14
C GLU B 70 9.81 -17.06 -1.71
N ARG B 71 10.48 -17.26 -2.83
CA ARG B 71 11.26 -16.18 -3.45
C ARG B 71 10.78 -15.85 -4.85
N ASN B 72 10.53 -16.87 -5.66
CA ASN B 72 10.09 -16.69 -7.04
C ASN B 72 9.20 -17.86 -7.43
N GLU B 73 7.91 -17.70 -7.21
CA GLU B 73 6.93 -18.74 -7.51
C GLU B 73 7.02 -19.34 -8.90
N LYS B 74 7.14 -18.49 -9.91
CA LYS B 74 7.23 -18.92 -11.29
C LYS B 74 8.45 -19.80 -11.53
N LEU B 75 9.60 -19.42 -10.99
CA LEU B 75 10.81 -20.19 -11.16
C LEU B 75 10.69 -21.53 -10.44
N PHE B 76 10.02 -21.52 -9.29
CA PHE B 76 9.81 -22.72 -8.50
C PHE B 76 9.14 -23.78 -9.37
N TYR B 77 8.00 -23.44 -9.98
CA TYR B 77 7.31 -24.39 -10.81
C TYR B 77 8.03 -24.70 -12.13
N ARG B 78 8.85 -23.77 -12.62
CA ARG B 78 9.59 -24.03 -13.85
C ARG B 78 10.62 -25.10 -13.54
N ILE B 79 11.22 -25.01 -12.35
CA ILE B 79 12.22 -25.96 -11.92
C ILE B 79 11.66 -27.37 -11.71
N LEU B 80 10.46 -27.47 -11.16
CA LEU B 80 9.84 -28.77 -10.97
C LEU B 80 9.51 -29.33 -12.36
N GLN B 81 9.01 -28.45 -13.22
CA GLN B 81 8.66 -28.83 -14.58
C GLN B 81 9.87 -29.35 -15.36
N ASP B 82 11.04 -28.75 -15.18
CA ASP B 82 12.23 -29.22 -15.89
C ASP B 82 12.51 -30.71 -15.69
N ASP B 83 12.08 -31.26 -14.57
CA ASP B 83 12.31 -32.69 -14.32
C ASP B 83 11.54 -33.13 -13.09
N ILE B 84 10.24 -33.31 -13.26
CA ILE B 84 9.36 -33.71 -12.18
C ILE B 84 9.71 -35.05 -11.57
N GLU B 85 10.18 -36.00 -12.38
CA GLU B 85 10.51 -37.32 -11.87
C GLU B 85 11.69 -37.34 -10.91
N SER B 86 12.72 -36.54 -11.18
CA SER B 86 13.87 -36.53 -10.27
C SER B 86 13.62 -35.70 -9.03
N LEU B 87 12.70 -34.74 -9.10
CA LEU B 87 12.42 -33.89 -7.94
C LEU B 87 11.26 -34.38 -7.07
N MSE B 88 10.39 -35.20 -7.65
CA MSE B 88 9.25 -35.74 -6.93
C MSE B 88 9.64 -36.38 -5.59
O MSE B 88 8.95 -36.18 -4.60
CB MSE B 88 8.54 -36.78 -7.80
CG MSE B 88 7.25 -37.31 -7.21
SE MSE B 88 5.81 -36.04 -7.34
CE MSE B 88 5.20 -36.41 -9.14
N PRO B 89 10.73 -37.18 -5.55
CA PRO B 89 11.18 -37.82 -4.31
C PRO B 89 11.65 -36.84 -3.25
N ILE B 90 11.92 -35.60 -3.66
CA ILE B 90 12.40 -34.59 -2.72
C ILE B 90 11.26 -33.70 -2.17
N VAL B 91 10.38 -33.22 -3.03
CA VAL B 91 9.28 -32.37 -2.57
C VAL B 91 8.10 -33.21 -2.08
N TYR B 92 8.02 -34.45 -2.54
CA TYR B 92 6.94 -35.37 -2.16
C TYR B 92 7.53 -36.58 -1.42
N THR B 93 6.87 -37.73 -1.45
CA THR B 93 7.40 -38.90 -0.73
C THR B 93 8.66 -39.44 -1.42
N PRO B 94 9.65 -39.90 -0.63
CA PRO B 94 9.68 -39.95 0.83
C PRO B 94 10.24 -38.75 1.59
N THR B 95 10.91 -37.82 0.91
CA THR B 95 11.52 -36.70 1.60
C THR B 95 10.55 -35.76 2.34
N VAL B 96 9.35 -35.56 1.80
CA VAL B 96 8.41 -34.70 2.51
C VAL B 96 8.16 -35.30 3.89
N GLY B 97 8.22 -36.62 3.99
CA GLY B 97 8.02 -37.27 5.27
C GLY B 97 9.12 -36.88 6.24
N LEU B 98 10.35 -36.82 5.73
CA LEU B 98 11.49 -36.44 6.53
C LEU B 98 11.38 -34.97 6.94
N ALA B 99 10.93 -34.13 6.00
CA ALA B 99 10.77 -32.71 6.28
C ALA B 99 9.76 -32.53 7.42
N CYS B 100 8.61 -33.16 7.32
CA CYS B 100 7.59 -33.07 8.36
C CYS B 100 8.10 -33.46 9.75
N SER B 101 8.85 -34.56 9.84
CA SER B 101 9.36 -34.97 11.15
C SER B 101 10.35 -33.96 11.71
N GLN B 102 10.87 -33.08 10.86
CA GLN B 102 11.83 -32.07 11.28
C GLN B 102 11.35 -30.66 10.99
N TYR B 103 10.07 -30.50 10.69
CA TYR B 103 9.52 -29.19 10.34
C TYR B 103 9.97 -28.03 11.22
N GLY B 104 9.95 -28.21 12.53
CA GLY B 104 10.36 -27.13 13.42
C GLY B 104 11.85 -26.84 13.41
N HIS B 105 12.64 -27.76 12.87
CA HIS B 105 14.09 -27.60 12.84
C HIS B 105 14.57 -26.90 11.59
N ILE B 106 13.84 -27.04 10.49
CA ILE B 106 14.21 -26.42 9.23
C ILE B 106 13.36 -25.20 8.90
N PHE B 107 12.50 -24.80 9.83
CA PHE B 107 11.61 -23.64 9.64
C PHE B 107 12.31 -22.34 9.25
N ARG B 108 11.77 -21.65 8.25
CA ARG B 108 12.31 -20.35 7.83
C ARG B 108 11.17 -19.35 7.67
N ARG B 109 10.13 -19.74 6.95
CA ARG B 109 8.96 -18.91 6.73
C ARG B 109 7.76 -19.84 6.82
N PRO B 110 6.62 -19.35 7.33
CA PRO B 110 5.47 -20.25 7.41
C PRO B 110 4.82 -20.30 6.03
N LYS B 111 4.01 -21.31 5.78
CA LYS B 111 3.34 -21.46 4.50
C LYS B 111 1.92 -21.92 4.85
N GLY B 112 0.91 -21.34 4.23
CA GLY B 112 -0.46 -21.74 4.54
C GLY B 112 -1.12 -21.10 5.75
N LEU B 113 -2.37 -21.51 6.00
CA LEU B 113 -3.17 -21.00 7.10
C LEU B 113 -3.18 -21.95 8.29
N PHE B 114 -3.00 -21.41 9.49
CA PHE B 114 -3.02 -22.24 10.69
C PHE B 114 -4.24 -21.86 11.54
N ILE B 115 -5.09 -22.83 11.82
CA ILE B 115 -6.27 -22.59 12.63
C ILE B 115 -6.19 -23.49 13.85
N SER B 116 -6.07 -22.93 15.05
CA SER B 116 -5.97 -23.77 16.24
C SER B 116 -7.27 -23.79 17.03
N ILE B 117 -7.39 -24.74 17.95
CA ILE B 117 -8.60 -24.87 18.75
C ILE B 117 -8.76 -23.60 19.60
N SER B 118 -7.64 -22.96 19.92
CA SER B 118 -7.64 -21.75 20.72
C SER B 118 -8.25 -20.58 19.95
N ASP B 119 -8.53 -20.80 18.67
CA ASP B 119 -9.14 -19.78 17.85
C ASP B 119 -10.62 -20.09 17.61
N ARG B 120 -11.16 -21.03 18.37
CA ARG B 120 -12.56 -21.38 18.19
C ARG B 120 -13.40 -20.12 18.41
N GLY B 121 -14.35 -19.88 17.51
CA GLY B 121 -15.18 -18.69 17.62
C GLY B 121 -14.63 -17.54 16.81
N HIS B 122 -13.37 -17.65 16.39
CA HIS B 122 -12.73 -16.60 15.62
C HIS B 122 -12.10 -17.08 14.31
N VAL B 123 -12.54 -18.25 13.81
CA VAL B 123 -11.97 -18.77 12.59
C VAL B 123 -12.18 -17.88 11.37
N ARG B 124 -13.31 -17.17 11.30
CA ARG B 124 -13.54 -16.31 10.15
C ARG B 124 -12.51 -15.18 10.04
N SER B 125 -12.08 -14.63 11.18
CA SER B 125 -11.11 -13.55 11.15
C SER B 125 -9.76 -14.07 10.67
N ILE B 126 -9.52 -15.36 10.86
CA ILE B 126 -8.27 -15.97 10.41
C ILE B 126 -8.32 -16.16 8.91
N VAL B 127 -9.46 -16.65 8.41
CA VAL B 127 -9.64 -16.85 7.00
C VAL B 127 -9.55 -15.50 6.27
N ASP B 128 -10.04 -14.44 6.90
CA ASP B 128 -9.98 -13.11 6.30
C ASP B 128 -8.55 -12.54 6.24
N ASN B 129 -7.62 -13.14 6.98
CA ASN B 129 -6.24 -12.66 6.96
C ASN B 129 -5.41 -13.20 5.78
N TRP B 130 -5.92 -14.21 5.08
CA TRP B 130 -5.21 -14.76 3.94
C TRP B 130 -5.22 -13.70 2.83
N PRO B 131 -4.05 -13.34 2.31
CA PRO B 131 -3.89 -12.34 1.25
C PRO B 131 -4.69 -12.53 -0.04
N GLU B 132 -4.77 -13.76 -0.55
CA GLU B 132 -5.46 -14.02 -1.81
C GLU B 132 -6.98 -13.97 -1.76
N ASN B 133 -7.57 -13.34 -2.78
CA ASN B 133 -9.01 -13.16 -2.86
C ASN B 133 -9.85 -14.24 -3.54
N HIS B 134 -9.30 -14.94 -4.52
CA HIS B 134 -10.10 -15.95 -5.19
C HIS B 134 -9.60 -17.38 -5.05
N VAL B 135 -9.64 -17.90 -3.83
CA VAL B 135 -9.22 -19.27 -3.56
C VAL B 135 -10.22 -20.27 -4.13
N LYS B 136 -9.71 -21.28 -4.82
CA LYS B 136 -10.54 -22.30 -5.44
C LYS B 136 -10.26 -23.71 -4.91
N ALA B 137 -9.16 -23.89 -4.20
CA ALA B 137 -8.81 -25.21 -3.67
C ALA B 137 -8.05 -25.16 -2.36
N VAL B 138 -8.51 -25.96 -1.41
CA VAL B 138 -7.91 -26.02 -0.10
C VAL B 138 -7.54 -27.46 0.21
N VAL B 139 -6.38 -27.68 0.81
CA VAL B 139 -5.98 -29.02 1.23
C VAL B 139 -5.77 -28.85 2.72
N VAL B 140 -6.52 -29.58 3.52
CA VAL B 140 -6.43 -29.44 4.96
C VAL B 140 -6.03 -30.73 5.67
N THR B 141 -5.32 -30.58 6.79
CA THR B 141 -4.89 -31.70 7.60
C THR B 141 -4.87 -31.29 9.06
N ASP B 142 -4.88 -32.26 9.96
CA ASP B 142 -4.80 -31.97 11.39
C ASP B 142 -3.55 -32.68 11.88
N GLY B 143 -2.80 -33.22 10.93
CA GLY B 143 -1.55 -33.92 11.24
C GLY B 143 -1.58 -35.15 12.12
N GLU B 144 -2.72 -35.83 12.20
CA GLU B 144 -2.82 -37.02 13.04
C GLU B 144 -2.30 -38.28 12.35
N ARG B 145 -2.45 -38.37 11.02
CA ARG B 145 -1.95 -39.53 10.29
C ARG B 145 -1.11 -39.06 9.11
N ILE B 146 0.08 -38.52 9.38
CA ILE B 146 0.98 -38.03 8.35
C ILE B 146 1.68 -39.21 7.68
N LEU B 147 1.28 -39.54 6.45
CA LEU B 147 1.85 -40.69 5.75
C LEU B 147 1.78 -41.85 6.77
N GLY B 148 2.82 -42.68 6.80
CA GLY B 148 2.82 -43.78 7.76
C GLY B 148 3.67 -43.42 8.96
N LEU B 149 3.81 -42.12 9.21
CA LEU B 149 4.61 -41.58 10.30
C LEU B 149 3.83 -41.32 11.58
N GLY B 150 2.51 -41.41 11.51
CA GLY B 150 1.71 -41.17 12.70
C GLY B 150 1.33 -39.73 12.96
N ASP B 151 1.21 -39.38 14.24
CA ASP B 151 0.82 -38.04 14.69
C ASP B 151 1.99 -37.08 14.75
N LEU B 152 2.02 -36.11 13.84
CA LEU B 152 3.10 -35.12 13.82
C LEU B 152 2.60 -33.72 14.19
N GLY B 153 1.30 -33.62 14.48
CA GLY B 153 0.72 -32.34 14.83
C GLY B 153 0.93 -31.32 13.73
N VAL B 154 1.28 -30.10 14.13
CA VAL B 154 1.51 -29.02 13.18
C VAL B 154 2.69 -29.26 12.23
N TYR B 155 3.58 -30.18 12.57
CA TYR B 155 4.69 -30.49 11.67
C TYR B 155 4.11 -31.12 10.41
N GLY B 156 2.86 -31.58 10.50
CA GLY B 156 2.22 -32.20 9.35
C GLY B 156 1.83 -31.22 8.26
N MSE B 157 2.01 -29.92 8.52
CA MSE B 157 1.67 -28.90 7.54
C MSE B 157 2.45 -29.07 6.25
O MSE B 157 2.02 -28.61 5.20
CB MSE B 157 1.94 -27.49 8.13
CG MSE B 157 1.78 -26.36 7.12
SE MSE B 157 0.01 -26.22 6.29
CE MSE B 157 -0.68 -24.68 7.26
N GLY B 158 3.59 -29.76 6.32
CA GLY B 158 4.38 -29.99 5.13
C GLY B 158 3.62 -30.76 4.06
N ILE B 159 2.63 -31.54 4.49
CA ILE B 159 1.84 -32.34 3.55
C ILE B 159 0.89 -31.50 2.68
N PRO B 160 0.05 -30.66 3.30
CA PRO B 160 -0.86 -29.86 2.45
C PRO B 160 -0.05 -28.95 1.52
N VAL B 161 1.09 -28.47 2.02
CA VAL B 161 1.97 -27.62 1.23
C VAL B 161 2.46 -28.44 0.04
N GLY B 162 2.94 -29.65 0.32
CA GLY B 162 3.43 -30.50 -0.76
C GLY B 162 2.33 -30.90 -1.73
N LYS B 163 1.19 -31.33 -1.21
CA LYS B 163 0.07 -31.74 -2.07
C LYS B 163 -0.30 -30.64 -3.06
N LEU B 164 -0.42 -29.41 -2.58
CA LEU B 164 -0.78 -28.28 -3.43
C LEU B 164 0.26 -27.91 -4.48
N CYS B 165 1.53 -28.18 -4.19
CA CYS B 165 2.57 -27.90 -5.17
C CYS B 165 2.31 -28.78 -6.37
N LEU B 166 1.81 -29.99 -6.11
CA LEU B 166 1.51 -30.94 -7.17
C LEU B 166 0.25 -30.54 -7.91
N TYR B 167 -0.67 -29.87 -7.24
CA TYR B 167 -1.89 -29.38 -7.88
C TYR B 167 -1.43 -28.53 -9.06
N THR B 168 -0.43 -27.71 -8.81
CA THR B 168 0.11 -26.81 -9.82
C THR B 168 1.11 -27.45 -10.76
N ALA B 169 2.10 -28.14 -10.22
CA ALA B 169 3.12 -28.77 -11.04
C ALA B 169 2.54 -29.83 -11.98
N CYS B 170 1.50 -30.53 -11.54
CA CYS B 170 0.90 -31.58 -12.35
C CYS B 170 -0.29 -31.18 -13.24
N ALA B 171 -1.26 -30.46 -12.68
CA ALA B 171 -2.44 -30.08 -13.45
C ALA B 171 -2.54 -28.61 -13.86
N GLY B 172 -1.59 -27.79 -13.44
CA GLY B 172 -1.66 -26.39 -13.81
C GLY B 172 -2.77 -25.62 -13.11
N ILE B 173 -3.05 -26.00 -11.88
CA ILE B 173 -4.05 -25.29 -11.09
C ILE B 173 -3.31 -24.05 -10.59
N ARG B 174 -3.93 -22.87 -10.72
CA ARG B 174 -3.31 -21.62 -10.28
C ARG B 174 -2.87 -21.62 -8.83
N PRO B 175 -1.56 -21.41 -8.58
CA PRO B 175 -0.96 -21.38 -7.24
C PRO B 175 -1.65 -20.39 -6.29
N ASP B 176 -1.89 -19.17 -6.78
CA ASP B 176 -2.51 -18.14 -5.96
C ASP B 176 -3.94 -18.49 -5.60
N ARG B 177 -4.47 -19.55 -6.18
CA ARG B 177 -5.84 -19.97 -5.87
C ARG B 177 -5.86 -21.23 -5.02
N CYS B 178 -4.71 -21.57 -4.45
CA CYS B 178 -4.58 -22.75 -3.59
C CYS B 178 -4.27 -22.33 -2.16
N LEU B 179 -4.85 -23.04 -1.21
CA LEU B 179 -4.65 -22.69 0.19
C LEU B 179 -4.39 -23.89 1.06
N PRO B 180 -3.13 -24.04 1.54
CA PRO B 180 -2.82 -25.18 2.41
C PRO B 180 -3.27 -24.78 3.81
N VAL B 181 -3.90 -25.71 4.52
CA VAL B 181 -4.40 -25.40 5.86
C VAL B 181 -4.07 -26.47 6.88
N CYS B 182 -3.68 -26.04 8.06
CA CYS B 182 -3.37 -26.97 9.14
C CYS B 182 -4.29 -26.61 10.30
N ILE B 183 -5.04 -27.59 10.78
CA ILE B 183 -5.93 -27.38 11.90
C ILE B 183 -5.26 -28.00 13.11
N ASP B 184 -4.89 -27.16 14.06
CA ASP B 184 -4.19 -27.60 15.25
C ASP B 184 -5.05 -27.67 16.51
N VAL B 185 -5.30 -28.88 16.98
CA VAL B 185 -6.09 -29.08 18.19
C VAL B 185 -5.21 -29.84 19.18
N GLY B 186 -3.90 -29.77 18.97
CA GLY B 186 -2.96 -30.47 19.84
C GLY B 186 -2.41 -31.71 19.16
N THR B 187 -1.54 -32.45 19.85
CA THR B 187 -0.95 -33.66 19.29
C THR B 187 -0.66 -34.66 20.41
N ASP B 188 -0.80 -35.94 20.13
CA ASP B 188 -0.52 -36.96 21.15
C ASP B 188 0.93 -37.42 21.05
N ASN B 189 1.68 -36.81 20.14
CA ASN B 189 3.08 -37.17 19.96
C ASN B 189 3.89 -36.67 21.13
N ILE B 190 4.20 -37.57 22.05
CA ILE B 190 4.93 -37.24 23.26
C ILE B 190 6.28 -36.55 22.98
N ALA B 191 7.02 -37.03 21.98
CA ALA B 191 8.30 -36.42 21.64
C ALA B 191 8.12 -34.94 21.27
N LEU B 192 7.15 -34.63 20.42
CA LEU B 192 6.91 -33.24 20.01
C LEU B 192 6.54 -32.33 21.18
N LEU B 193 5.72 -32.82 22.09
CA LEU B 193 5.31 -32.02 23.23
C LEU B 193 6.52 -31.60 24.05
N LYS B 194 7.65 -32.23 23.80
CA LYS B 194 8.89 -31.91 24.50
C LYS B 194 9.89 -31.23 23.57
N ASP B 195 9.48 -30.96 22.33
CA ASP B 195 10.35 -30.32 21.34
C ASP B 195 10.25 -28.80 21.45
N PRO B 196 11.37 -28.12 21.77
CA PRO B 196 11.40 -26.65 21.91
C PRO B 196 11.10 -25.96 20.59
N PHE B 197 11.28 -26.68 19.49
CA PHE B 197 11.03 -26.12 18.16
C PHE B 197 9.65 -26.49 17.62
N TYR B 198 8.83 -27.15 18.45
CA TYR B 198 7.50 -27.54 17.98
C TYR B 198 6.74 -26.28 17.56
N MSE B 199 5.93 -26.38 16.52
CA MSE B 199 5.19 -25.25 15.99
C MSE B 199 3.71 -25.18 16.35
O MSE B 199 3.00 -24.28 15.91
CB MSE B 199 5.32 -25.22 14.46
CG MSE B 199 6.72 -24.91 13.97
SE MSE B 199 7.03 -25.64 12.20
CE MSE B 199 5.65 -24.69 11.21
N GLY B 200 3.23 -26.16 17.14
CA GLY B 200 1.84 -26.16 17.51
C GLY B 200 1.60 -25.92 18.99
N LEU B 201 0.35 -26.10 19.42
CA LEU B 201 -0.03 -25.92 20.82
C LEU B 201 0.54 -27.08 21.63
N TYR B 202 1.05 -26.79 22.81
CA TYR B 202 1.59 -27.86 23.65
C TYR B 202 0.52 -28.53 24.50
N GLN B 203 -0.36 -29.29 23.85
CA GLN B 203 -1.42 -30.00 24.54
C GLN B 203 -1.75 -31.26 23.76
N LYS B 204 -2.46 -32.19 24.39
CA LYS B 204 -2.87 -33.42 23.74
C LYS B 204 -4.02 -33.05 22.82
N ARG B 205 -4.37 -33.94 21.90
CA ARG B 205 -5.47 -33.66 20.98
C ARG B 205 -6.81 -33.50 21.66
N ASP B 206 -7.56 -32.49 21.25
CA ASP B 206 -8.88 -32.22 21.78
C ASP B 206 -9.78 -33.11 20.92
N ARG B 207 -10.44 -34.08 21.54
CA ARG B 207 -11.32 -34.99 20.80
C ARG B 207 -12.79 -34.78 21.16
N THR B 208 -13.08 -33.73 21.92
CA THR B 208 -14.45 -33.42 22.34
C THR B 208 -15.23 -32.81 21.18
N GLN B 209 -16.45 -32.35 21.45
CA GLN B 209 -17.30 -31.75 20.44
C GLN B 209 -16.68 -30.47 19.89
N GLN B 210 -15.78 -29.86 20.66
CA GLN B 210 -15.13 -28.63 20.20
C GLN B 210 -14.32 -28.89 18.93
N TYR B 211 -13.69 -30.06 18.85
CA TYR B 211 -12.93 -30.44 17.66
C TYR B 211 -13.88 -30.41 16.47
N ASP B 212 -15.03 -31.07 16.61
CA ASP B 212 -16.04 -31.10 15.55
C ASP B 212 -16.56 -29.71 15.24
N ASP B 213 -16.81 -28.91 16.27
CA ASP B 213 -17.31 -27.55 16.08
C ASP B 213 -16.25 -26.74 15.33
N LEU B 214 -14.98 -26.94 15.67
CA LEU B 214 -13.91 -26.23 15.00
C LEU B 214 -13.93 -26.57 13.51
N ILE B 215 -13.94 -27.86 13.19
CA ILE B 215 -13.96 -28.26 11.79
C ILE B 215 -15.15 -27.64 11.09
N ASP B 216 -16.30 -27.66 11.74
CA ASP B 216 -17.52 -27.08 11.19
C ASP B 216 -17.32 -25.59 10.93
N GLU B 217 -16.74 -24.88 11.90
CA GLU B 217 -16.51 -23.44 11.75
C GLU B 217 -15.58 -23.17 10.57
N PHE B 218 -14.60 -24.05 10.38
CA PHE B 218 -13.64 -23.94 9.29
C PHE B 218 -14.32 -24.06 7.93
N MSE B 219 -15.12 -25.11 7.74
CA MSE B 219 -15.81 -25.31 6.47
C MSE B 219 -16.69 -24.09 6.17
O MSE B 219 -16.74 -23.61 5.04
CB MSE B 219 -16.67 -26.59 6.52
CG MSE B 219 -15.89 -27.86 6.83
SE MSE B 219 -14.56 -28.32 5.48
CE MSE B 219 -15.69 -29.19 4.18
N LYS B 220 -17.37 -23.61 7.21
CA LYS B 220 -18.27 -22.45 7.10
C LYS B 220 -17.51 -21.19 6.65
N ALA B 221 -16.44 -20.85 7.37
CA ALA B 221 -15.65 -19.67 7.08
C ALA B 221 -15.06 -19.70 5.67
N ILE B 222 -14.41 -20.80 5.32
CA ILE B 222 -13.79 -20.95 4.00
C ILE B 222 -14.79 -20.70 2.89
N THR B 223 -15.93 -21.37 2.93
CA THR B 223 -16.94 -21.21 1.89
C THR B 223 -17.64 -19.85 1.95
N ASP B 224 -17.80 -19.29 3.14
CA ASP B 224 -18.42 -17.98 3.26
C ASP B 224 -17.59 -16.92 2.55
N ARG B 225 -16.27 -17.00 2.66
CA ARG B 225 -15.42 -16.01 2.00
C ARG B 225 -15.11 -16.33 0.54
N TYR B 226 -14.94 -17.61 0.22
CA TYR B 226 -14.56 -17.99 -1.13
C TYR B 226 -15.62 -18.65 -2.01
N GLY B 227 -16.72 -19.08 -1.41
CA GLY B 227 -17.76 -19.73 -2.21
C GLY B 227 -18.03 -21.17 -1.82
N ARG B 228 -19.29 -21.59 -1.94
CA ARG B 228 -19.68 -22.94 -1.59
C ARG B 228 -19.09 -24.03 -2.47
N ASN B 229 -18.66 -23.70 -3.69
CA ASN B 229 -18.08 -24.71 -4.55
C ASN B 229 -16.55 -24.75 -4.46
N THR B 230 -16.01 -24.19 -3.38
CA THR B 230 -14.57 -24.19 -3.15
C THR B 230 -14.15 -25.63 -2.84
N LEU B 231 -13.27 -26.19 -3.67
CA LEU B 231 -12.81 -27.56 -3.48
C LEU B 231 -12.07 -27.71 -2.16
N ILE B 232 -12.53 -28.61 -1.29
CA ILE B 232 -11.82 -28.81 -0.03
C ILE B 232 -11.34 -30.27 0.03
N GLN B 233 -10.01 -30.44 0.02
CA GLN B 233 -9.40 -31.77 0.07
C GLN B 233 -8.89 -32.12 1.46
N PHE B 234 -9.48 -33.15 2.07
CA PHE B 234 -9.05 -33.59 3.38
C PHE B 234 -7.85 -34.50 3.17
N GLU B 235 -6.81 -34.31 3.97
CA GLU B 235 -5.61 -35.10 3.83
C GLU B 235 -4.99 -35.45 5.18
N ASP B 236 -4.59 -36.71 5.31
CA ASP B 236 -3.93 -37.23 6.49
C ASP B 236 -4.60 -37.03 7.84
N PHE B 237 -5.92 -37.22 7.89
CA PHE B 237 -6.68 -37.13 9.13
C PHE B 237 -6.70 -38.55 9.71
N GLY B 238 -6.87 -38.67 11.02
CA GLY B 238 -6.93 -39.99 11.63
C GLY B 238 -8.07 -40.80 11.03
N ASN B 239 -8.03 -42.11 11.21
CA ASN B 239 -9.04 -43.00 10.65
C ASN B 239 -10.49 -42.67 11.01
N HIS B 240 -10.81 -42.57 12.28
CA HIS B 240 -12.19 -42.26 12.68
C HIS B 240 -12.70 -41.00 12.00
N ASN B 241 -11.96 -39.91 12.16
CA ASN B 241 -12.34 -38.62 11.59
C ASN B 241 -12.43 -38.58 10.08
N ALA B 242 -11.53 -39.28 9.39
CA ALA B 242 -11.55 -39.27 7.93
C ALA B 242 -12.93 -39.64 7.36
N PHE B 243 -13.42 -40.83 7.67
CA PHE B 243 -14.72 -41.25 7.16
C PHE B 243 -15.89 -40.38 7.62
N ARG B 244 -15.95 -40.07 8.91
CA ARG B 244 -17.06 -39.28 9.44
C ARG B 244 -17.18 -37.89 8.79
N PHE B 245 -16.05 -37.21 8.61
CA PHE B 245 -16.10 -35.89 7.99
C PHE B 245 -16.45 -36.00 6.52
N LEU B 246 -15.96 -37.04 5.85
CA LEU B 246 -16.27 -37.23 4.44
C LEU B 246 -17.77 -37.42 4.24
N ARG B 247 -18.37 -38.29 5.07
CA ARG B 247 -19.80 -38.54 4.95
C ARG B 247 -20.59 -37.29 5.32
N LYS B 248 -20.18 -36.64 6.41
CA LYS B 248 -20.85 -35.45 6.89
C LYS B 248 -20.85 -34.26 5.91
N TYR B 249 -19.78 -34.07 5.16
CA TYR B 249 -19.69 -32.93 4.26
C TYR B 249 -19.83 -33.14 2.77
N ARG B 250 -19.62 -34.35 2.29
CA ARG B 250 -19.68 -34.59 0.85
C ARG B 250 -20.94 -34.15 0.13
N GLU B 251 -22.07 -34.08 0.83
CA GLU B 251 -23.31 -33.67 0.20
C GLU B 251 -23.61 -32.19 0.44
N LYS B 252 -22.86 -31.59 1.37
CA LYS B 252 -23.04 -30.19 1.72
C LYS B 252 -22.02 -29.27 1.06
N TYR B 253 -20.80 -29.77 0.87
CA TYR B 253 -19.74 -28.99 0.27
C TYR B 253 -19.09 -29.72 -0.89
N CYS B 254 -18.14 -29.09 -1.56
CA CYS B 254 -17.42 -29.70 -2.67
C CYS B 254 -16.15 -30.26 -2.06
N THR B 255 -16.26 -31.43 -1.43
CA THR B 255 -15.12 -32.02 -0.75
C THR B 255 -14.91 -33.51 -1.02
N PHE B 256 -13.72 -34.00 -0.69
CA PHE B 256 -13.38 -35.41 -0.86
C PHE B 256 -12.18 -35.67 0.01
N ASN B 257 -11.90 -36.94 0.27
CA ASN B 257 -10.76 -37.31 1.09
C ASN B 257 -9.78 -38.04 0.18
N ASP B 258 -8.57 -37.52 0.08
CA ASP B 258 -7.53 -38.08 -0.78
C ASP B 258 -7.04 -39.48 -0.41
N ASP B 259 -6.93 -39.72 0.88
CA ASP B 259 -6.45 -40.99 1.40
C ASP B 259 -7.43 -42.11 1.15
N ILE B 260 -8.72 -41.76 1.19
CA ILE B 260 -9.76 -42.73 0.98
C ILE B 260 -10.08 -42.89 -0.51
N GLN B 261 -10.55 -41.79 -1.12
CA GLN B 261 -10.94 -41.79 -2.52
C GLN B 261 -9.85 -41.66 -3.57
N GLY B 262 -8.81 -40.87 -3.30
CA GLY B 262 -7.74 -40.72 -4.27
C GLY B 262 -6.94 -42.01 -4.41
N THR B 263 -6.62 -42.62 -3.29
CA THR B 263 -5.86 -43.86 -3.27
C THR B 263 -6.65 -44.96 -3.99
N ALA B 264 -7.95 -45.02 -3.73
CA ALA B 264 -8.82 -46.00 -4.33
C ALA B 264 -8.71 -45.98 -5.84
N ALA B 265 -8.76 -44.78 -6.42
CA ALA B 265 -8.68 -44.64 -7.87
C ALA B 265 -7.35 -45.09 -8.47
N VAL B 266 -6.23 -44.73 -7.86
CA VAL B 266 -4.94 -45.12 -8.41
C VAL B 266 -4.72 -46.62 -8.25
N ALA B 267 -5.06 -47.14 -7.07
CA ALA B 267 -4.90 -48.58 -6.82
C ALA B 267 -5.74 -49.34 -7.84
N LEU B 268 -6.99 -48.92 -8.03
CA LEU B 268 -7.85 -49.58 -9.00
C LEU B 268 -7.27 -49.47 -10.39
N ALA B 269 -6.74 -48.30 -10.72
CA ALA B 269 -6.14 -48.09 -12.04
C ALA B 269 -5.05 -49.12 -12.30
N GLY B 270 -4.32 -49.49 -11.26
CA GLY B 270 -3.25 -50.47 -11.40
C GLY B 270 -3.78 -51.86 -11.70
N LEU B 271 -4.90 -52.21 -11.07
CA LEU B 271 -5.52 -53.51 -11.28
C LEU B 271 -6.08 -53.60 -12.70
N LEU B 272 -6.60 -52.48 -13.20
CA LEU B 272 -7.12 -52.46 -14.56
C LEU B 272 -5.98 -52.65 -15.55
N ALA B 273 -4.80 -52.19 -15.17
CA ALA B 273 -3.62 -52.32 -16.03
C ALA B 273 -3.11 -53.76 -15.97
N ALA B 274 -3.02 -54.32 -14.77
CA ALA B 274 -2.56 -55.68 -14.58
C ALA B 274 -3.50 -56.63 -15.33
N GLN B 275 -4.77 -56.27 -15.38
CA GLN B 275 -5.79 -57.05 -16.05
C GLN B 275 -5.38 -57.31 -17.50
N LYS B 276 -4.44 -56.51 -18.01
CA LYS B 276 -3.98 -56.65 -19.38
C LYS B 276 -2.96 -57.76 -19.59
N VAL B 277 -2.28 -58.17 -18.52
CA VAL B 277 -1.28 -59.22 -18.63
C VAL B 277 -1.77 -60.53 -18.03
N ILE B 278 -2.86 -60.46 -17.26
CA ILE B 278 -3.43 -61.65 -16.65
C ILE B 278 -4.64 -62.08 -17.45
N SER B 279 -5.55 -61.13 -17.68
CA SER B 279 -6.78 -61.38 -18.44
C SER B 279 -7.78 -62.22 -17.67
N LYS B 280 -7.29 -63.19 -16.88
CA LYS B 280 -8.14 -64.09 -16.10
C LYS B 280 -9.43 -63.45 -15.60
N PRO B 281 -10.51 -64.25 -15.48
CA PRO B 281 -11.82 -63.80 -15.01
C PRO B 281 -11.78 -63.14 -13.64
N ILE B 282 -12.37 -61.95 -13.53
CA ILE B 282 -12.39 -61.23 -12.26
C ILE B 282 -13.04 -62.14 -11.21
N SER B 283 -13.76 -63.15 -11.69
CA SER B 283 -14.43 -64.11 -10.81
C SER B 283 -13.36 -64.84 -10.01
N GLU B 284 -12.26 -65.19 -10.67
CA GLU B 284 -11.15 -65.88 -10.02
C GLU B 284 -10.09 -64.90 -9.53
N HIS B 285 -10.51 -63.69 -9.20
CA HIS B 285 -9.57 -62.69 -8.69
C HIS B 285 -9.84 -62.51 -7.21
N LYS B 286 -8.96 -63.08 -6.39
CA LYS B 286 -9.08 -63.03 -4.94
C LYS B 286 -8.16 -61.93 -4.43
N ILE B 287 -8.73 -60.92 -3.78
CA ILE B 287 -7.96 -59.80 -3.26
C ILE B 287 -7.80 -59.87 -1.74
N LEU B 288 -6.57 -59.75 -1.26
CA LEU B 288 -6.30 -59.77 0.17
C LEU B 288 -5.57 -58.47 0.55
N PHE B 289 -6.12 -57.73 1.50
CA PHE B 289 -5.54 -56.47 1.96
C PHE B 289 -4.75 -56.63 3.24
N LEU B 290 -3.66 -55.91 3.36
CA LEU B 290 -2.87 -55.91 4.58
C LEU B 290 -3.24 -54.55 5.17
N GLY B 291 -4.10 -54.56 6.18
CA GLY B 291 -4.57 -53.33 6.79
C GLY B 291 -5.99 -53.12 6.32
N ALA B 292 -6.83 -52.48 7.13
CA ALA B 292 -8.22 -52.27 6.74
C ALA B 292 -8.69 -50.89 7.18
N GLY B 293 -7.92 -49.87 6.82
CA GLY B 293 -8.25 -48.50 7.19
C GLY B 293 -8.76 -47.66 6.04
N GLU B 294 -8.43 -46.38 6.08
CA GLU B 294 -8.84 -45.42 5.07
C GLU B 294 -8.57 -45.86 3.64
N ALA B 295 -7.32 -46.21 3.35
CA ALA B 295 -6.95 -46.62 2.01
C ALA B 295 -7.51 -47.97 1.59
N ALA B 296 -7.45 -48.96 2.49
CA ALA B 296 -7.97 -50.29 2.17
C ALA B 296 -9.46 -50.22 1.84
N LEU B 297 -10.23 -49.62 2.74
CA LEU B 297 -11.67 -49.49 2.56
C LEU B 297 -12.00 -48.70 1.31
N GLY B 298 -11.23 -47.64 1.06
CA GLY B 298 -11.48 -46.84 -0.13
C GLY B 298 -11.23 -47.66 -1.37
N ILE B 299 -10.11 -48.36 -1.40
CA ILE B 299 -9.76 -49.17 -2.56
C ILE B 299 -10.81 -50.27 -2.77
N ALA B 300 -11.12 -51.01 -1.72
CA ALA B 300 -12.10 -52.09 -1.81
C ALA B 300 -13.44 -51.63 -2.42
N ASN B 301 -13.98 -50.53 -1.89
CA ASN B 301 -15.24 -49.98 -2.37
C ASN B 301 -15.21 -49.59 -3.84
N LEU B 302 -14.10 -49.05 -4.31
CA LEU B 302 -14.01 -48.67 -5.70
C LEU B 302 -13.86 -49.91 -6.58
N ILE B 303 -13.15 -50.92 -6.08
CA ILE B 303 -12.98 -52.14 -6.85
C ILE B 303 -14.36 -52.75 -7.04
N VAL B 304 -15.12 -52.86 -5.94
CA VAL B 304 -16.46 -53.41 -5.99
C VAL B 304 -17.30 -52.71 -7.05
N MSE B 305 -17.29 -51.38 -7.05
CA MSE B 305 -18.05 -50.61 -8.02
C MSE B 305 -17.64 -51.00 -9.43
O MSE B 305 -18.46 -50.98 -10.35
CB MSE B 305 -17.81 -49.11 -7.82
CG MSE B 305 -18.40 -48.54 -6.55
SE MSE B 305 -18.04 -46.65 -6.36
CE MSE B 305 -18.85 -45.99 -8.00
N SER B 306 -16.37 -51.33 -9.60
CA SER B 306 -15.87 -51.71 -10.92
C SER B 306 -16.41 -53.08 -11.31
N MSE B 307 -16.43 -54.02 -10.38
CA MSE B 307 -16.93 -55.36 -10.67
C MSE B 307 -18.42 -55.29 -10.93
O MSE B 307 -18.92 -55.89 -11.88
CB MSE B 307 -16.64 -56.30 -9.50
CG MSE B 307 -15.15 -56.46 -9.22
SE MSE B 307 -14.79 -57.69 -7.78
CE MSE B 307 -14.90 -56.48 -6.28
N VAL B 308 -19.14 -54.55 -10.08
CA VAL B 308 -20.58 -54.39 -10.22
C VAL B 308 -20.92 -53.72 -11.54
N GLU B 309 -20.02 -52.87 -12.02
CA GLU B 309 -20.23 -52.19 -13.28
C GLU B 309 -19.96 -53.16 -14.42
N ASN B 310 -19.36 -54.30 -14.09
CA ASN B 310 -19.04 -55.30 -15.09
C ASN B 310 -19.86 -56.58 -14.95
N GLY B 311 -21.04 -56.49 -14.34
CA GLY B 311 -21.88 -57.67 -14.20
C GLY B 311 -22.14 -58.17 -12.79
N LEU B 312 -21.09 -58.56 -12.08
CA LEU B 312 -21.24 -59.08 -10.72
C LEU B 312 -22.12 -58.20 -9.86
N SER B 313 -22.62 -58.76 -8.77
CA SER B 313 -23.47 -58.02 -7.85
C SER B 313 -22.61 -57.55 -6.70
N GLU B 314 -23.01 -56.47 -6.05
CA GLU B 314 -22.25 -55.92 -4.93
C GLU B 314 -21.97 -57.00 -3.88
N GLN B 315 -22.94 -57.86 -3.63
CA GLN B 315 -22.82 -58.92 -2.64
C GLN B 315 -21.71 -59.92 -2.98
N GLU B 316 -21.69 -60.41 -4.20
CA GLU B 316 -20.68 -61.39 -4.60
C GLU B 316 -19.32 -60.76 -4.86
N ALA B 317 -19.32 -59.53 -5.36
CA ALA B 317 -18.06 -58.82 -5.62
C ALA B 317 -17.29 -58.64 -4.31
N GLN B 318 -18.01 -58.31 -3.24
CA GLN B 318 -17.37 -58.09 -1.94
C GLN B 318 -16.76 -59.36 -1.37
N LYS B 319 -17.42 -60.49 -1.59
CA LYS B 319 -16.93 -61.76 -1.06
C LYS B 319 -15.51 -62.06 -1.56
N LYS B 320 -15.18 -61.55 -2.74
CA LYS B 320 -13.87 -61.76 -3.34
C LYS B 320 -12.78 -60.92 -2.69
N ILE B 321 -13.14 -60.13 -1.67
CA ILE B 321 -12.18 -59.27 -1.00
C ILE B 321 -12.03 -59.57 0.49
N TRP B 322 -10.80 -59.76 0.94
CA TRP B 322 -10.52 -60.06 2.34
C TRP B 322 -9.56 -59.02 2.91
N MSE B 323 -9.60 -58.79 4.22
CA MSE B 323 -8.72 -57.82 4.84
C MSE B 323 -8.08 -58.40 6.10
O MSE B 323 -8.70 -59.21 6.79
CB MSE B 323 -9.49 -56.54 5.18
CG MSE B 323 -10.20 -55.93 3.97
SE MSE B 323 -10.98 -54.17 4.24
CE MSE B 323 -12.43 -54.62 5.44
N PHE B 324 -6.85 -58.00 6.37
CA PHE B 324 -6.09 -58.48 7.52
C PHE B 324 -5.42 -57.26 8.16
N ASP B 325 -5.82 -56.94 9.39
CA ASP B 325 -5.24 -55.78 10.07
C ASP B 325 -4.33 -56.16 11.22
N LYS B 326 -3.97 -55.19 12.06
CA LYS B 326 -3.08 -55.41 13.19
C LYS B 326 -3.58 -56.48 14.16
N TYR B 327 -4.83 -56.89 14.03
CA TYR B 327 -5.38 -57.91 14.91
C TYR B 327 -5.61 -59.24 14.20
N GLY B 328 -5.43 -59.26 12.88
CA GLY B 328 -5.62 -60.49 12.14
C GLY B 328 -6.63 -60.38 11.01
N LEU B 329 -7.02 -61.53 10.46
CA LEU B 329 -7.99 -61.56 9.38
C LEU B 329 -9.35 -61.07 9.87
N LEU B 330 -10.02 -60.27 9.04
CA LEU B 330 -11.33 -59.75 9.41
C LEU B 330 -12.40 -60.78 9.08
N VAL B 331 -12.91 -61.44 10.11
CA VAL B 331 -13.95 -62.45 9.95
C VAL B 331 -15.07 -62.20 10.95
N LYS B 332 -16.31 -62.46 10.54
CA LYS B 332 -17.47 -62.25 11.40
C LYS B 332 -17.27 -62.92 12.76
N GLY B 333 -17.66 -62.23 13.83
CA GLY B 333 -17.53 -62.77 15.16
C GLY B 333 -16.17 -62.73 15.81
N ARG B 334 -15.17 -62.17 15.13
CA ARG B 334 -13.84 -62.10 15.71
C ARG B 334 -13.87 -61.15 16.93
N LYS B 335 -12.86 -61.24 17.80
CA LYS B 335 -12.81 -60.40 18.98
C LYS B 335 -12.55 -58.92 18.71
N ALA B 336 -11.74 -58.63 17.70
CA ALA B 336 -11.43 -57.24 17.36
C ALA B 336 -12.61 -56.56 16.68
N LYS B 337 -12.81 -55.29 17.00
CA LYS B 337 -13.92 -54.53 16.45
C LYS B 337 -13.93 -54.49 14.92
N ILE B 338 -15.12 -54.46 14.36
CA ILE B 338 -15.34 -54.40 12.93
C ILE B 338 -16.31 -53.24 12.71
N ASP B 339 -15.81 -52.16 12.14
CA ASP B 339 -16.64 -50.98 11.93
C ASP B 339 -17.62 -51.09 10.77
N SER B 340 -18.52 -50.12 10.69
CA SER B 340 -19.55 -50.05 9.66
C SER B 340 -18.99 -50.23 8.24
N TYR B 341 -17.91 -49.54 7.93
CA TYR B 341 -17.31 -49.63 6.61
C TYR B 341 -16.66 -50.97 6.29
N GLN B 342 -16.14 -51.64 7.32
CA GLN B 342 -15.48 -52.92 7.12
C GLN B 342 -16.43 -54.09 6.95
N GLU B 343 -17.55 -54.06 7.68
CA GLU B 343 -18.53 -55.14 7.66
C GLU B 343 -18.68 -55.88 6.34
N PRO B 344 -18.97 -55.17 5.23
CA PRO B 344 -19.13 -55.82 3.92
C PRO B 344 -17.95 -56.70 3.47
N PHE B 345 -16.78 -56.48 4.04
CA PHE B 345 -15.60 -57.26 3.67
C PHE B 345 -15.18 -58.21 4.78
N THR B 346 -16.04 -58.35 5.78
CA THR B 346 -15.76 -59.26 6.89
C THR B 346 -16.60 -60.51 6.62
N HIS B 347 -15.93 -61.62 6.33
CA HIS B 347 -16.63 -62.87 6.03
C HIS B 347 -16.54 -63.91 7.14
N SER B 348 -17.29 -65.01 7.00
CA SER B 348 -17.26 -66.08 7.98
C SER B 348 -15.88 -66.71 7.97
N ALA B 349 -15.30 -66.88 9.14
CA ALA B 349 -13.96 -67.47 9.25
C ALA B 349 -13.83 -68.78 8.48
N PRO B 350 -12.77 -68.93 7.67
CA PRO B 350 -12.55 -70.16 6.90
C PRO B 350 -12.24 -71.32 7.83
N GLU B 351 -12.04 -72.51 7.26
CA GLU B 351 -11.72 -73.70 8.05
C GLU B 351 -10.78 -73.38 9.21
N SER B 352 -9.64 -72.80 8.90
CA SER B 352 -8.66 -72.44 9.91
C SER B 352 -8.40 -70.93 9.86
N ILE B 353 -8.17 -70.32 11.01
CA ILE B 353 -7.92 -68.88 11.09
C ILE B 353 -6.43 -68.55 11.07
N PRO B 354 -5.96 -67.90 9.98
CA PRO B 354 -4.55 -67.51 9.81
C PRO B 354 -4.03 -66.73 11.00
N ASP B 355 -2.82 -67.08 11.45
CA ASP B 355 -2.20 -66.39 12.58
C ASP B 355 -1.41 -65.18 12.07
N THR B 356 -0.69 -65.37 10.96
CA THR B 356 0.10 -64.30 10.36
C THR B 356 -0.40 -64.00 8.96
N PHE B 357 0.16 -62.95 8.34
CA PHE B 357 -0.26 -62.60 6.99
C PHE B 357 0.17 -63.66 5.98
N GLU B 358 1.30 -64.30 6.26
CA GLU B 358 1.80 -65.35 5.38
C GLU B 358 0.79 -66.49 5.35
N ASP B 359 0.28 -66.86 6.52
CA ASP B 359 -0.71 -67.93 6.59
C ASP B 359 -1.96 -67.57 5.83
N ALA B 360 -2.41 -66.32 5.96
CA ALA B 360 -3.60 -65.88 5.25
C ALA B 360 -3.38 -66.05 3.75
N VAL B 361 -2.15 -65.81 3.30
CA VAL B 361 -1.82 -65.94 1.89
C VAL B 361 -1.99 -67.39 1.42
N ASN B 362 -1.52 -68.33 2.23
CA ASN B 362 -1.63 -69.75 1.88
C ASN B 362 -3.06 -70.27 2.01
N ILE B 363 -3.73 -69.91 3.10
CA ILE B 363 -5.10 -70.34 3.32
C ILE B 363 -6.01 -69.77 2.23
N LEU B 364 -6.12 -68.45 2.19
CA LEU B 364 -6.97 -67.77 1.22
C LEU B 364 -6.44 -67.86 -0.21
N LYS B 365 -5.14 -68.04 -0.35
CA LYS B 365 -4.53 -68.12 -1.69
C LYS B 365 -4.99 -67.00 -2.63
N PRO B 366 -4.83 -65.73 -2.20
CA PRO B 366 -5.24 -64.60 -3.04
C PRO B 366 -4.37 -64.44 -4.30
N SER B 367 -4.94 -63.80 -5.31
CA SER B 367 -4.22 -63.56 -6.55
C SER B 367 -3.62 -62.15 -6.52
N THR B 368 -4.12 -61.34 -5.59
CA THR B 368 -3.65 -59.96 -5.43
C THR B 368 -3.44 -59.63 -3.97
N ILE B 369 -2.36 -58.93 -3.67
CA ILE B 369 -2.07 -58.53 -2.31
C ILE B 369 -1.83 -57.02 -2.29
N ILE B 370 -2.63 -56.29 -1.52
CA ILE B 370 -2.48 -54.83 -1.44
C ILE B 370 -2.13 -54.39 -0.03
N GLY B 371 -0.94 -53.83 0.13
CA GLY B 371 -0.50 -53.40 1.44
C GLY B 371 -0.64 -51.91 1.73
N VAL B 372 -1.40 -51.60 2.77
CA VAL B 372 -1.62 -50.22 3.20
C VAL B 372 -1.72 -50.19 4.71
N ALA B 373 -0.67 -50.68 5.37
CA ALA B 373 -0.64 -50.73 6.82
C ALA B 373 0.28 -49.68 7.43
N GLY B 374 1.18 -49.13 6.61
CA GLY B 374 2.12 -48.14 7.12
C GLY B 374 2.87 -48.69 8.33
N ALA B 375 3.11 -50.00 8.34
CA ALA B 375 3.78 -50.63 9.46
C ALA B 375 5.14 -51.27 9.12
N GLY B 376 5.63 -51.05 7.91
CA GLY B 376 6.91 -51.62 7.57
C GLY B 376 6.88 -52.80 6.63
N ARG B 377 8.02 -53.50 6.56
CA ARG B 377 8.21 -54.64 5.68
C ARG B 377 7.45 -55.90 6.05
N LEU B 378 6.11 -55.86 5.99
CA LEU B 378 5.29 -57.01 6.33
C LEU B 378 5.07 -57.96 5.17
N PHE B 379 5.41 -57.54 3.96
CA PHE B 379 5.31 -58.42 2.80
C PHE B 379 6.69 -59.07 2.78
N THR B 380 6.94 -59.90 3.78
CA THR B 380 8.23 -60.59 3.94
C THR B 380 8.54 -61.51 2.78
N PRO B 381 9.82 -61.94 2.67
CA PRO B 381 10.25 -62.84 1.59
C PRO B 381 9.34 -64.06 1.45
N ASP B 382 9.00 -64.69 2.56
CA ASP B 382 8.13 -65.86 2.51
C ASP B 382 6.77 -65.49 1.92
N VAL B 383 6.22 -64.37 2.37
CA VAL B 383 4.93 -63.90 1.87
C VAL B 383 5.04 -63.80 0.35
N ILE B 384 6.09 -63.16 -0.13
CA ILE B 384 6.32 -62.99 -1.56
C ILE B 384 6.52 -64.34 -2.26
N ARG B 385 7.27 -65.24 -1.64
CA ARG B 385 7.50 -66.57 -2.24
C ARG B 385 6.16 -67.29 -2.34
N ALA B 386 5.41 -67.30 -1.25
CA ALA B 386 4.10 -67.94 -1.22
C ALA B 386 3.29 -67.44 -2.40
N MSE B 387 3.25 -66.12 -2.58
CA MSE B 387 2.50 -65.52 -3.68
C MSE B 387 2.98 -66.02 -5.04
O MSE B 387 2.17 -66.21 -5.96
CB MSE B 387 2.63 -64.00 -3.63
CG MSE B 387 1.81 -63.32 -2.52
SE MSE B 387 -0.12 -63.62 -2.68
CE MSE B 387 -0.48 -62.76 -4.36
N ALA B 388 4.29 -66.21 -5.19
CA ALA B 388 4.85 -66.68 -6.45
C ALA B 388 4.44 -68.12 -6.73
N SER B 389 4.35 -68.93 -5.68
CA SER B 389 3.96 -70.34 -5.82
C SER B 389 2.47 -70.43 -6.15
N ILE B 390 1.66 -69.76 -5.34
CA ILE B 390 0.21 -69.77 -5.51
C ILE B 390 -0.25 -69.18 -6.85
N ASN B 391 0.50 -68.24 -7.40
CA ASN B 391 0.11 -67.61 -8.66
C ASN B 391 1.20 -67.61 -9.71
N GLU B 392 0.78 -67.46 -10.98
CA GLU B 392 1.71 -67.42 -12.08
C GLU B 392 2.21 -65.98 -12.20
N ARG B 393 1.29 -65.03 -12.08
CA ARG B 393 1.60 -63.61 -12.15
C ARG B 393 0.90 -62.92 -10.97
N PRO B 394 1.45 -63.05 -9.75
CA PRO B 394 0.85 -62.43 -8.58
C PRO B 394 0.94 -60.90 -8.58
N VAL B 395 -0.11 -60.24 -8.09
CA VAL B 395 -0.14 -58.78 -8.03
C VAL B 395 0.27 -58.34 -6.63
N ILE B 396 1.39 -57.64 -6.52
CA ILE B 396 1.88 -57.18 -5.22
C ILE B 396 1.89 -55.66 -5.15
N PHE B 397 1.08 -55.08 -4.28
CA PHE B 397 1.00 -53.63 -4.10
C PHE B 397 1.44 -53.26 -2.70
N ALA B 398 2.65 -52.71 -2.58
CA ALA B 398 3.17 -52.27 -1.29
C ALA B 398 3.01 -50.75 -1.34
N LEU B 399 1.82 -50.27 -0.94
CA LEU B 399 1.49 -48.85 -1.02
C LEU B 399 1.83 -47.91 0.12
N SER B 400 2.21 -48.44 1.27
CA SER B 400 2.53 -47.59 2.41
C SER B 400 3.68 -46.63 2.15
N ASN B 401 3.58 -45.42 2.72
CA ASN B 401 4.60 -44.38 2.59
C ASN B 401 4.94 -43.91 4.00
N PRO B 402 6.16 -43.39 4.21
CA PRO B 402 7.21 -43.23 3.20
C PRO B 402 7.90 -44.56 2.93
N THR B 403 9.03 -44.52 2.24
CA THR B 403 9.78 -45.72 1.87
C THR B 403 10.05 -46.72 2.97
N ALA B 404 10.45 -46.25 4.15
CA ALA B 404 10.74 -47.15 5.25
C ALA B 404 9.53 -47.90 5.80
N GLN B 405 8.33 -47.42 5.50
CA GLN B 405 7.11 -48.08 5.97
C GLN B 405 6.52 -49.00 4.91
N ALA B 406 7.08 -48.97 3.71
CA ALA B 406 6.58 -49.80 2.62
C ALA B 406 6.61 -51.30 2.98
N GLU B 407 5.64 -52.06 2.47
CA GLU B 407 5.54 -53.49 2.76
C GLU B 407 6.76 -54.29 2.28
N CYS B 408 7.31 -53.89 1.14
CA CYS B 408 8.49 -54.53 0.60
C CYS B 408 9.03 -53.62 -0.49
N THR B 409 10.25 -53.88 -0.97
CA THR B 409 10.83 -53.07 -2.03
C THR B 409 10.60 -53.74 -3.37
N ALA B 410 10.86 -53.00 -4.45
CA ALA B 410 10.70 -53.56 -5.79
C ALA B 410 11.72 -54.67 -5.94
N GLU B 411 12.91 -54.43 -5.41
CA GLU B 411 14.00 -55.40 -5.47
C GLU B 411 13.52 -56.73 -4.88
N GLU B 412 12.98 -56.70 -3.67
CA GLU B 412 12.50 -57.92 -3.02
C GLU B 412 11.39 -58.58 -3.81
N ALA B 413 10.46 -57.79 -4.32
CA ALA B 413 9.33 -58.31 -5.08
C ALA B 413 9.73 -59.06 -6.35
N TYR B 414 10.46 -58.40 -7.24
CA TYR B 414 10.86 -59.03 -8.49
C TYR B 414 11.80 -60.23 -8.34
N THR B 415 12.90 -60.05 -7.62
CA THR B 415 13.85 -61.15 -7.44
C THR B 415 13.16 -62.38 -6.83
N LEU B 416 12.29 -62.16 -5.85
CA LEU B 416 11.59 -63.25 -5.19
C LEU B 416 10.48 -63.94 -5.98
N THR B 417 9.98 -63.30 -7.04
CA THR B 417 8.93 -63.91 -7.85
C THR B 417 9.54 -64.29 -9.19
N GLU B 418 10.87 -64.27 -9.24
CA GLU B 418 11.60 -64.59 -10.46
C GLU B 418 11.13 -63.72 -11.61
N GLY B 419 10.70 -62.50 -11.30
CA GLY B 419 10.24 -61.57 -12.31
C GLY B 419 8.82 -61.77 -12.80
N ARG B 420 8.04 -62.61 -12.11
CA ARG B 420 6.67 -62.87 -12.54
C ARG B 420 5.60 -61.97 -11.90
N CYS B 421 5.93 -61.30 -10.80
CA CYS B 421 4.97 -60.44 -10.12
C CYS B 421 4.63 -59.15 -10.88
N LEU B 422 3.48 -58.58 -10.55
CA LEU B 422 3.04 -57.32 -11.12
C LEU B 422 3.16 -56.42 -9.90
N PHE B 423 4.14 -55.52 -9.91
CA PHE B 423 4.41 -54.67 -8.75
C PHE B 423 4.09 -53.19 -8.86
N ALA B 424 3.76 -52.60 -7.72
CA ALA B 424 3.46 -51.18 -7.63
C ALA B 424 3.73 -50.80 -6.17
N SER B 425 4.24 -49.60 -5.96
CA SER B 425 4.53 -49.13 -4.61
C SER B 425 4.08 -47.68 -4.45
N GLY B 426 3.89 -47.26 -3.21
CA GLY B 426 3.47 -45.89 -2.94
C GLY B 426 4.63 -44.92 -3.08
N SER B 427 5.82 -45.39 -2.70
CA SER B 427 7.03 -44.57 -2.80
C SER B 427 7.91 -45.06 -3.95
N PRO B 428 8.71 -44.17 -4.55
CA PRO B 428 9.60 -44.48 -5.67
C PRO B 428 10.70 -45.51 -5.48
N PHE B 429 10.85 -46.38 -6.46
CA PHE B 429 11.89 -47.40 -6.49
C PHE B 429 12.45 -47.42 -7.90
N GLY B 430 13.77 -47.43 -8.04
CA GLY B 430 14.37 -47.45 -9.35
C GLY B 430 14.22 -48.80 -10.02
N PRO B 431 14.53 -48.91 -11.32
CA PRO B 431 14.42 -50.17 -12.06
C PRO B 431 15.19 -51.28 -11.36
N VAL B 432 14.76 -52.52 -11.55
CA VAL B 432 15.42 -53.65 -10.93
C VAL B 432 15.99 -54.62 -11.96
N LYS B 433 17.21 -55.09 -11.71
CA LYS B 433 17.88 -56.04 -12.61
C LYS B 433 18.25 -57.31 -11.86
N LEU B 434 17.63 -58.42 -12.24
CA LEU B 434 17.91 -59.71 -11.61
C LEU B 434 19.26 -60.22 -12.06
N THR B 435 19.90 -61.06 -11.25
CA THR B 435 21.21 -61.63 -11.62
C THR B 435 21.00 -62.24 -12.99
N ASP B 436 19.74 -62.49 -13.29
CA ASP B 436 19.31 -63.05 -14.55
C ASP B 436 19.76 -62.17 -15.70
N GLY B 437 19.36 -60.89 -15.66
CA GLY B 437 19.73 -59.97 -16.72
C GLY B 437 18.49 -59.26 -17.21
N ARG B 438 17.36 -59.57 -16.60
CA ARG B 438 16.08 -58.97 -16.97
C ARG B 438 15.87 -57.66 -16.20
N VAL B 439 15.39 -56.64 -16.89
CA VAL B 439 15.16 -55.33 -16.27
C VAL B 439 13.67 -55.05 -16.10
N PHE B 440 13.28 -54.71 -14.88
CA PHE B 440 11.88 -54.40 -14.55
C PHE B 440 11.74 -53.00 -13.96
N THR B 441 10.88 -52.19 -14.55
CA THR B 441 10.66 -50.83 -14.08
C THR B 441 9.31 -50.75 -13.37
N PRO B 442 9.32 -50.69 -12.03
CA PRO B 442 8.13 -50.61 -11.18
C PRO B 442 7.38 -49.29 -11.28
N GLY B 443 6.05 -49.37 -11.24
CA GLY B 443 5.24 -48.17 -11.29
C GLY B 443 4.98 -47.69 -9.88
N GLN B 444 4.58 -46.43 -9.73
CA GLN B 444 4.32 -45.92 -8.40
C GLN B 444 2.81 -45.75 -8.21
N GLY B 445 2.21 -46.61 -7.39
CA GLY B 445 0.78 -46.51 -7.15
C GLY B 445 0.55 -45.45 -6.08
N ASN B 446 0.55 -44.19 -6.49
CA ASN B 446 0.35 -43.08 -5.56
C ASN B 446 -0.75 -42.15 -6.06
N ASN B 447 -1.64 -41.70 -5.19
CA ASN B 447 -2.75 -40.85 -5.62
C ASN B 447 -2.34 -39.55 -6.30
N VAL B 448 -1.05 -39.25 -6.29
CA VAL B 448 -0.56 -38.04 -6.94
C VAL B 448 -0.98 -38.13 -8.41
N TYR B 449 -1.19 -39.36 -8.88
CA TYR B 449 -1.62 -39.59 -10.26
C TYR B 449 -3.11 -39.25 -10.43
N ILE B 450 -3.82 -39.12 -9.31
CA ILE B 450 -5.26 -38.85 -9.35
C ILE B 450 -5.77 -37.47 -8.92
N PHE B 451 -5.43 -37.05 -7.70
CA PHE B 451 -5.97 -35.77 -7.23
C PHE B 451 -5.73 -34.51 -8.08
N PRO B 452 -4.60 -34.42 -8.78
CA PRO B 452 -4.44 -33.19 -9.56
C PRO B 452 -5.44 -33.10 -10.71
N GLY B 453 -5.54 -34.16 -11.50
CA GLY B 453 -6.46 -34.16 -12.63
C GLY B 453 -7.91 -34.03 -12.22
N VAL B 454 -8.28 -34.71 -11.14
CA VAL B 454 -9.65 -34.65 -10.64
C VAL B 454 -9.95 -33.24 -10.11
N ALA B 455 -9.03 -32.71 -9.31
CA ALA B 455 -9.21 -31.38 -8.75
C ALA B 455 -9.45 -30.36 -9.85
N LEU B 456 -8.60 -30.38 -10.88
CA LEU B 456 -8.73 -29.44 -11.99
C LEU B 456 -10.11 -29.50 -12.66
N ALA B 457 -10.58 -30.71 -12.96
CA ALA B 457 -11.88 -30.87 -13.60
C ALA B 457 -12.99 -30.31 -12.71
N VAL B 458 -12.98 -30.67 -11.43
CA VAL B 458 -14.00 -30.21 -10.51
C VAL B 458 -14.06 -28.68 -10.43
N ILE B 459 -12.89 -28.06 -10.31
CA ILE B 459 -12.78 -26.62 -10.24
C ILE B 459 -13.28 -25.94 -11.52
N LEU B 460 -12.85 -26.46 -12.67
CA LEU B 460 -13.25 -25.89 -13.95
C LEU B 460 -14.74 -26.04 -14.24
N CYS B 461 -15.33 -27.12 -13.74
CA CYS B 461 -16.75 -27.39 -13.97
C CYS B 461 -17.68 -26.77 -12.93
N ASN B 462 -17.12 -26.10 -11.93
CA ASN B 462 -17.94 -25.49 -10.88
C ASN B 462 -18.79 -26.58 -10.26
N THR B 463 -18.19 -27.73 -10.04
CA THR B 463 -18.87 -28.89 -9.46
C THR B 463 -19.20 -28.63 -8.00
N ARG B 464 -20.39 -29.03 -7.58
CA ARG B 464 -20.86 -28.82 -6.21
C ARG B 464 -20.52 -29.94 -5.25
N HIS B 465 -20.58 -31.18 -5.72
CA HIS B 465 -20.28 -32.32 -4.88
C HIS B 465 -19.57 -33.41 -5.68
N ILE B 466 -18.73 -34.18 -5.01
CA ILE B 466 -17.96 -35.24 -5.68
C ILE B 466 -18.40 -36.66 -5.30
N SER B 467 -19.01 -37.37 -6.24
CA SER B 467 -19.45 -38.73 -5.99
C SER B 467 -18.27 -39.68 -6.20
N ASP B 468 -18.39 -40.91 -5.71
CA ASP B 468 -17.31 -41.86 -5.90
C ASP B 468 -17.15 -42.24 -7.37
N SER B 469 -18.24 -42.14 -8.13
CA SER B 469 -18.18 -42.50 -9.54
C SER B 469 -17.19 -41.63 -10.30
N VAL B 470 -16.88 -40.47 -9.74
CA VAL B 470 -15.92 -39.58 -10.37
C VAL B 470 -14.55 -40.23 -10.28
N PHE B 471 -14.28 -40.92 -9.17
CA PHE B 471 -13.00 -41.58 -9.02
C PHE B 471 -12.93 -42.84 -9.88
N LEU B 472 -14.06 -43.49 -10.11
CA LEU B 472 -14.10 -44.67 -10.93
C LEU B 472 -13.68 -44.21 -12.32
N GLU B 473 -14.23 -43.08 -12.75
CA GLU B 473 -13.94 -42.53 -14.05
C GLU B 473 -12.49 -42.08 -14.14
N ALA B 474 -11.93 -41.59 -13.03
CA ALA B 474 -10.54 -41.15 -13.01
C ALA B 474 -9.62 -42.36 -13.16
N ALA B 475 -9.96 -43.45 -12.48
CA ALA B 475 -9.16 -44.66 -12.54
C ALA B 475 -9.07 -45.16 -13.98
N LYS B 476 -10.20 -45.14 -14.69
CA LYS B 476 -10.24 -45.59 -16.07
C LYS B 476 -9.41 -44.67 -16.97
N ALA B 477 -9.49 -43.36 -16.72
CA ALA B 477 -8.76 -42.37 -17.50
C ALA B 477 -7.26 -42.49 -17.32
N LEU B 478 -6.83 -42.88 -16.12
CA LEU B 478 -5.41 -43.05 -15.86
C LEU B 478 -4.91 -44.25 -16.65
N THR B 479 -5.58 -45.39 -16.48
CA THR B 479 -5.16 -46.61 -17.17
C THR B 479 -5.33 -46.59 -18.69
N SER B 480 -6.30 -45.84 -19.17
CA SER B 480 -6.53 -45.76 -20.62
C SER B 480 -5.36 -45.10 -21.34
N GLN B 481 -4.44 -44.52 -20.59
CA GLN B 481 -3.29 -43.86 -21.20
C GLN B 481 -2.08 -44.77 -21.26
N LEU B 482 -2.13 -45.87 -20.53
CA LEU B 482 -1.04 -46.83 -20.51
C LEU B 482 -0.87 -47.52 -21.86
N THR B 483 0.31 -47.41 -22.46
CA THR B 483 0.59 -48.04 -23.75
C THR B 483 1.15 -49.44 -23.55
N ASP B 484 0.80 -50.36 -24.44
CA ASP B 484 1.27 -51.74 -24.36
C ASP B 484 2.77 -51.79 -24.06
N GLU B 485 3.56 -51.07 -24.84
CA GLU B 485 5.01 -51.02 -24.68
C GLU B 485 5.43 -50.78 -23.24
N GLU B 486 4.61 -50.05 -22.48
CA GLU B 486 4.92 -49.75 -21.09
C GLU B 486 4.56 -50.90 -20.15
N LEU B 487 3.52 -51.65 -20.48
CA LEU B 487 3.13 -52.79 -19.65
C LEU B 487 4.29 -53.77 -19.69
N ALA B 488 4.88 -53.89 -20.87
CA ALA B 488 6.01 -54.79 -21.10
C ALA B 488 7.19 -54.47 -20.20
N GLN B 489 7.41 -53.19 -19.92
CA GLN B 489 8.53 -52.78 -19.07
C GLN B 489 8.26 -53.11 -17.60
N GLY B 490 7.00 -53.39 -17.29
CA GLY B 490 6.62 -53.72 -15.93
C GLY B 490 5.82 -52.57 -15.33
N ARG B 491 5.53 -51.57 -16.15
CA ARG B 491 4.79 -50.38 -15.74
C ARG B 491 3.27 -50.59 -15.73
N LEU B 492 2.65 -50.39 -14.58
CA LEU B 492 1.21 -50.51 -14.43
C LEU B 492 0.59 -49.11 -14.53
N TYR B 493 1.45 -48.10 -14.63
CA TYR B 493 1.00 -46.71 -14.73
C TYR B 493 1.84 -45.95 -15.75
N PRO B 494 1.29 -44.86 -16.32
CA PRO B 494 2.03 -44.06 -17.29
C PRO B 494 3.30 -43.58 -16.62
N PRO B 495 4.37 -43.33 -17.39
CA PRO B 495 5.62 -42.87 -16.80
C PRO B 495 5.44 -41.57 -16.00
N LEU B 496 5.97 -41.53 -14.80
CA LEU B 496 5.85 -40.37 -13.96
C LEU B 496 6.36 -39.12 -14.68
N ALA B 497 7.29 -39.31 -15.62
CA ALA B 497 7.83 -38.19 -16.38
C ALA B 497 6.75 -37.48 -17.19
N ASN B 498 5.65 -38.16 -17.49
CA ASN B 498 4.56 -37.57 -18.26
C ASN B 498 3.36 -37.25 -17.37
N ILE B 499 3.58 -37.13 -16.07
CA ILE B 499 2.48 -36.87 -15.15
C ILE B 499 1.70 -35.58 -15.41
N GLN B 500 2.33 -34.59 -16.05
CA GLN B 500 1.65 -33.33 -16.35
C GLN B 500 0.61 -33.60 -17.43
N GLU B 501 1.04 -34.23 -18.51
CA GLU B 501 0.16 -34.56 -19.62
C GLU B 501 -0.90 -35.56 -19.17
N VAL B 502 -0.51 -36.53 -18.36
CA VAL B 502 -1.45 -37.54 -17.87
C VAL B 502 -2.55 -36.90 -17.03
N SER B 503 -2.18 -35.92 -16.20
CA SER B 503 -3.15 -35.24 -15.35
C SER B 503 -4.15 -34.43 -16.17
N ILE B 504 -3.66 -33.72 -17.19
CA ILE B 504 -4.54 -32.93 -18.04
C ILE B 504 -5.54 -33.86 -18.76
N ASN B 505 -5.08 -35.02 -19.21
CA ASN B 505 -5.98 -35.98 -19.87
C ASN B 505 -7.03 -36.47 -18.89
N ILE B 506 -6.64 -36.68 -17.64
CA ILE B 506 -7.58 -37.13 -16.63
C ILE B 506 -8.66 -36.05 -16.45
N ALA B 507 -8.23 -34.78 -16.35
CA ALA B 507 -9.16 -33.68 -16.17
C ALA B 507 -10.13 -33.58 -17.35
N ILE B 508 -9.65 -33.84 -18.55
CA ILE B 508 -10.52 -33.77 -19.72
C ILE B 508 -11.58 -34.86 -19.65
N LYS B 509 -11.20 -36.07 -19.27
CA LYS B 509 -12.14 -37.17 -19.17
C LYS B 509 -13.15 -36.90 -18.06
N VAL B 510 -12.68 -36.32 -16.96
CA VAL B 510 -13.58 -36.04 -15.85
C VAL B 510 -14.53 -34.87 -16.15
N THR B 511 -14.07 -33.86 -16.89
CA THR B 511 -14.96 -32.74 -17.20
C THR B 511 -16.08 -33.23 -18.10
N GLU B 512 -15.75 -34.11 -19.05
CA GLU B 512 -16.74 -34.66 -19.97
C GLU B 512 -17.71 -35.54 -19.19
N TYR B 513 -17.19 -36.27 -18.23
CA TYR B 513 -18.01 -37.14 -17.39
C TYR B 513 -18.96 -36.29 -16.56
N LEU B 514 -18.43 -35.25 -15.91
CA LEU B 514 -19.24 -34.38 -15.08
C LEU B 514 -20.36 -33.72 -15.88
N TYR B 515 -20.04 -33.15 -17.02
CA TYR B 515 -21.05 -32.52 -17.85
C TYR B 515 -22.07 -33.56 -18.32
N ALA B 516 -21.58 -34.64 -18.90
CA ALA B 516 -22.45 -35.72 -19.39
C ALA B 516 -23.41 -36.20 -18.30
N ASN B 517 -22.99 -36.13 -17.05
CA ASN B 517 -23.83 -36.59 -15.95
C ASN B 517 -24.50 -35.45 -15.19
N LYS B 518 -24.57 -34.29 -15.82
CA LYS B 518 -25.21 -33.12 -15.21
C LYS B 518 -24.70 -32.83 -13.80
N MSE B 519 -23.38 -32.74 -13.66
CA MSE B 519 -22.76 -32.46 -12.36
C MSE B 519 -21.90 -31.21 -12.45
O MSE B 519 -21.31 -30.79 -11.45
CB MSE B 519 -21.91 -33.64 -11.92
CG MSE B 519 -22.67 -34.97 -11.84
SE MSE B 519 -21.54 -36.42 -11.25
CE MSE B 519 -22.29 -36.75 -9.50
N ALA B 520 -21.81 -30.63 -13.64
CA ALA B 520 -21.04 -29.42 -13.87
C ALA B 520 -22.00 -28.24 -13.96
N PHE B 521 -21.60 -27.09 -13.47
CA PHE B 521 -22.47 -25.91 -13.52
C PHE B 521 -21.83 -24.73 -14.25
N ARG B 522 -20.67 -24.95 -14.82
CA ARG B 522 -19.98 -23.91 -15.56
C ARG B 522 -20.73 -23.71 -16.89
N TYR B 523 -21.23 -22.49 -17.13
CA TYR B 523 -21.96 -22.21 -18.35
C TYR B 523 -21.30 -21.08 -19.13
N PRO B 524 -21.33 -21.14 -20.47
CA PRO B 524 -21.94 -22.22 -21.26
C PRO B 524 -21.09 -23.49 -21.20
N GLU B 525 -21.67 -24.62 -21.59
CA GLU B 525 -20.93 -25.86 -21.60
C GLU B 525 -20.01 -25.80 -22.82
N PRO B 526 -18.70 -26.03 -22.63
CA PRO B 526 -17.80 -25.99 -23.77
C PRO B 526 -18.09 -27.14 -24.74
N GLU B 527 -17.96 -26.88 -26.04
CA GLU B 527 -18.20 -27.93 -27.02
C GLU B 527 -17.00 -28.88 -27.01
N ASP B 528 -15.81 -28.31 -27.01
CA ASP B 528 -14.57 -29.08 -27.00
C ASP B 528 -13.90 -29.01 -25.63
N LYS B 529 -14.12 -30.03 -24.81
CA LYS B 529 -13.55 -30.07 -23.46
C LYS B 529 -12.01 -30.05 -23.44
N ALA B 530 -11.39 -30.77 -24.36
CA ALA B 530 -9.93 -30.81 -24.43
C ALA B 530 -9.37 -29.41 -24.56
N LYS B 531 -9.92 -28.64 -25.50
CA LYS B 531 -9.48 -27.28 -25.75
C LYS B 531 -9.82 -26.40 -24.54
N TYR B 532 -10.96 -26.67 -23.92
CA TYR B 532 -11.42 -25.92 -22.76
C TYR B 532 -10.43 -26.04 -21.60
N VAL B 533 -10.02 -27.26 -21.27
CA VAL B 533 -9.09 -27.48 -20.16
C VAL B 533 -7.69 -26.95 -20.46
N LYS B 534 -7.14 -27.29 -21.62
CA LYS B 534 -5.79 -26.86 -21.98
C LYS B 534 -5.64 -25.35 -21.98
N GLU B 535 -6.69 -24.64 -22.39
CA GLU B 535 -6.65 -23.18 -22.43
C GLU B 535 -6.63 -22.53 -21.05
N ARG B 536 -7.07 -23.26 -20.03
CA ARG B 536 -7.13 -22.70 -18.68
C ARG B 536 -6.05 -23.16 -17.70
N THR B 537 -5.09 -23.95 -18.14
CA THR B 537 -4.03 -24.39 -17.24
C THR B 537 -2.99 -23.29 -17.04
N TRP B 538 -2.55 -23.12 -15.79
CA TRP B 538 -1.57 -22.11 -15.44
C TRP B 538 -0.19 -22.52 -15.97
N ARG B 539 0.54 -21.59 -16.56
CA ARG B 539 1.87 -21.85 -17.11
C ARG B 539 2.97 -21.24 -16.21
N SER B 540 4.15 -21.85 -16.22
CA SER B 540 5.26 -21.34 -15.40
C SER B 540 6.04 -20.24 -16.09
N GLU B 541 5.74 -19.97 -17.36
CA GLU B 541 6.44 -18.92 -18.10
C GLU B 541 6.05 -17.55 -17.54
N TYR B 542 7.01 -16.64 -17.47
CA TYR B 542 6.74 -15.30 -16.94
C TYR B 542 5.70 -14.57 -17.78
N ASP B 543 4.88 -13.75 -17.12
CA ASP B 543 3.89 -12.94 -17.82
C ASP B 543 4.44 -11.52 -17.81
N SER B 544 3.95 -10.68 -18.70
CA SER B 544 4.40 -9.29 -18.74
C SER B 544 3.65 -8.52 -17.66
N LEU B 545 4.36 -7.70 -16.90
CA LEU B 545 3.72 -6.90 -15.85
C LEU B 545 3.60 -5.45 -16.30
N LEU B 546 3.91 -5.21 -17.58
CA LEU B 546 3.84 -3.87 -18.13
C LEU B 546 2.43 -3.30 -18.19
N PRO B 547 2.27 -2.00 -17.89
CA PRO B 547 0.95 -1.39 -17.95
C PRO B 547 0.63 -1.24 -19.43
N ASP B 548 -0.66 -1.19 -19.77
CA ASP B 548 -1.08 -1.07 -21.16
C ASP B 548 -0.89 0.35 -21.70
N VAL B 549 0.21 0.58 -22.41
CA VAL B 549 0.47 1.90 -22.98
C VAL B 549 0.20 1.87 -24.48
N TYR B 550 -0.59 2.82 -24.97
CA TYR B 550 -0.92 2.88 -26.40
C TYR B 550 -1.34 4.28 -26.82
N GLU B 551 -1.13 4.58 -28.10
CA GLU B 551 -1.45 5.90 -28.62
C GLU B 551 -2.92 6.05 -29.00
N TRP B 552 -3.48 7.22 -28.72
CA TRP B 552 -4.88 7.51 -29.03
C TRP B 552 -4.93 8.14 -30.42
N PRO B 553 -6.01 7.88 -31.17
CA PRO B 553 -6.18 8.43 -32.51
C PRO B 553 -6.18 9.96 -32.52
N ILE C 1 -10.73 -4.91 6.08
CA ILE C 1 -9.83 -4.06 5.29
C ILE C 1 -8.38 -4.32 5.65
N LYS C 2 -7.48 -4.12 4.69
CA LYS C 2 -6.06 -4.33 4.90
C LYS C 2 -5.31 -3.01 5.05
N GLU C 3 -6.00 -1.91 4.80
CA GLU C 3 -5.39 -0.59 4.88
C GLU C 3 -5.53 0.06 6.25
N LYS C 4 -4.51 0.82 6.67
CA LYS C 4 -4.56 1.51 7.95
C LYS C 4 -3.98 2.92 7.80
N GLY C 5 -4.17 3.75 8.80
CA GLY C 5 -3.66 5.11 8.70
C GLY C 5 -4.50 5.96 7.76
N LYS C 6 -3.94 7.12 7.41
CA LYS C 6 -4.60 8.10 6.55
C LYS C 6 -5.41 7.53 5.40
N PRO C 7 -4.91 6.48 4.73
CA PRO C 7 -5.68 5.91 3.62
C PRO C 7 -7.11 5.53 4.00
N LEU C 8 -7.33 5.14 5.25
CA LEU C 8 -8.68 4.77 5.69
C LEU C 8 -9.60 5.97 5.61
N MSE C 9 -9.03 7.16 5.77
CA MSE C 9 -9.80 8.39 5.74
C MSE C 9 -10.00 8.94 4.33
O MSE C 9 -11.02 9.56 4.06
CB MSE C 9 -9.13 9.43 6.63
CG MSE C 9 -9.08 8.99 8.09
SE MSE C 9 -7.95 10.10 9.16
CE MSE C 9 -8.59 11.86 8.62
N LEU C 10 -9.03 8.71 3.46
CA LEU C 10 -9.09 9.20 2.08
C LEU C 10 -10.05 8.38 1.21
N ASN C 11 -10.37 7.17 1.65
CA ASN C 11 -11.29 6.34 0.88
C ASN C 11 -12.70 6.48 1.46
N PRO C 12 -13.65 7.08 0.71
CA PRO C 12 -15.02 7.25 1.21
C PRO C 12 -15.69 5.93 1.61
N ARG C 13 -15.25 4.82 1.04
CA ARG C 13 -15.80 3.52 1.35
C ARG C 13 -15.59 3.18 2.84
N THR C 14 -14.45 3.60 3.37
CA THR C 14 -14.11 3.31 4.77
C THR C 14 -14.17 4.50 5.74
N ASN C 15 -14.04 5.72 5.23
CA ASN C 15 -14.04 6.88 6.09
C ASN C 15 -15.29 7.11 6.94
N LYS C 16 -15.09 7.24 8.26
CA LYS C 16 -16.19 7.48 9.18
C LYS C 16 -16.10 8.87 9.80
N GLY C 17 -15.05 9.62 9.47
CA GLY C 17 -14.89 10.93 10.06
C GLY C 17 -14.76 10.78 11.56
N MSE C 18 -15.34 11.70 12.32
CA MSE C 18 -15.27 11.65 13.78
C MSE C 18 -16.03 10.47 14.39
O MSE C 18 -16.08 10.34 15.61
CB MSE C 18 -15.75 12.95 14.39
CG MSE C 18 -14.79 14.11 14.19
SE MSE C 18 -15.39 15.76 14.99
CE MSE C 18 -16.41 16.52 13.51
N ALA C 19 -16.63 9.61 13.56
CA ALA C 19 -17.35 8.45 14.07
C ALA C 19 -16.42 7.28 14.31
N PHE C 20 -15.14 7.42 13.94
CA PHE C 20 -14.17 6.36 14.19
C PHE C 20 -14.08 6.33 15.72
N THR C 21 -14.29 5.17 16.34
CA THR C 21 -14.24 5.10 17.80
C THR C 21 -12.82 5.33 18.31
N LEU C 22 -12.69 5.65 19.58
CA LEU C 22 -11.37 5.89 20.17
C LEU C 22 -10.44 4.71 19.96
N GLN C 23 -10.96 3.50 20.16
CA GLN C 23 -10.14 2.30 20.00
C GLN C 23 -9.76 2.07 18.54
N GLU C 24 -10.66 2.39 17.62
CA GLU C 24 -10.37 2.21 16.21
C GLU C 24 -9.25 3.15 15.80
N ARG C 25 -9.30 4.38 16.28
CA ARG C 25 -8.27 5.36 15.95
C ARG C 25 -6.90 4.91 16.44
N GLN C 26 -6.82 4.44 17.68
CA GLN C 26 -5.55 4.01 18.24
C GLN C 26 -5.01 2.76 17.55
N MSE C 27 -5.88 1.80 17.29
CA MSE C 27 -5.41 0.58 16.65
C MSE C 27 -5.12 0.74 15.16
O MSE C 27 -4.27 0.04 14.63
CB MSE C 27 -6.43 -0.54 16.86
CG MSE C 27 -6.63 -0.93 18.33
SE MSE C 27 -7.45 -2.67 18.59
CE MSE C 27 -6.85 -3.06 20.39
N LEU C 28 -5.79 1.67 14.49
CA LEU C 28 -5.58 1.84 13.05
C LEU C 28 -4.69 3.01 12.66
N GLY C 29 -3.99 3.60 13.64
CA GLY C 29 -3.10 4.71 13.35
C GLY C 29 -3.75 6.01 12.93
N LEU C 30 -4.93 6.30 13.46
CA LEU C 30 -5.67 7.52 13.12
C LEU C 30 -5.65 8.54 14.26
N GLN C 31 -5.14 8.14 15.43
CA GLN C 31 -5.11 9.04 16.58
C GLN C 31 -4.34 10.30 16.23
N GLY C 32 -4.95 11.45 16.47
CA GLY C 32 -4.31 12.71 16.18
C GLY C 32 -4.67 13.27 14.81
N LEU C 33 -5.14 12.40 13.91
CA LEU C 33 -5.51 12.83 12.56
C LEU C 33 -6.97 13.29 12.53
N LEU C 34 -7.67 13.07 13.63
CA LEU C 34 -9.08 13.47 13.75
C LEU C 34 -9.22 14.29 15.01
N PRO C 35 -10.23 15.17 15.08
CA PRO C 35 -10.43 16.00 16.27
C PRO C 35 -10.67 15.04 17.43
N PRO C 36 -10.40 15.46 18.68
CA PRO C 36 -10.61 14.57 19.83
C PRO C 36 -12.06 14.08 20.01
N LYS C 37 -12.99 14.77 19.36
CA LYS C 37 -14.42 14.42 19.45
C LYS C 37 -14.79 13.11 18.78
N ILE C 38 -15.59 12.30 19.47
CA ILE C 38 -16.07 11.02 18.97
C ILE C 38 -17.55 11.26 18.67
N GLU C 39 -17.96 11.15 17.40
CA GLU C 39 -19.35 11.38 17.07
C GLU C 39 -20.09 10.10 16.69
N THR C 40 -21.40 10.22 16.57
CA THR C 40 -22.23 9.10 16.18
C THR C 40 -22.74 9.47 14.80
N GLN C 41 -23.27 8.51 14.08
CA GLN C 41 -23.78 8.81 12.76
C GLN C 41 -24.97 9.77 12.88
N ASP C 42 -25.71 9.70 13.99
CA ASP C 42 -26.86 10.58 14.17
C ASP C 42 -26.43 12.04 14.21
N ILE C 43 -25.29 12.31 14.85
CA ILE C 43 -24.77 13.68 14.94
C ILE C 43 -24.36 14.18 13.56
N GLN C 44 -23.72 13.31 12.80
CA GLN C 44 -23.27 13.65 11.45
C GLN C 44 -24.49 13.92 10.56
N ALA C 45 -25.54 13.13 10.71
CA ALA C 45 -26.74 13.32 9.92
C ALA C 45 -27.38 14.67 10.24
N LEU C 46 -27.36 15.04 11.52
CA LEU C 46 -27.92 16.32 11.95
C LEU C 46 -27.16 17.48 11.30
N ARG C 47 -25.84 17.36 11.28
CA ARG C 47 -25.01 18.41 10.68
C ARG C 47 -25.47 18.59 9.24
N PHE C 48 -25.63 17.48 8.52
CA PHE C 48 -26.06 17.53 7.13
C PHE C 48 -27.38 18.24 6.93
N HIS C 49 -28.44 17.80 7.62
CA HIS C 49 -29.74 18.42 7.45
C HIS C 49 -29.70 19.89 7.85
N ARG C 50 -28.89 20.23 8.84
CA ARG C 50 -28.75 21.60 9.29
C ARG C 50 -28.28 22.43 8.09
N ASN C 51 -27.22 21.97 7.42
CA ASN C 51 -26.67 22.66 6.25
C ASN C 51 -27.59 22.62 5.05
N LEU C 52 -28.23 21.50 4.81
CA LEU C 52 -29.12 21.36 3.67
C LEU C 52 -30.28 22.36 3.73
N LYS C 53 -30.83 22.53 4.93
CA LYS C 53 -31.95 23.44 5.15
C LYS C 53 -31.64 24.85 4.67
N LYS C 54 -30.43 25.33 4.93
CA LYS C 54 -30.03 26.67 4.53
C LYS C 54 -29.71 26.85 3.04
N MSE C 55 -29.67 25.76 2.28
CA MSE C 55 -29.36 25.88 0.85
C MSE C 55 -30.58 26.26 0.03
O MSE C 55 -31.70 25.87 0.35
CB MSE C 55 -28.75 24.60 0.33
CG MSE C 55 -27.39 24.34 0.92
SE MSE C 55 -26.55 22.78 0.22
CE MSE C 55 -24.91 22.81 1.26
N THR C 56 -30.33 27.01 -1.04
CA THR C 56 -31.41 27.48 -1.88
C THR C 56 -31.75 26.66 -3.12
N SER C 57 -30.80 26.49 -4.04
CA SER C 57 -31.09 25.77 -5.27
C SER C 57 -30.90 24.26 -5.26
N PRO C 58 -31.69 23.54 -6.09
CA PRO C 58 -31.62 22.09 -6.19
C PRO C 58 -30.22 21.62 -6.60
N LEU C 59 -29.63 22.28 -7.59
CA LEU C 59 -28.30 21.89 -8.05
C LEU C 59 -27.26 22.06 -6.93
N GLU C 60 -27.40 23.09 -6.12
CA GLU C 60 -26.45 23.30 -5.03
C GLU C 60 -26.57 22.11 -4.07
N LYS C 61 -27.80 21.63 -3.86
CA LYS C 61 -28.04 20.49 -2.99
C LYS C 61 -27.49 19.22 -3.62
N TYR C 62 -27.58 19.11 -4.94
CA TYR C 62 -27.06 17.94 -5.65
C TYR C 62 -25.54 17.85 -5.45
N ILE C 63 -24.86 18.98 -5.62
CA ILE C 63 -23.40 19.04 -5.47
C ILE C 63 -23.00 18.66 -4.05
N TYR C 64 -23.72 19.21 -3.09
CA TYR C 64 -23.44 18.94 -1.69
C TYR C 64 -23.61 17.46 -1.36
N ILE C 65 -24.79 16.90 -1.61
CA ILE C 65 -25.01 15.51 -1.25
C ILE C 65 -24.16 14.53 -2.07
N MSE C 66 -24.04 14.74 -3.37
CA MSE C 66 -23.23 13.83 -4.18
C MSE C 66 -21.76 13.90 -3.74
O MSE C 66 -21.02 12.93 -3.89
CB MSE C 66 -23.36 14.13 -5.68
CG MSE C 66 -24.77 13.90 -6.25
SE MSE C 66 -25.58 12.16 -5.79
CE MSE C 66 -24.42 10.98 -6.82
N GLY C 67 -21.35 15.04 -3.19
CA GLY C 67 -20.00 15.18 -2.71
C GLY C 67 -19.76 14.31 -1.48
N ILE C 68 -20.81 14.06 -0.70
CA ILE C 68 -20.68 13.23 0.49
C ILE C 68 -20.37 11.80 0.08
N GLN C 69 -20.96 11.34 -1.03
CA GLN C 69 -20.69 9.99 -1.50
C GLN C 69 -19.18 9.80 -1.76
N GLU C 70 -18.47 10.89 -2.03
CA GLU C 70 -17.03 10.84 -2.29
C GLU C 70 -16.22 11.16 -1.03
N ARG C 71 -16.90 11.31 0.10
CA ARG C 71 -16.24 11.64 1.34
C ARG C 71 -16.49 10.57 2.39
N ASN C 72 -17.76 10.23 2.59
CA ASN C 72 -18.15 9.23 3.58
C ASN C 72 -19.34 8.49 2.99
N GLU C 73 -19.09 7.34 2.38
CA GLU C 73 -20.15 6.56 1.75
C GLU C 73 -21.27 6.13 2.69
N LYS C 74 -20.93 5.66 3.87
CA LYS C 74 -21.92 5.24 4.85
C LYS C 74 -22.89 6.38 5.17
N LEU C 75 -22.34 7.57 5.41
CA LEU C 75 -23.15 8.73 5.74
C LEU C 75 -24.04 9.19 4.58
N PHE C 76 -23.53 9.05 3.36
CA PHE C 76 -24.26 9.42 2.15
C PHE C 76 -25.56 8.65 2.11
N TYR C 77 -25.47 7.33 2.32
CA TYR C 77 -26.67 6.52 2.28
C TYR C 77 -27.55 6.73 3.51
N ARG C 78 -26.95 7.02 4.66
CA ARG C 78 -27.75 7.28 5.86
C ARG C 78 -28.60 8.52 5.58
N ILE C 79 -28.01 9.49 4.89
CA ILE C 79 -28.69 10.74 4.55
C ILE C 79 -29.86 10.51 3.59
N LEU C 80 -29.67 9.69 2.58
CA LEU C 80 -30.73 9.39 1.64
C LEU C 80 -31.83 8.65 2.40
N GLN C 81 -31.41 7.71 3.25
CA GLN C 81 -32.33 6.92 4.06
C GLN C 81 -33.20 7.75 5.00
N ASP C 82 -32.65 8.79 5.61
CA ASP C 82 -33.42 9.62 6.53
C ASP C 82 -34.69 10.19 5.90
N ASP C 83 -34.63 10.55 4.61
CA ASP C 83 -35.80 11.12 3.94
C ASP C 83 -35.63 11.01 2.43
N ILE C 84 -35.83 9.80 1.92
CA ILE C 84 -35.68 9.53 0.50
C ILE C 84 -36.66 10.31 -0.39
N GLU C 85 -37.87 10.55 0.09
CA GLU C 85 -38.83 11.26 -0.75
C GLU C 85 -38.43 12.69 -1.03
N SER C 86 -37.89 13.37 -0.02
CA SER C 86 -37.48 14.76 -0.22
C SER C 86 -36.17 14.90 -1.00
N LEU C 87 -35.31 13.88 -0.96
CA LEU C 87 -34.03 13.98 -1.66
C LEU C 87 -34.05 13.39 -3.05
N MSE C 88 -35.00 12.50 -3.31
CA MSE C 88 -35.16 11.87 -4.61
C MSE C 88 -35.12 12.87 -5.76
O MSE C 88 -34.40 12.65 -6.73
CB MSE C 88 -36.47 11.09 -4.64
CG MSE C 88 -36.68 10.25 -5.89
SE MSE C 88 -35.52 8.71 -5.92
CE MSE C 88 -36.59 7.50 -4.83
N PRO C 89 -35.90 13.96 -5.67
CA PRO C 89 -35.93 14.97 -6.74
C PRO C 89 -34.57 15.66 -6.92
N ILE C 90 -33.70 15.53 -5.92
CA ILE C 90 -32.38 16.16 -6.00
C ILE C 90 -31.34 15.23 -6.65
N VAL C 91 -31.24 14.00 -6.17
CA VAL C 91 -30.27 13.05 -6.72
C VAL C 91 -30.77 12.36 -7.96
N TYR C 92 -32.08 12.42 -8.18
CA TYR C 92 -32.68 11.76 -9.33
C TYR C 92 -33.48 12.80 -10.13
N THR C 93 -34.49 12.39 -10.89
CA THR C 93 -35.26 13.36 -11.65
C THR C 93 -36.03 14.29 -10.71
N PRO C 94 -36.11 15.59 -11.05
CA PRO C 94 -35.54 16.22 -12.24
C PRO C 94 -34.13 16.80 -12.12
N THR C 95 -33.66 17.06 -10.91
CA THR C 95 -32.34 17.67 -10.76
C THR C 95 -31.18 16.90 -11.41
N VAL C 96 -31.25 15.57 -11.47
CA VAL C 96 -30.15 14.84 -12.10
C VAL C 96 -30.02 15.28 -13.56
N GLY C 97 -31.15 15.64 -14.17
CA GLY C 97 -31.11 16.09 -15.56
C GLY C 97 -30.34 17.39 -15.67
N LEU C 98 -30.59 18.28 -14.71
CA LEU C 98 -29.90 19.55 -14.69
C LEU C 98 -28.40 19.31 -14.47
N ALA C 99 -28.04 18.44 -13.54
CA ALA C 99 -26.64 18.13 -13.27
C ALA C 99 -25.96 17.57 -14.53
N CYS C 100 -26.62 16.67 -15.23
CA CYS C 100 -26.05 16.12 -16.45
C CYS C 100 -25.80 17.20 -17.52
N SER C 101 -26.77 18.06 -17.76
CA SER C 101 -26.58 19.10 -18.77
C SER C 101 -25.41 20.02 -18.40
N GLN C 102 -24.99 20.02 -17.14
CA GLN C 102 -23.89 20.86 -16.69
C GLN C 102 -22.79 20.03 -16.02
N TYR C 103 -22.72 18.75 -16.34
CA TYR C 103 -21.75 17.87 -15.71
C TYR C 103 -20.31 18.38 -15.71
N GLY C 104 -19.84 18.91 -16.84
CA GLY C 104 -18.49 19.40 -16.91
C GLY C 104 -18.24 20.70 -16.16
N HIS C 105 -19.30 21.44 -15.82
CA HIS C 105 -19.17 22.69 -15.09
C HIS C 105 -19.13 22.48 -13.59
N ILE C 106 -19.75 21.41 -13.10
CA ILE C 106 -19.78 21.15 -11.67
C ILE C 106 -18.84 20.02 -11.24
N PHE C 107 -18.05 19.53 -12.20
CA PHE C 107 -17.11 18.44 -11.94
C PHE C 107 -16.09 18.72 -10.83
N ARG C 108 -15.87 17.73 -9.97
CA ARG C 108 -14.89 17.83 -8.88
C ARG C 108 -14.08 16.54 -8.84
N ARG C 109 -14.77 15.41 -8.94
CA ARG C 109 -14.13 14.10 -8.93
C ARG C 109 -14.90 13.19 -9.87
N PRO C 110 -14.21 12.27 -10.55
CA PRO C 110 -14.92 11.38 -11.46
C PRO C 110 -15.55 10.23 -10.69
N LYS C 111 -16.53 9.59 -11.29
CA LYS C 111 -17.20 8.45 -10.68
C LYS C 111 -17.35 7.43 -11.80
N GLY C 112 -17.26 6.14 -11.48
CA GLY C 112 -17.41 5.12 -12.50
C GLY C 112 -16.28 4.98 -13.51
N LEU C 113 -16.46 4.04 -14.44
CA LEU C 113 -15.47 3.77 -15.49
C LEU C 113 -15.83 4.45 -16.80
N PHE C 114 -14.83 4.98 -17.49
CA PHE C 114 -15.04 5.64 -18.77
C PHE C 114 -14.27 4.85 -19.85
N ILE C 115 -14.99 4.39 -20.86
CA ILE C 115 -14.37 3.63 -21.95
C ILE C 115 -14.71 4.34 -23.25
N SER C 116 -13.69 4.83 -23.95
CA SER C 116 -13.92 5.53 -25.21
C SER C 116 -13.56 4.70 -26.43
N ILE C 117 -14.06 5.12 -27.58
CA ILE C 117 -13.78 4.41 -28.81
C ILE C 117 -12.27 4.37 -29.04
N SER C 118 -11.56 5.35 -28.52
CA SER C 118 -10.10 5.43 -28.66
C SER C 118 -9.40 4.33 -27.86
N ASP C 119 -10.14 3.64 -27.00
CA ASP C 119 -9.56 2.57 -26.20
C ASP C 119 -9.89 1.21 -26.80
N ARG C 120 -10.45 1.20 -27.99
CA ARG C 120 -10.80 -0.05 -28.63
C ARG C 120 -9.56 -0.94 -28.69
N GLY C 121 -9.71 -2.20 -28.27
CA GLY C 121 -8.61 -3.13 -28.27
C GLY C 121 -7.97 -3.21 -26.90
N HIS C 122 -8.24 -2.23 -26.05
CA HIS C 122 -7.65 -2.18 -24.72
C HIS C 122 -8.67 -2.04 -23.60
N VAL C 123 -9.91 -2.45 -23.86
CA VAL C 123 -10.95 -2.31 -22.84
C VAL C 123 -10.67 -3.12 -21.60
N ARG C 124 -10.12 -4.32 -21.74
CA ARG C 124 -9.84 -5.15 -20.58
C ARG C 124 -8.91 -4.47 -19.57
N SER C 125 -7.86 -3.79 -20.06
CA SER C 125 -6.94 -3.15 -19.14
C SER C 125 -7.63 -2.01 -18.39
N ILE C 126 -8.66 -1.42 -19.01
CA ILE C 126 -9.41 -0.35 -18.35
C ILE C 126 -10.22 -0.99 -17.23
N VAL C 127 -10.88 -2.11 -17.53
CA VAL C 127 -11.67 -2.81 -16.54
C VAL C 127 -10.80 -3.31 -15.38
N ASP C 128 -9.55 -3.65 -15.66
CA ASP C 128 -8.66 -4.12 -14.61
C ASP C 128 -8.22 -2.98 -13.71
N ASN C 129 -8.47 -1.74 -14.12
CA ASN C 129 -8.08 -0.59 -13.31
C ASN C 129 -9.09 -0.28 -12.20
N TRP C 130 -10.32 -0.79 -12.32
CA TRP C 130 -11.32 -0.54 -11.27
C TRP C 130 -10.79 -1.20 -10.00
N PRO C 131 -10.76 -0.47 -8.88
CA PRO C 131 -10.28 -0.91 -7.57
C PRO C 131 -11.04 -2.06 -6.89
N GLU C 132 -12.33 -2.18 -7.16
CA GLU C 132 -13.15 -3.22 -6.54
C GLU C 132 -13.07 -4.57 -7.24
N ASN C 133 -12.91 -5.63 -6.46
CA ASN C 133 -12.75 -6.98 -6.98
C ASN C 133 -13.98 -7.84 -7.24
N HIS C 134 -15.07 -7.61 -6.51
CA HIS C 134 -16.24 -8.44 -6.75
C HIS C 134 -17.48 -7.66 -7.15
N VAL C 135 -17.42 -7.04 -8.32
CA VAL C 135 -18.54 -6.26 -8.84
C VAL C 135 -19.68 -7.20 -9.21
N LYS C 136 -20.90 -6.85 -8.81
CA LYS C 136 -22.06 -7.68 -9.11
C LYS C 136 -23.08 -6.97 -10.01
N ALA C 137 -22.97 -5.65 -10.15
CA ALA C 137 -23.90 -4.89 -10.95
C ALA C 137 -23.29 -3.71 -11.69
N VAL C 138 -23.59 -3.61 -12.97
CA VAL C 138 -23.09 -2.54 -13.81
C VAL C 138 -24.26 -1.82 -14.47
N VAL C 139 -24.19 -0.48 -14.52
CA VAL C 139 -25.19 0.31 -15.22
C VAL C 139 -24.36 1.08 -16.23
N VAL C 140 -24.67 0.91 -17.50
CA VAL C 140 -23.90 1.54 -18.55
C VAL C 140 -24.75 2.38 -19.50
N THR C 141 -24.15 3.46 -20.01
CA THR C 141 -24.83 4.33 -20.95
C THR C 141 -23.80 4.88 -21.93
N ASP C 142 -24.26 5.39 -23.06
CA ASP C 142 -23.37 6.01 -24.03
C ASP C 142 -23.81 7.47 -24.14
N GLY C 143 -24.76 7.83 -23.27
CA GLY C 143 -25.27 9.19 -23.21
C GLY C 143 -26.02 9.75 -24.40
N GLU C 144 -26.51 8.90 -25.30
CA GLU C 144 -27.22 9.42 -26.47
C GLU C 144 -28.68 9.79 -26.21
N ARG C 145 -29.31 9.21 -25.18
CA ARG C 145 -30.70 9.55 -24.87
C ARG C 145 -30.85 9.72 -23.35
N ILE C 146 -30.30 10.81 -22.81
CA ILE C 146 -30.36 11.09 -21.37
C ILE C 146 -31.71 11.70 -21.02
N LEU C 147 -32.58 10.91 -20.37
CA LEU C 147 -33.93 11.35 -20.04
C LEU C 147 -34.50 11.94 -21.34
N GLY C 148 -35.25 13.03 -21.25
CA GLY C 148 -35.79 13.64 -22.46
C GLY C 148 -34.92 14.78 -22.93
N LEU C 149 -33.65 14.73 -22.51
CA LEU C 149 -32.69 15.78 -22.86
C LEU C 149 -31.89 15.45 -24.11
N GLY C 150 -32.01 14.23 -24.62
CA GLY C 150 -31.27 13.86 -25.81
C GLY C 150 -29.83 13.48 -25.56
N ASP C 151 -29.00 13.71 -26.57
CA ASP C 151 -27.56 13.39 -26.56
C ASP C 151 -26.72 14.35 -25.73
N LEU C 152 -26.24 13.89 -24.58
CA LEU C 152 -25.39 14.71 -23.72
C LEU C 152 -23.97 14.13 -23.63
N GLY C 153 -23.71 13.09 -24.41
CA GLY C 153 -22.40 12.46 -24.41
C GLY C 153 -21.93 12.03 -23.04
N VAL C 154 -20.66 12.25 -22.76
CA VAL C 154 -20.10 11.85 -21.47
C VAL C 154 -20.74 12.59 -20.29
N TYR C 155 -21.47 13.68 -20.55
CA TYR C 155 -22.15 14.37 -19.46
C TYR C 155 -23.25 13.45 -18.95
N GLY C 156 -23.54 12.41 -19.73
CA GLY C 156 -24.57 11.46 -19.35
C GLY C 156 -24.14 10.51 -18.24
N MSE C 157 -22.87 10.55 -17.86
CA MSE C 157 -22.38 9.67 -16.79
C MSE C 157 -23.18 9.90 -15.51
O MSE C 157 -23.25 9.01 -14.67
CB MSE C 157 -20.90 9.93 -16.51
CG MSE C 157 -20.36 9.15 -15.31
SE MSE C 157 -20.61 7.21 -15.42
CE MSE C 157 -18.77 6.66 -15.73
N GLY C 158 -23.78 11.07 -15.37
CA GLY C 158 -24.57 11.36 -14.18
C GLY C 158 -25.72 10.38 -13.97
N ILE C 159 -26.21 9.80 -15.06
CA ILE C 159 -27.32 8.85 -14.97
C ILE C 159 -26.94 7.51 -14.33
N PRO C 160 -25.90 6.82 -14.86
CA PRO C 160 -25.52 5.53 -14.25
C PRO C 160 -25.19 5.71 -12.77
N VAL C 161 -24.57 6.84 -12.44
CA VAL C 161 -24.20 7.16 -11.07
C VAL C 161 -25.46 7.28 -10.19
N GLY C 162 -26.46 8.00 -10.68
CA GLY C 162 -27.68 8.16 -9.90
C GLY C 162 -28.45 6.85 -9.78
N LYS C 163 -28.53 6.10 -10.86
CA LYS C 163 -29.24 4.82 -10.84
C LYS C 163 -28.62 3.88 -9.81
N LEU C 164 -27.29 3.80 -9.78
CA LEU C 164 -26.64 2.91 -8.83
C LEU C 164 -26.80 3.38 -7.39
N CYS C 165 -26.97 4.68 -7.17
CA CYS C 165 -27.18 5.16 -5.81
C CYS C 165 -28.51 4.60 -5.33
N LEU C 166 -29.46 4.50 -6.25
CA LEU C 166 -30.79 3.97 -5.92
C LEU C 166 -30.74 2.46 -5.69
N TYR C 167 -29.80 1.79 -6.35
CA TYR C 167 -29.62 0.34 -6.15
C TYR C 167 -29.41 0.14 -4.65
N THR C 168 -28.54 0.97 -4.07
CA THR C 168 -28.23 0.88 -2.66
C THR C 168 -29.28 1.51 -1.76
N ALA C 169 -29.70 2.73 -2.09
CA ALA C 169 -30.68 3.42 -1.27
C ALA C 169 -32.02 2.69 -1.20
N CYS C 170 -32.45 2.12 -2.32
CA CYS C 170 -33.74 1.43 -2.35
C CYS C 170 -33.72 -0.07 -2.03
N ALA C 171 -32.75 -0.80 -2.57
CA ALA C 171 -32.69 -2.24 -2.37
C ALA C 171 -31.54 -2.78 -1.53
N GLY C 172 -30.75 -1.90 -0.92
CA GLY C 172 -29.65 -2.37 -0.10
C GLY C 172 -28.59 -3.18 -0.81
N ILE C 173 -28.36 -2.90 -2.09
CA ILE C 173 -27.32 -3.60 -2.85
C ILE C 173 -25.99 -2.98 -2.42
N ARG C 174 -24.97 -3.80 -2.18
CA ARG C 174 -23.67 -3.28 -1.73
C ARG C 174 -23.05 -2.30 -2.72
N PRO C 175 -22.82 -1.06 -2.29
CA PRO C 175 -22.23 -0.06 -3.20
C PRO C 175 -20.88 -0.48 -3.80
N ASP C 176 -20.07 -1.20 -3.04
CA ASP C 176 -18.76 -1.61 -3.54
C ASP C 176 -18.89 -2.73 -4.59
N ARG C 177 -20.12 -3.19 -4.82
CA ARG C 177 -20.37 -4.22 -5.82
C ARG C 177 -21.04 -3.58 -7.06
N CYS C 178 -21.10 -2.25 -7.09
CA CYS C 178 -21.74 -1.55 -8.21
C CYS C 178 -20.74 -0.77 -9.07
N LEU C 179 -20.96 -0.75 -10.39
CA LEU C 179 -20.05 -0.07 -11.27
C LEU C 179 -20.72 0.78 -12.34
N PRO C 180 -20.62 2.12 -12.24
CA PRO C 180 -21.25 2.97 -13.25
C PRO C 180 -20.30 3.00 -14.45
N VAL C 181 -20.82 2.92 -15.67
CA VAL C 181 -19.96 2.94 -16.83
C VAL C 181 -20.48 3.86 -17.92
N CYS C 182 -19.57 4.59 -18.56
CA CYS C 182 -19.94 5.47 -19.65
C CYS C 182 -19.11 5.11 -20.87
N ILE C 183 -19.78 4.79 -21.96
CA ILE C 183 -19.11 4.45 -23.20
C ILE C 183 -19.11 5.72 -24.04
N ASP C 184 -17.92 6.21 -24.36
CA ASP C 184 -17.79 7.44 -25.14
C ASP C 184 -17.32 7.14 -26.57
N VAL C 185 -18.19 7.39 -27.55
CA VAL C 185 -17.82 7.18 -28.94
C VAL C 185 -18.06 8.48 -29.66
N GLY C 186 -18.14 9.57 -28.90
CA GLY C 186 -18.39 10.88 -29.46
C GLY C 186 -19.78 11.33 -29.12
N THR C 187 -20.17 12.49 -29.62
CA THR C 187 -21.50 13.04 -29.38
C THR C 187 -21.89 13.92 -30.55
N ASP C 188 -23.18 13.97 -30.87
CA ASP C 188 -23.64 14.81 -31.97
C ASP C 188 -24.20 16.11 -31.43
N ASN C 189 -23.94 16.38 -30.16
CA ASN C 189 -24.41 17.60 -29.53
C ASN C 189 -23.45 18.73 -29.88
N ILE C 190 -23.88 19.63 -30.76
CA ILE C 190 -23.05 20.75 -31.20
C ILE C 190 -22.56 21.64 -30.07
N ALA C 191 -23.45 22.04 -29.17
CA ALA C 191 -23.04 22.90 -28.07
C ALA C 191 -21.93 22.28 -27.25
N LEU C 192 -22.03 20.98 -26.96
CA LEU C 192 -20.98 20.31 -26.18
C LEU C 192 -19.63 20.29 -26.89
N LEU C 193 -19.64 20.07 -28.21
CA LEU C 193 -18.39 20.02 -28.96
C LEU C 193 -17.64 21.34 -28.91
N LYS C 194 -18.33 22.41 -28.50
CA LYS C 194 -17.71 23.71 -28.40
C LYS C 194 -17.56 24.10 -26.94
N ASP C 195 -17.92 23.19 -26.04
CA ASP C 195 -17.81 23.45 -24.59
C ASP C 195 -16.39 23.10 -24.16
N PRO C 196 -15.63 24.08 -23.64
CA PRO C 196 -14.26 23.82 -23.19
C PRO C 196 -14.21 22.89 -21.97
N PHE C 197 -15.34 22.76 -21.28
CA PHE C 197 -15.41 21.91 -20.10
C PHE C 197 -15.95 20.51 -20.41
N TYR C 198 -16.29 20.26 -21.67
CA TYR C 198 -16.81 18.94 -22.04
C TYR C 198 -15.84 17.86 -21.55
N MSE C 199 -16.38 16.72 -21.13
CA MSE C 199 -15.58 15.64 -20.58
C MSE C 199 -15.27 14.45 -21.49
O MSE C 199 -14.58 13.53 -21.07
CB MSE C 199 -16.25 15.11 -19.31
CG MSE C 199 -16.29 16.15 -18.18
SE MSE C 199 -17.64 15.78 -16.84
CE MSE C 199 -16.91 14.16 -16.05
N GLY C 200 -15.78 14.46 -22.72
CA GLY C 200 -15.50 13.34 -23.60
C GLY C 200 -14.71 13.69 -24.84
N LEU C 201 -14.65 12.75 -25.78
CA LEU C 201 -13.94 12.94 -27.03
C LEU C 201 -14.64 14.01 -27.89
N TYR C 202 -13.85 14.94 -28.43
CA TYR C 202 -14.42 15.99 -29.27
C TYR C 202 -14.59 15.49 -30.70
N GLN C 203 -15.60 14.66 -30.92
CA GLN C 203 -15.91 14.12 -32.25
C GLN C 203 -17.39 13.73 -32.28
N LYS C 204 -17.95 13.59 -33.47
CA LYS C 204 -19.33 13.17 -33.63
C LYS C 204 -19.39 11.69 -33.27
N ARG C 205 -20.58 11.15 -33.04
CA ARG C 205 -20.70 9.75 -32.68
C ARG C 205 -20.24 8.78 -33.75
N ASP C 206 -19.47 7.77 -33.33
CA ASP C 206 -18.99 6.73 -34.23
C ASP C 206 -20.15 5.75 -34.38
N ARG C 207 -20.78 5.71 -35.54
CA ARG C 207 -21.92 4.81 -35.76
C ARG C 207 -21.58 3.64 -36.67
N THR C 208 -20.29 3.39 -36.89
CA THR C 208 -19.86 2.28 -37.73
C THR C 208 -19.87 1.00 -36.90
N GLN C 209 -19.39 -0.09 -37.50
CA GLN C 209 -19.33 -1.38 -36.82
C GLN C 209 -18.35 -1.32 -35.63
N GLN C 210 -17.44 -0.35 -35.64
CA GLN C 210 -16.49 -0.24 -34.54
C GLN C 210 -17.24 0.01 -33.23
N TYR C 211 -18.38 0.69 -33.34
CA TYR C 211 -19.22 0.97 -32.18
C TYR C 211 -19.70 -0.36 -31.57
N ASP C 212 -20.30 -1.21 -32.42
CA ASP C 212 -20.78 -2.51 -31.98
C ASP C 212 -19.64 -3.34 -31.39
N ASP C 213 -18.48 -3.30 -32.06
CA ASP C 213 -17.32 -4.05 -31.61
C ASP C 213 -16.90 -3.56 -30.22
N LEU C 214 -16.95 -2.26 -30.01
CA LEU C 214 -16.56 -1.70 -28.71
C LEU C 214 -17.49 -2.24 -27.62
N ILE C 215 -18.80 -2.15 -27.83
CA ILE C 215 -19.77 -2.63 -26.85
C ILE C 215 -19.55 -4.11 -26.59
N ASP C 216 -19.22 -4.86 -27.64
CA ASP C 216 -18.99 -6.28 -27.51
C ASP C 216 -17.73 -6.51 -26.69
N GLU C 217 -16.69 -5.71 -26.95
CA GLU C 217 -15.44 -5.83 -26.20
C GLU C 217 -15.68 -5.53 -24.72
N PHE C 218 -16.58 -4.59 -24.46
CA PHE C 218 -16.93 -4.19 -23.10
C PHE C 218 -17.67 -5.32 -22.37
N MSE C 219 -18.66 -5.90 -23.03
CA MSE C 219 -19.42 -6.98 -22.44
C MSE C 219 -18.50 -8.14 -22.06
O MSE C 219 -18.60 -8.70 -20.96
CB MSE C 219 -20.50 -7.46 -23.41
CG MSE C 219 -21.55 -6.41 -23.74
SE MSE C 219 -22.56 -5.83 -22.18
CE MSE C 219 -24.00 -7.13 -22.23
N LYS C 220 -17.58 -8.49 -22.96
CA LYS C 220 -16.65 -9.58 -22.69
C LYS C 220 -15.67 -9.24 -21.56
N ALA C 221 -15.09 -8.04 -21.61
CA ALA C 221 -14.15 -7.61 -20.58
C ALA C 221 -14.78 -7.62 -19.19
N ILE C 222 -15.98 -7.07 -19.07
CA ILE C 222 -16.67 -7.02 -17.78
C ILE C 222 -16.92 -8.42 -17.22
N THR C 223 -17.48 -9.30 -18.04
CA THR C 223 -17.77 -10.66 -17.62
C THR C 223 -16.50 -11.47 -17.40
N ASP C 224 -15.45 -11.21 -18.18
CA ASP C 224 -14.21 -11.95 -18.01
C ASP C 224 -13.61 -11.69 -16.64
N ARG C 225 -13.69 -10.45 -16.17
CA ARG C 225 -13.14 -10.16 -14.86
C ARG C 225 -14.07 -10.47 -13.69
N TYR C 226 -15.34 -10.11 -13.80
CA TYR C 226 -16.27 -10.31 -12.70
C TYR C 226 -17.23 -11.48 -12.80
N GLY C 227 -17.27 -12.16 -13.93
CA GLY C 227 -18.16 -13.29 -14.04
C GLY C 227 -19.26 -13.15 -15.08
N ARG C 228 -19.69 -14.29 -15.60
CA ARG C 228 -20.72 -14.38 -16.62
C ARG C 228 -22.09 -13.91 -16.13
N ASN C 229 -22.37 -14.04 -14.85
CA ASN C 229 -23.66 -13.62 -14.33
C ASN C 229 -23.68 -12.21 -13.76
N THR C 230 -22.68 -11.39 -14.08
CA THR C 230 -22.64 -10.01 -13.61
C THR C 230 -23.83 -9.28 -14.25
N LEU C 231 -24.68 -8.68 -13.42
CA LEU C 231 -25.85 -7.96 -13.91
C LEU C 231 -25.44 -6.72 -14.68
N ILE C 232 -25.87 -6.61 -15.93
CA ILE C 232 -25.52 -5.46 -16.75
C ILE C 232 -26.79 -4.73 -17.19
N GLN C 233 -27.00 -3.53 -16.66
CA GLN C 233 -28.18 -2.73 -16.98
C GLN C 233 -27.88 -1.64 -17.99
N PHE C 234 -28.46 -1.72 -19.18
CA PHE C 234 -28.24 -0.70 -20.19
C PHE C 234 -29.16 0.47 -19.83
N GLU C 235 -28.64 1.69 -19.90
CA GLU C 235 -29.44 2.86 -19.55
C GLU C 235 -29.21 4.04 -20.48
N ASP C 236 -30.30 4.65 -20.92
CA ASP C 236 -30.27 5.81 -21.80
C ASP C 236 -29.44 5.74 -23.09
N PHE C 237 -29.46 4.58 -23.74
CA PHE C 237 -28.79 4.43 -25.02
C PHE C 237 -29.80 5.00 -26.02
N GLY C 238 -29.36 5.29 -27.24
CA GLY C 238 -30.26 5.81 -28.26
C GLY C 238 -31.25 4.76 -28.72
N ASN C 239 -32.31 5.19 -29.40
CA ASN C 239 -33.33 4.27 -29.87
C ASN C 239 -32.88 3.10 -30.74
N HIS C 240 -32.07 3.34 -31.76
CA HIS C 240 -31.64 2.24 -32.61
C HIS C 240 -30.81 1.19 -31.88
N ASN C 241 -29.89 1.62 -31.03
CA ASN C 241 -29.03 0.69 -30.31
C ASN C 241 -29.67 -0.01 -29.12
N ALA C 242 -30.60 0.67 -28.44
CA ALA C 242 -31.23 0.07 -27.27
C ALA C 242 -31.83 -1.32 -27.50
N PHE C 243 -32.70 -1.44 -28.48
CA PHE C 243 -33.32 -2.73 -28.76
C PHE C 243 -32.31 -3.72 -29.32
N ARG C 244 -31.42 -3.21 -30.16
CA ARG C 244 -30.39 -3.99 -30.82
C ARG C 244 -29.53 -4.77 -29.82
N PHE C 245 -28.97 -4.06 -28.84
CA PHE C 245 -28.12 -4.68 -27.84
C PHE C 245 -28.91 -5.57 -26.89
N LEU C 246 -30.13 -5.16 -26.55
CA LEU C 246 -30.94 -5.99 -25.66
C LEU C 246 -31.14 -7.35 -26.31
N ARG C 247 -31.54 -7.35 -27.58
CA ARG C 247 -31.78 -8.60 -28.30
C ARG C 247 -30.50 -9.39 -28.49
N LYS C 248 -29.42 -8.72 -28.87
CA LYS C 248 -28.16 -9.39 -29.09
C LYS C 248 -27.56 -10.02 -27.83
N TYR C 249 -27.73 -9.40 -26.67
CA TYR C 249 -27.12 -9.92 -25.46
C TYR C 249 -27.99 -10.59 -24.39
N ARG C 250 -29.30 -10.40 -24.43
CA ARG C 250 -30.16 -10.98 -23.39
C ARG C 250 -30.05 -12.49 -23.18
N GLU C 251 -29.75 -13.24 -24.24
CA GLU C 251 -29.63 -14.68 -24.12
C GLU C 251 -28.18 -15.07 -23.85
N LYS C 252 -27.25 -14.13 -24.06
CA LYS C 252 -25.83 -14.40 -23.85
C LYS C 252 -25.31 -13.94 -22.49
N TYR C 253 -25.87 -12.86 -21.95
CA TYR C 253 -25.43 -12.34 -20.66
C TYR C 253 -26.60 -12.10 -19.73
N CYS C 254 -26.33 -11.64 -18.51
CA CYS C 254 -27.39 -11.34 -17.54
C CYS C 254 -27.58 -9.84 -17.69
N THR C 255 -28.38 -9.46 -18.68
CA THR C 255 -28.58 -8.06 -19.01
C THR C 255 -30.03 -7.68 -19.35
N PHE C 256 -30.36 -6.41 -19.14
CA PHE C 256 -31.69 -5.92 -19.47
C PHE C 256 -31.57 -4.43 -19.73
N ASN C 257 -32.58 -3.84 -20.36
CA ASN C 257 -32.55 -2.42 -20.63
C ASN C 257 -33.64 -1.76 -19.78
N ASP C 258 -33.20 -0.94 -18.84
CA ASP C 258 -34.09 -0.26 -17.91
C ASP C 258 -35.17 0.56 -18.60
N ASP C 259 -34.79 1.29 -19.64
CA ASP C 259 -35.70 2.15 -20.36
C ASP C 259 -36.83 1.40 -21.05
N ILE C 260 -36.51 0.23 -21.58
CA ILE C 260 -37.47 -0.60 -22.27
C ILE C 260 -38.28 -1.46 -21.29
N GLN C 261 -37.57 -2.28 -20.51
CA GLN C 261 -38.21 -3.21 -19.58
C GLN C 261 -38.60 -2.73 -18.19
N GLY C 262 -37.78 -1.88 -17.58
CA GLY C 262 -38.10 -1.38 -16.25
C GLY C 262 -39.29 -0.44 -16.30
N THR C 263 -39.31 0.38 -17.33
CA THR C 263 -40.41 1.34 -17.54
C THR C 263 -41.69 0.57 -17.83
N ALA C 264 -41.56 -0.51 -18.57
CA ALA C 264 -42.69 -1.35 -18.93
C ALA C 264 -43.41 -1.84 -17.67
N ALA C 265 -42.63 -2.39 -16.74
CA ALA C 265 -43.16 -2.92 -15.50
C ALA C 265 -43.85 -1.89 -14.60
N VAL C 266 -43.23 -0.72 -14.42
CA VAL C 266 -43.83 0.29 -13.56
C VAL C 266 -45.10 0.84 -14.22
N ALA C 267 -45.07 1.07 -15.53
CA ALA C 267 -46.28 1.57 -16.19
C ALA C 267 -47.38 0.52 -16.04
N LEU C 268 -47.07 -0.74 -16.37
CA LEU C 268 -48.06 -1.81 -16.25
C LEU C 268 -48.60 -1.87 -14.83
N ALA C 269 -47.73 -1.74 -13.84
CA ALA C 269 -48.20 -1.78 -12.46
C ALA C 269 -49.20 -0.66 -12.22
N GLY C 270 -49.00 0.48 -12.89
CA GLY C 270 -49.90 1.61 -12.74
C GLY C 270 -51.26 1.29 -13.32
N LEU C 271 -51.28 0.66 -14.48
CA LEU C 271 -52.53 0.27 -15.14
C LEU C 271 -53.29 -0.76 -14.30
N LEU C 272 -52.57 -1.69 -13.68
CA LEU C 272 -53.19 -2.71 -12.82
C LEU C 272 -53.90 -2.06 -11.64
N ALA C 273 -53.25 -1.06 -11.02
CA ALA C 273 -53.87 -0.38 -9.89
C ALA C 273 -55.11 0.34 -10.41
N ALA C 274 -55.00 0.94 -11.58
CA ALA C 274 -56.12 1.64 -12.18
C ALA C 274 -57.30 0.70 -12.36
N GLN C 275 -57.05 -0.49 -12.91
CA GLN C 275 -58.11 -1.45 -13.12
C GLN C 275 -58.84 -1.78 -11.82
N LYS C 276 -58.18 -1.59 -10.68
CA LYS C 276 -58.83 -1.87 -9.40
C LYS C 276 -59.98 -0.90 -9.18
N VAL C 277 -59.82 0.36 -9.61
CA VAL C 277 -60.87 1.35 -9.44
C VAL C 277 -61.88 1.32 -10.58
N ILE C 278 -61.41 1.13 -11.80
CA ILE C 278 -62.27 1.09 -12.97
C ILE C 278 -63.04 -0.24 -13.11
N SER C 279 -62.30 -1.34 -13.14
CA SER C 279 -62.90 -2.67 -13.26
C SER C 279 -63.52 -2.92 -14.63
N LYS C 280 -63.33 -1.99 -15.56
CA LYS C 280 -63.87 -2.10 -16.91
C LYS C 280 -63.31 -3.29 -17.68
N PRO C 281 -64.16 -3.98 -18.47
CA PRO C 281 -63.76 -5.15 -19.26
C PRO C 281 -62.54 -4.84 -20.15
N ILE C 282 -61.53 -5.70 -20.10
CA ILE C 282 -60.32 -5.50 -20.88
C ILE C 282 -60.59 -5.35 -22.37
N SER C 283 -61.75 -5.81 -22.82
CA SER C 283 -62.12 -5.72 -24.22
C SER C 283 -62.42 -4.26 -24.57
N GLU C 284 -62.71 -3.47 -23.55
CA GLU C 284 -63.00 -2.05 -23.74
C GLU C 284 -61.75 -1.20 -23.61
N HIS C 285 -60.64 -1.81 -23.22
CA HIS C 285 -59.38 -1.09 -23.07
C HIS C 285 -58.77 -0.75 -24.42
N LYS C 286 -58.52 0.53 -24.65
CA LYS C 286 -57.90 1.00 -25.89
C LYS C 286 -56.82 2.00 -25.48
N ILE C 287 -55.56 1.62 -25.68
CA ILE C 287 -54.46 2.48 -25.27
C ILE C 287 -53.87 3.27 -26.42
N LEU C 288 -53.53 4.53 -26.15
CA LEU C 288 -52.92 5.37 -27.17
C LEU C 288 -51.67 5.99 -26.57
N PHE C 289 -50.53 5.76 -27.21
CA PHE C 289 -49.25 6.28 -26.77
C PHE C 289 -48.87 7.55 -27.49
N LEU C 290 -48.24 8.48 -26.78
CA LEU C 290 -47.73 9.69 -27.40
C LEU C 290 -46.25 9.31 -27.39
N GLY C 291 -45.71 8.99 -28.56
CA GLY C 291 -44.32 8.56 -28.66
C GLY C 291 -44.35 7.09 -29.02
N ALA C 292 -43.35 6.62 -29.76
CA ALA C 292 -43.33 5.21 -30.17
C ALA C 292 -41.89 4.68 -30.13
N GLY C 293 -41.17 5.03 -29.07
CA GLY C 293 -39.79 4.60 -28.95
C GLY C 293 -39.58 3.50 -27.93
N GLU C 294 -38.42 3.54 -27.28
CA GLU C 294 -38.02 2.56 -26.28
C GLU C 294 -39.06 2.30 -25.20
N ALA C 295 -39.49 3.36 -24.52
CA ALA C 295 -40.45 3.23 -23.45
C ALA C 295 -41.83 2.79 -23.92
N ALA C 296 -42.32 3.40 -25.01
CA ALA C 296 -43.63 3.05 -25.54
C ALA C 296 -43.68 1.58 -25.96
N LEU C 297 -42.68 1.14 -26.71
CA LEU C 297 -42.62 -0.24 -27.18
C LEU C 297 -42.43 -1.22 -26.04
N GLY C 298 -41.62 -0.85 -25.05
CA GLY C 298 -41.40 -1.74 -23.93
C GLY C 298 -42.69 -1.89 -23.15
N ILE C 299 -43.35 -0.77 -22.89
CA ILE C 299 -44.60 -0.76 -22.15
C ILE C 299 -45.68 -1.52 -22.92
N ALA C 300 -45.81 -1.23 -24.20
CA ALA C 300 -46.81 -1.88 -25.03
C ALA C 300 -46.59 -3.39 -25.03
N ASN C 301 -45.35 -3.84 -25.21
CA ASN C 301 -45.07 -5.27 -25.21
C ASN C 301 -45.43 -5.97 -23.90
N LEU C 302 -45.23 -5.29 -22.77
CA LEU C 302 -45.55 -5.89 -21.49
C LEU C 302 -47.06 -5.87 -21.28
N ILE C 303 -47.72 -4.83 -21.75
CA ILE C 303 -49.16 -4.76 -21.61
C ILE C 303 -49.76 -5.94 -22.38
N VAL C 304 -49.26 -6.18 -23.59
CA VAL C 304 -49.75 -7.27 -24.41
C VAL C 304 -49.61 -8.60 -23.65
N MSE C 305 -48.45 -8.83 -23.04
CA MSE C 305 -48.21 -10.06 -22.29
C MSE C 305 -49.21 -10.19 -21.15
O MSE C 305 -49.64 -11.29 -20.82
CB MSE C 305 -46.80 -10.09 -21.72
CG MSE C 305 -45.72 -10.41 -22.74
SE MSE C 305 -43.96 -10.42 -21.92
CE MSE C 305 -44.32 -11.53 -20.37
N SER C 306 -49.56 -9.07 -20.53
CA SER C 306 -50.52 -9.07 -19.44
C SER C 306 -51.91 -9.45 -19.98
N MSE C 307 -52.29 -8.88 -21.12
CA MSE C 307 -53.58 -9.16 -21.71
C MSE C 307 -53.64 -10.63 -22.14
O MSE C 307 -54.63 -11.30 -21.89
CB MSE C 307 -53.82 -8.24 -22.92
CG MSE C 307 -54.17 -6.80 -22.57
SE MSE C 307 -54.32 -5.66 -24.17
CE MSE C 307 -54.77 -3.97 -23.33
N VAL C 308 -52.57 -11.10 -22.78
CA VAL C 308 -52.50 -12.48 -23.25
C VAL C 308 -52.61 -13.44 -22.06
N GLU C 309 -52.07 -13.02 -20.93
CA GLU C 309 -52.11 -13.83 -19.73
C GLU C 309 -53.55 -13.80 -19.22
N ASN C 310 -54.29 -12.78 -19.62
CA ASN C 310 -55.68 -12.62 -19.21
C ASN C 310 -56.68 -12.95 -20.32
N GLY C 311 -56.32 -13.86 -21.23
CA GLY C 311 -57.25 -14.23 -22.28
C GLY C 311 -56.83 -13.96 -23.71
N LEU C 312 -56.97 -12.70 -24.14
CA LEU C 312 -56.64 -12.30 -25.51
C LEU C 312 -55.41 -12.94 -26.11
N SER C 313 -55.43 -13.09 -27.43
CA SER C 313 -54.29 -13.65 -28.15
C SER C 313 -53.34 -12.48 -28.33
N GLU C 314 -52.11 -12.77 -28.76
CA GLU C 314 -51.14 -11.70 -28.93
C GLU C 314 -51.67 -10.67 -29.93
N GLN C 315 -52.20 -11.13 -31.06
CA GLN C 315 -52.70 -10.19 -32.06
C GLN C 315 -53.88 -9.36 -31.57
N GLU C 316 -54.82 -9.98 -30.85
CA GLU C 316 -55.97 -9.23 -30.34
C GLU C 316 -55.50 -8.09 -29.44
N ALA C 317 -54.57 -8.40 -28.55
CA ALA C 317 -54.04 -7.42 -27.62
C ALA C 317 -53.34 -6.27 -28.33
N GLN C 318 -52.46 -6.60 -29.26
CA GLN C 318 -51.72 -5.59 -30.00
C GLN C 318 -52.64 -4.63 -30.73
N LYS C 319 -53.79 -5.13 -31.17
CA LYS C 319 -54.77 -4.33 -31.88
C LYS C 319 -55.42 -3.28 -30.99
N LYS C 320 -55.28 -3.44 -29.68
CA LYS C 320 -55.87 -2.48 -28.76
C LYS C 320 -54.89 -1.37 -28.39
N ILE C 321 -53.71 -1.40 -28.98
CA ILE C 321 -52.68 -0.39 -28.72
C ILE C 321 -52.34 0.44 -29.95
N TRP C 322 -52.39 1.75 -29.82
CA TRP C 322 -52.05 2.65 -30.91
C TRP C 322 -50.93 3.57 -30.47
N MSE C 323 -50.14 4.08 -31.42
CA MSE C 323 -49.04 4.99 -31.10
C MSE C 323 -49.02 6.20 -32.03
O MSE C 323 -49.43 6.11 -33.19
CB MSE C 323 -47.71 4.26 -31.19
CG MSE C 323 -47.68 3.02 -30.34
SE MSE C 323 -45.96 2.17 -30.34
CE MSE C 323 -46.19 0.99 -28.83
N PHE C 324 -48.54 7.32 -31.51
CA PHE C 324 -48.48 8.57 -32.25
C PHE C 324 -47.12 9.22 -32.00
N ASP C 325 -46.22 9.17 -32.99
CA ASP C 325 -44.88 9.74 -32.81
C ASP C 325 -44.72 11.11 -33.44
N LYS C 326 -43.49 11.60 -33.49
CA LYS C 326 -43.21 12.92 -34.05
C LYS C 326 -43.78 13.15 -35.45
N TYR C 327 -44.00 12.09 -36.21
CA TYR C 327 -44.54 12.25 -37.57
C TYR C 327 -46.03 12.00 -37.65
N GLY C 328 -46.65 11.62 -36.53
CA GLY C 328 -48.07 11.37 -36.53
C GLY C 328 -48.42 9.97 -36.09
N LEU C 329 -49.68 9.60 -36.33
CA LEU C 329 -50.19 8.28 -35.96
C LEU C 329 -49.50 7.18 -36.76
N LEU C 330 -49.15 6.08 -36.12
CA LEU C 330 -48.50 4.98 -36.84
C LEU C 330 -49.56 4.14 -37.55
N VAL C 331 -49.65 4.29 -38.86
CA VAL C 331 -50.61 3.53 -39.66
C VAL C 331 -49.89 2.88 -40.84
N LYS C 332 -50.39 1.72 -41.27
CA LYS C 332 -49.80 1.01 -42.39
C LYS C 332 -49.84 1.90 -43.62
N GLY C 333 -48.73 2.00 -44.33
CA GLY C 333 -48.69 2.82 -45.53
C GLY C 333 -48.31 4.28 -45.34
N ARG C 334 -48.03 4.70 -44.11
CA ARG C 334 -47.65 6.10 -43.89
C ARG C 334 -46.24 6.31 -44.41
N LYS C 335 -45.92 7.53 -44.82
CA LYS C 335 -44.59 7.84 -45.35
C LYS C 335 -43.46 7.60 -44.37
N ALA C 336 -43.57 8.15 -43.16
CA ALA C 336 -42.52 7.99 -42.14
C ALA C 336 -42.20 6.54 -41.85
N LYS C 337 -40.92 6.26 -41.58
CA LYS C 337 -40.47 4.91 -41.30
C LYS C 337 -41.21 4.23 -40.15
N ILE C 338 -41.11 2.91 -40.11
CA ILE C 338 -41.73 2.09 -39.07
C ILE C 338 -40.80 0.89 -38.86
N ASP C 339 -40.18 0.81 -37.68
CA ASP C 339 -39.27 -0.29 -37.38
C ASP C 339 -40.01 -1.59 -37.07
N SER C 340 -39.27 -2.70 -37.12
CA SER C 340 -39.83 -4.03 -36.88
C SER C 340 -40.49 -4.17 -35.52
N TYR C 341 -40.13 -3.31 -34.57
CA TYR C 341 -40.74 -3.38 -33.25
C TYR C 341 -42.08 -2.63 -33.23
N GLN C 342 -42.19 -1.58 -34.04
CA GLN C 342 -43.41 -0.77 -34.12
C GLN C 342 -44.48 -1.39 -35.00
N GLU C 343 -44.05 -2.16 -35.99
CA GLU C 343 -44.95 -2.80 -36.93
C GLU C 343 -46.18 -3.45 -36.28
N PRO C 344 -45.98 -4.30 -35.26
CA PRO C 344 -47.08 -4.98 -34.56
C PRO C 344 -48.17 -4.03 -34.05
N PHE C 345 -47.82 -2.76 -33.84
CA PHE C 345 -48.79 -1.80 -33.34
C PHE C 345 -49.14 -0.77 -34.40
N THR C 346 -48.69 -1.02 -35.63
CA THR C 346 -48.97 -0.15 -36.75
C THR C 346 -50.18 -0.78 -37.45
N HIS C 347 -51.35 -0.17 -37.32
CA HIS C 347 -52.55 -0.71 -37.93
C HIS C 347 -53.02 0.08 -39.14
N SER C 348 -54.06 -0.41 -39.80
CA SER C 348 -54.61 0.26 -40.97
C SER C 348 -55.19 1.58 -40.46
N ALA C 349 -55.05 2.64 -41.26
CA ALA C 349 -55.54 3.94 -40.86
C ALA C 349 -57.02 3.90 -40.45
N PRO C 350 -57.39 4.64 -39.39
CA PRO C 350 -58.77 4.67 -38.93
C PRO C 350 -59.60 5.55 -39.87
N GLU C 351 -60.88 5.76 -39.57
CA GLU C 351 -61.74 6.57 -40.43
C GLU C 351 -61.01 7.75 -41.07
N SER C 352 -60.24 8.48 -40.27
CA SER C 352 -59.48 9.60 -40.77
C SER C 352 -58.09 9.59 -40.15
N ILE C 353 -57.16 10.33 -40.76
CA ILE C 353 -55.81 10.40 -40.24
C ILE C 353 -55.65 11.67 -39.43
N PRO C 354 -55.48 11.54 -38.10
CA PRO C 354 -55.33 12.68 -37.19
C PRO C 354 -54.08 13.52 -37.44
N ASP C 355 -54.26 14.83 -37.35
CA ASP C 355 -53.16 15.79 -37.54
C ASP C 355 -52.40 15.99 -36.24
N THR C 356 -53.14 16.09 -35.14
CA THR C 356 -52.54 16.30 -33.83
C THR C 356 -52.90 15.16 -32.88
N PHE C 357 -52.32 15.13 -31.69
CA PHE C 357 -52.62 14.06 -30.74
C PHE C 357 -54.05 14.23 -30.25
N GLU C 358 -54.54 15.47 -30.25
CA GLU C 358 -55.91 15.76 -29.84
C GLU C 358 -56.88 15.09 -30.81
N ASP C 359 -56.62 15.21 -32.11
CA ASP C 359 -57.50 14.59 -33.11
C ASP C 359 -57.47 13.08 -32.90
N ALA C 360 -56.28 12.55 -32.63
CA ALA C 360 -56.13 11.11 -32.41
C ALA C 360 -57.03 10.63 -31.27
N VAL C 361 -57.06 11.39 -30.18
CA VAL C 361 -57.90 11.03 -29.04
C VAL C 361 -59.38 11.03 -29.41
N ASN C 362 -59.79 11.99 -30.24
CA ASN C 362 -61.20 12.07 -30.64
C ASN C 362 -61.59 10.98 -31.62
N ILE C 363 -60.71 10.66 -32.57
CA ILE C 363 -60.98 9.62 -33.55
C ILE C 363 -60.91 8.22 -32.92
N LEU C 364 -59.80 7.93 -32.24
CA LEU C 364 -59.59 6.64 -31.59
C LEU C 364 -60.39 6.45 -30.30
N LYS C 365 -60.64 7.53 -29.57
CA LYS C 365 -61.39 7.48 -28.32
C LYS C 365 -60.83 6.49 -27.30
N PRO C 366 -59.51 6.56 -27.05
CA PRO C 366 -58.87 5.65 -26.09
C PRO C 366 -59.31 5.91 -24.65
N SER C 367 -59.15 4.91 -23.79
CA SER C 367 -59.50 5.02 -22.39
C SER C 367 -58.22 5.32 -21.60
N THR C 368 -57.07 5.14 -22.24
CA THR C 368 -55.77 5.36 -21.62
C THR C 368 -54.79 6.02 -22.58
N ILE C 369 -54.11 7.06 -22.13
CA ILE C 369 -53.08 7.70 -22.95
C ILE C 369 -51.80 7.68 -22.14
N ILE C 370 -50.69 7.32 -22.78
CA ILE C 370 -49.41 7.24 -22.09
C ILE C 370 -48.40 8.09 -22.83
N GLY C 371 -47.89 9.11 -22.15
CA GLY C 371 -46.93 9.99 -22.76
C GLY C 371 -45.49 9.63 -22.48
N VAL C 372 -44.76 9.29 -23.53
CA VAL C 372 -43.35 8.95 -23.43
C VAL C 372 -42.65 9.48 -24.68
N ALA C 373 -42.82 10.77 -24.92
CA ALA C 373 -42.22 11.43 -26.07
C ALA C 373 -41.04 12.32 -25.70
N GLY C 374 -40.94 12.70 -24.43
CA GLY C 374 -39.84 13.55 -24.00
C GLY C 374 -39.79 14.86 -24.78
N ALA C 375 -40.94 15.33 -25.23
CA ALA C 375 -41.00 16.55 -26.02
C ALA C 375 -41.79 17.71 -25.41
N GLY C 376 -42.10 17.65 -24.12
CA GLY C 376 -42.85 18.75 -23.52
C GLY C 376 -44.33 18.51 -23.26
N ARG C 377 -45.05 19.60 -22.98
CA ARG C 377 -46.46 19.54 -22.67
C ARG C 377 -47.39 19.23 -23.85
N LEU C 378 -47.29 18.02 -24.40
CA LEU C 378 -48.13 17.64 -25.54
C LEU C 378 -49.52 17.17 -25.13
N PHE C 379 -49.73 16.92 -23.83
CA PHE C 379 -51.06 16.54 -23.34
C PHE C 379 -51.70 17.88 -22.97
N THR C 380 -52.05 18.65 -23.99
CA THR C 380 -52.65 19.96 -23.85
C THR C 380 -53.96 19.94 -23.06
N PRO C 381 -54.46 21.12 -22.65
CA PRO C 381 -55.71 21.14 -21.91
C PRO C 381 -56.85 20.53 -22.74
N ASP C 382 -56.84 20.73 -24.05
CA ASP C 382 -57.88 20.15 -24.90
C ASP C 382 -57.76 18.64 -25.00
N VAL C 383 -56.53 18.13 -24.94
CA VAL C 383 -56.33 16.68 -25.00
C VAL C 383 -56.96 16.09 -23.75
N ILE C 384 -56.71 16.73 -22.61
CA ILE C 384 -57.23 16.28 -21.32
C ILE C 384 -58.76 16.42 -21.25
N ARG C 385 -59.30 17.52 -21.76
CA ARG C 385 -60.74 17.71 -21.76
C ARG C 385 -61.38 16.59 -22.58
N ALA C 386 -60.80 16.29 -23.74
CA ALA C 386 -61.32 15.23 -24.59
C ALA C 386 -61.35 13.90 -23.84
N MSE C 387 -60.28 13.58 -23.12
CA MSE C 387 -60.21 12.34 -22.36
C MSE C 387 -61.28 12.25 -21.28
O MSE C 387 -61.82 11.17 -21.04
CB MSE C 387 -58.82 12.19 -21.71
CG MSE C 387 -57.73 11.79 -22.69
SE MSE C 387 -58.11 10.07 -23.49
CE MSE C 387 -57.78 8.91 -21.98
N ALA C 388 -61.57 13.37 -20.63
CA ALA C 388 -62.58 13.41 -19.57
C ALA C 388 -63.99 13.34 -20.17
N SER C 389 -64.14 13.85 -21.38
CA SER C 389 -65.42 13.85 -22.07
C SER C 389 -65.73 12.46 -22.63
N ILE C 390 -64.69 11.76 -23.08
CA ILE C 390 -64.83 10.42 -23.64
C ILE C 390 -64.94 9.34 -22.58
N ASN C 391 -64.20 9.49 -21.48
CA ASN C 391 -64.19 8.48 -20.42
C ASN C 391 -64.64 9.02 -19.07
N GLU C 392 -65.30 8.17 -18.30
CA GLU C 392 -65.77 8.53 -16.97
C GLU C 392 -64.53 8.69 -16.07
N ARG C 393 -63.62 7.73 -16.16
CA ARG C 393 -62.39 7.74 -15.37
C ARG C 393 -61.22 7.52 -16.33
N PRO C 394 -60.80 8.57 -17.04
CA PRO C 394 -59.68 8.43 -17.98
C PRO C 394 -58.35 8.18 -17.30
N VAL C 395 -57.53 7.31 -17.89
CA VAL C 395 -56.22 7.03 -17.34
C VAL C 395 -55.23 7.88 -18.14
N ILE C 396 -54.52 8.77 -17.43
CA ILE C 396 -53.56 9.66 -18.07
C ILE C 396 -52.18 9.54 -17.45
N PHE C 397 -51.22 9.03 -18.22
CA PHE C 397 -49.85 8.87 -17.74
C PHE C 397 -48.89 9.77 -18.50
N ALA C 398 -48.31 10.74 -17.80
CA ALA C 398 -47.34 11.67 -18.37
C ALA C 398 -46.00 11.21 -17.79
N LEU C 399 -45.38 10.22 -18.45
CA LEU C 399 -44.15 9.63 -17.95
C LEU C 399 -42.82 10.24 -18.38
N SER C 400 -42.82 11.21 -19.29
CA SER C 400 -41.55 11.79 -19.74
C SER C 400 -40.82 12.56 -18.64
N ASN C 401 -39.49 12.50 -18.67
CA ASN C 401 -38.62 13.17 -17.70
C ASN C 401 -37.60 14.01 -18.47
N PRO C 402 -37.08 15.09 -17.85
CA PRO C 402 -37.46 15.53 -16.50
C PRO C 402 -38.78 16.30 -16.57
N THR C 403 -39.15 16.95 -15.48
CA THR C 403 -40.41 17.70 -15.38
C THR C 403 -40.73 18.60 -16.57
N ALA C 404 -39.75 19.36 -17.06
CA ALA C 404 -39.99 20.26 -18.19
C ALA C 404 -40.46 19.54 -19.45
N GLN C 405 -40.04 18.28 -19.63
CA GLN C 405 -40.44 17.52 -20.81
C GLN C 405 -41.72 16.71 -20.59
N ALA C 406 -42.26 16.73 -19.37
CA ALA C 406 -43.48 15.98 -19.08
C ALA C 406 -44.64 16.44 -19.97
N GLU C 407 -45.54 15.50 -20.28
CA GLU C 407 -46.69 15.78 -21.15
C GLU C 407 -47.69 16.75 -20.53
N CYS C 408 -47.80 16.74 -19.21
CA CYS C 408 -48.68 17.65 -18.49
C CYS C 408 -48.41 17.48 -17.01
N THR C 409 -48.94 18.39 -16.20
CA THR C 409 -48.77 18.36 -14.76
C THR C 409 -49.95 17.66 -14.10
N ALA C 410 -49.77 17.28 -12.84
CA ALA C 410 -50.83 16.63 -12.08
C ALA C 410 -51.94 17.64 -11.88
N GLU C 411 -51.56 18.88 -11.58
CA GLU C 411 -52.51 19.96 -11.37
C GLU C 411 -53.44 20.08 -12.57
N GLU C 412 -52.87 20.06 -13.77
CA GLU C 412 -53.65 20.14 -15.00
C GLU C 412 -54.57 18.93 -15.17
N ALA C 413 -54.02 17.73 -14.96
CA ALA C 413 -54.79 16.50 -15.12
C ALA C 413 -56.03 16.42 -14.23
N TYR C 414 -55.85 16.61 -12.92
CA TYR C 414 -56.98 16.54 -12.01
C TYR C 414 -57.96 17.67 -12.23
N THR C 415 -57.46 18.88 -12.44
CA THR C 415 -58.32 20.02 -12.65
C THR C 415 -59.17 19.84 -13.91
N LEU C 416 -58.54 19.58 -15.05
CA LEU C 416 -59.27 19.41 -16.30
C LEU C 416 -60.17 18.17 -16.40
N THR C 417 -60.11 17.28 -15.42
CA THR C 417 -60.96 16.09 -15.45
C THR C 417 -61.89 16.10 -14.23
N GLU C 418 -61.89 17.24 -13.52
CA GLU C 418 -62.71 17.39 -12.34
C GLU C 418 -62.50 16.28 -11.32
N GLY C 419 -61.25 15.85 -11.17
CA GLY C 419 -60.91 14.81 -10.22
C GLY C 419 -61.26 13.40 -10.63
N ARG C 420 -61.61 13.19 -11.89
CA ARG C 420 -61.97 11.86 -12.36
C ARG C 420 -60.82 11.04 -12.95
N CYS C 421 -59.76 11.71 -13.38
CA CYS C 421 -58.64 11.00 -13.98
C CYS C 421 -57.81 10.16 -13.01
N LEU C 422 -57.16 9.15 -13.56
CA LEU C 422 -56.26 8.29 -12.81
C LEU C 422 -54.93 8.70 -13.43
N PHE C 423 -54.19 9.53 -12.70
CA PHE C 423 -52.93 10.09 -13.17
C PHE C 423 -51.66 9.55 -12.53
N ALA C 424 -50.58 9.59 -13.29
CA ALA C 424 -49.26 9.18 -12.82
C ALA C 424 -48.28 9.93 -13.70
N SER C 425 -47.11 10.27 -13.15
CA SER C 425 -46.11 10.99 -13.94
C SER C 425 -44.73 10.40 -13.69
N GLY C 426 -43.80 10.66 -14.60
CA GLY C 426 -42.45 10.15 -14.45
C GLY C 426 -41.66 10.95 -13.42
N SER C 427 -41.91 12.26 -13.39
CA SER C 427 -41.25 13.16 -12.46
C SER C 427 -42.22 13.56 -11.36
N PRO C 428 -41.72 13.87 -10.16
CA PRO C 428 -42.54 14.25 -9.00
C PRO C 428 -43.40 15.51 -9.07
N PHE C 429 -44.59 15.41 -8.50
CA PHE C 429 -45.56 16.50 -8.40
C PHE C 429 -46.18 16.35 -7.02
N GLY C 430 -46.39 17.45 -6.32
CA GLY C 430 -46.99 17.38 -5.00
C GLY C 430 -48.49 17.20 -5.07
N PRO C 431 -49.17 17.09 -3.92
CA PRO C 431 -50.62 16.92 -3.87
C PRO C 431 -51.35 18.06 -4.56
N VAL C 432 -52.51 17.75 -5.13
CA VAL C 432 -53.32 18.76 -5.81
C VAL C 432 -54.64 18.94 -5.07
N LYS C 433 -55.02 20.19 -4.83
CA LYS C 433 -56.27 20.47 -4.15
C LYS C 433 -57.16 21.26 -5.12
N LEU C 434 -58.33 20.72 -5.41
CA LEU C 434 -59.26 21.37 -6.33
C LEU C 434 -60.04 22.48 -5.63
N THR C 435 -60.43 23.50 -6.39
CA THR C 435 -61.18 24.63 -5.85
C THR C 435 -62.38 24.19 -5.02
N ASP C 436 -62.68 22.89 -5.03
CA ASP C 436 -63.81 22.37 -4.27
C ASP C 436 -63.37 21.65 -3.00
N GLY C 437 -62.09 21.78 -2.65
CA GLY C 437 -61.59 21.15 -1.43
C GLY C 437 -61.07 19.72 -1.53
N ARG C 438 -61.29 19.07 -2.67
CA ARG C 438 -60.82 17.70 -2.86
C ARG C 438 -59.32 17.63 -3.10
N VAL C 439 -58.64 16.78 -2.33
CA VAL C 439 -57.19 16.61 -2.45
C VAL C 439 -56.83 15.32 -3.16
N PHE C 440 -55.96 15.41 -4.17
CA PHE C 440 -55.52 14.25 -4.93
C PHE C 440 -54.00 14.13 -4.86
N THR C 441 -53.52 12.97 -4.40
CA THR C 441 -52.09 12.75 -4.29
C THR C 441 -51.63 11.79 -5.39
N PRO C 442 -50.94 12.32 -6.41
CA PRO C 442 -50.42 11.59 -7.57
C PRO C 442 -49.21 10.71 -7.31
N GLY C 443 -49.21 9.54 -7.93
CA GLY C 443 -48.11 8.61 -7.80
C GLY C 443 -47.12 8.87 -8.91
N GLN C 444 -45.87 8.43 -8.70
CA GLN C 444 -44.84 8.63 -9.70
C GLN C 444 -44.57 7.32 -10.44
N GLY C 445 -44.99 7.26 -11.71
CA GLY C 445 -44.75 6.08 -12.52
C GLY C 445 -43.35 6.12 -13.08
N ASN C 446 -42.36 5.79 -12.26
CA ASN C 446 -40.97 5.81 -12.66
C ASN C 446 -40.29 4.46 -12.37
N ASN C 447 -39.46 3.98 -13.29
CA ASN C 447 -38.83 2.67 -13.11
C ASN C 447 -37.98 2.49 -11.88
N VAL C 448 -37.79 3.56 -11.12
CA VAL C 448 -37.03 3.48 -9.88
C VAL C 448 -37.77 2.52 -8.94
N TYR C 449 -39.07 2.38 -9.14
CA TYR C 449 -39.87 1.46 -8.31
C TYR C 449 -39.57 0.00 -8.67
N ILE C 450 -38.98 -0.22 -9.84
CA ILE C 450 -38.71 -1.57 -10.33
C ILE C 450 -37.26 -2.07 -10.35
N PHE C 451 -36.34 -1.35 -10.99
CA PHE C 451 -34.99 -1.87 -11.10
C PHE C 451 -34.24 -2.23 -9.80
N PRO C 452 -34.47 -1.50 -8.69
CA PRO C 452 -33.73 -1.87 -7.49
C PRO C 452 -34.10 -3.28 -6.98
N GLY C 453 -35.39 -3.55 -6.86
CA GLY C 453 -35.84 -4.83 -6.38
C GLY C 453 -35.50 -5.96 -7.35
N VAL C 454 -35.70 -5.72 -8.64
CA VAL C 454 -35.39 -6.72 -9.64
C VAL C 454 -33.88 -6.97 -9.67
N ALA C 455 -33.09 -5.91 -9.56
CA ALA C 455 -31.64 -6.08 -9.57
C ALA C 455 -31.20 -6.92 -8.38
N LEU C 456 -31.77 -6.65 -7.21
CA LEU C 456 -31.41 -7.41 -6.01
C LEU C 456 -31.77 -8.88 -6.18
N ALA C 457 -32.99 -9.17 -6.65
CA ALA C 457 -33.40 -10.57 -6.85
C ALA C 457 -32.46 -11.31 -7.79
N VAL C 458 -32.23 -10.76 -8.97
CA VAL C 458 -31.35 -11.38 -9.97
C VAL C 458 -29.94 -11.63 -9.43
N ILE C 459 -29.39 -10.68 -8.67
CA ILE C 459 -28.05 -10.86 -8.11
C ILE C 459 -28.03 -11.98 -7.06
N LEU C 460 -28.96 -11.93 -6.11
CA LEU C 460 -29.04 -12.92 -5.05
C LEU C 460 -29.25 -14.35 -5.55
N CYS C 461 -30.03 -14.50 -6.62
CA CYS C 461 -30.32 -15.81 -7.17
C CYS C 461 -29.30 -16.31 -8.18
N ASN C 462 -28.25 -15.54 -8.45
CA ASN C 462 -27.24 -15.95 -9.42
C ASN C 462 -27.93 -16.26 -10.75
N THR C 463 -28.92 -15.43 -11.13
CA THR C 463 -29.63 -15.63 -12.38
C THR C 463 -28.71 -15.37 -13.57
N ARG C 464 -28.89 -16.13 -14.64
CA ARG C 464 -28.06 -16.02 -15.82
C ARG C 464 -28.66 -15.16 -16.92
N HIS C 465 -29.98 -15.17 -17.04
CA HIS C 465 -30.66 -14.37 -18.04
C HIS C 465 -31.99 -13.87 -17.53
N ILE C 466 -32.39 -12.69 -17.96
CA ILE C 466 -33.66 -12.10 -17.51
C ILE C 466 -34.68 -12.17 -18.64
N SER C 467 -35.79 -12.85 -18.40
CA SER C 467 -36.84 -12.97 -19.38
C SER C 467 -37.85 -11.87 -19.12
N ASP C 468 -38.63 -11.49 -20.12
CA ASP C 468 -39.62 -10.44 -19.93
C ASP C 468 -40.61 -10.80 -18.83
N SER C 469 -40.85 -12.09 -18.62
CA SER C 469 -41.81 -12.50 -17.60
C SER C 469 -41.37 -12.06 -16.20
N VAL C 470 -40.09 -11.78 -16.04
CA VAL C 470 -39.60 -11.33 -14.74
C VAL C 470 -40.17 -9.95 -14.44
N PHE C 471 -40.25 -9.10 -15.47
CA PHE C 471 -40.79 -7.76 -15.28
C PHE C 471 -42.30 -7.79 -15.09
N LEU C 472 -42.95 -8.77 -15.70
CA LEU C 472 -44.39 -8.91 -15.54
C LEU C 472 -44.62 -9.20 -14.07
N GLU C 473 -43.83 -10.12 -13.54
CA GLU C 473 -43.92 -10.52 -12.15
C GLU C 473 -43.59 -9.33 -11.25
N ALA C 474 -42.63 -8.51 -11.65
CA ALA C 474 -42.26 -7.34 -10.85
C ALA C 474 -43.46 -6.38 -10.80
N ALA C 475 -44.12 -6.20 -11.95
CA ALA C 475 -45.26 -5.31 -12.03
C ALA C 475 -46.34 -5.73 -11.04
N LYS C 476 -46.61 -7.03 -10.98
CA LYS C 476 -47.63 -7.55 -10.07
C LYS C 476 -47.23 -7.38 -8.61
N ALA C 477 -45.94 -7.59 -8.32
CA ALA C 477 -45.46 -7.47 -6.94
C ALA C 477 -45.54 -6.03 -6.46
N LEU C 478 -45.36 -5.09 -7.37
CA LEU C 478 -45.41 -3.69 -6.99
C LEU C 478 -46.83 -3.29 -6.64
N THR C 479 -47.76 -3.55 -7.55
CA THR C 479 -49.16 -3.19 -7.32
C THR C 479 -49.80 -3.98 -6.19
N SER C 480 -49.33 -5.19 -5.93
CA SER C 480 -49.91 -5.99 -4.85
C SER C 480 -49.70 -5.34 -3.50
N GLN C 481 -48.78 -4.39 -3.42
CA GLN C 481 -48.50 -3.70 -2.17
C GLN C 481 -49.34 -2.46 -1.94
N LEU C 482 -50.07 -2.03 -2.96
CA LEU C 482 -50.91 -0.85 -2.85
C LEU C 482 -52.08 -1.17 -1.92
N THR C 483 -52.37 -0.28 -0.98
CA THR C 483 -53.49 -0.52 -0.06
C THR C 483 -54.70 0.25 -0.61
N ASP C 484 -55.87 -0.02 -0.04
CA ASP C 484 -57.09 0.66 -0.49
C ASP C 484 -57.11 2.13 -0.09
N GLU C 485 -56.55 2.44 1.07
CA GLU C 485 -56.52 3.82 1.55
C GLU C 485 -55.68 4.68 0.62
N GLU C 486 -54.52 4.18 0.22
CA GLU C 486 -53.62 4.91 -0.66
C GLU C 486 -54.25 5.09 -2.04
N LEU C 487 -54.97 4.08 -2.50
CA LEU C 487 -55.62 4.14 -3.79
C LEU C 487 -56.69 5.24 -3.74
N ALA C 488 -57.44 5.27 -2.65
CA ALA C 488 -58.49 6.26 -2.46
C ALA C 488 -57.90 7.67 -2.54
N GLN C 489 -56.65 7.83 -2.12
CA GLN C 489 -56.00 9.12 -2.15
C GLN C 489 -55.69 9.50 -3.60
N GLY C 490 -55.68 8.52 -4.49
CA GLY C 490 -55.37 8.78 -5.89
C GLY C 490 -54.02 8.20 -6.28
N ARG C 491 -53.36 7.55 -5.32
CA ARG C 491 -52.05 6.94 -5.56
C ARG C 491 -52.19 5.63 -6.34
N LEU C 492 -51.51 5.51 -7.47
CA LEU C 492 -51.56 4.28 -8.25
C LEU C 492 -50.33 3.45 -7.89
N TYR C 493 -49.52 3.96 -6.97
CA TYR C 493 -48.31 3.28 -6.52
C TYR C 493 -48.13 3.48 -5.02
N PRO C 494 -47.37 2.57 -4.36
CA PRO C 494 -47.15 2.70 -2.92
C PRO C 494 -46.41 4.02 -2.71
N PRO C 495 -46.53 4.64 -1.52
CA PRO C 495 -45.85 5.91 -1.23
C PRO C 495 -44.35 5.84 -1.48
N LEU C 496 -43.80 6.85 -2.14
CA LEU C 496 -42.38 6.89 -2.42
C LEU C 496 -41.57 6.83 -1.12
N ALA C 497 -42.17 7.26 -0.01
CA ALA C 497 -41.49 7.23 1.28
C ALA C 497 -41.15 5.82 1.74
N ASN C 498 -41.88 4.82 1.23
CA ASN C 498 -41.66 3.42 1.60
C ASN C 498 -40.94 2.63 0.52
N ILE C 499 -40.29 3.33 -0.40
CA ILE C 499 -39.59 2.70 -1.53
C ILE C 499 -38.62 1.58 -1.10
N GLN C 500 -37.99 1.73 0.06
CA GLN C 500 -37.05 0.70 0.53
C GLN C 500 -37.80 -0.60 0.80
N GLU C 501 -38.88 -0.52 1.58
CA GLU C 501 -39.68 -1.68 1.92
C GLU C 501 -40.30 -2.26 0.66
N VAL C 502 -40.83 -1.39 -0.19
CA VAL C 502 -41.46 -1.84 -1.42
C VAL C 502 -40.47 -2.57 -2.34
N SER C 503 -39.24 -2.08 -2.42
CA SER C 503 -38.23 -2.71 -3.26
C SER C 503 -37.87 -4.09 -2.73
N ILE C 504 -37.68 -4.21 -1.42
CA ILE C 504 -37.34 -5.49 -0.81
C ILE C 504 -38.45 -6.52 -1.09
N ASN C 505 -39.70 -6.11 -0.95
CA ASN C 505 -40.81 -7.01 -1.20
C ASN C 505 -40.84 -7.46 -2.65
N ILE C 506 -40.46 -6.57 -3.55
CA ILE C 506 -40.41 -6.94 -4.96
C ILE C 506 -39.29 -7.96 -5.15
N ALA C 507 -38.15 -7.75 -4.49
CA ALA C 507 -37.03 -8.69 -4.59
C ALA C 507 -37.45 -10.07 -4.12
N ILE C 508 -38.13 -10.12 -2.98
CA ILE C 508 -38.59 -11.39 -2.42
C ILE C 508 -39.50 -12.11 -3.42
N LYS C 509 -40.48 -11.39 -3.97
CA LYS C 509 -41.39 -11.97 -4.94
C LYS C 509 -40.68 -12.46 -6.20
N VAL C 510 -39.74 -11.67 -6.72
CA VAL C 510 -39.02 -12.06 -7.92
C VAL C 510 -38.11 -13.25 -7.62
N THR C 511 -37.55 -13.30 -6.42
CA THR C 511 -36.69 -14.40 -6.02
C THR C 511 -37.51 -15.69 -6.03
N GLU C 512 -38.70 -15.63 -5.47
CA GLU C 512 -39.56 -16.80 -5.42
C GLU C 512 -39.93 -17.23 -6.83
N TYR C 513 -40.14 -16.26 -7.70
CA TYR C 513 -40.49 -16.53 -9.10
C TYR C 513 -39.32 -17.16 -9.86
N LEU C 514 -38.12 -16.63 -9.66
CA LEU C 514 -36.93 -17.15 -10.35
C LEU C 514 -36.65 -18.60 -9.94
N TYR C 515 -36.78 -18.91 -8.67
CA TYR C 515 -36.54 -20.27 -8.20
C TYR C 515 -37.64 -21.22 -8.68
N ALA C 516 -38.89 -20.79 -8.56
CA ALA C 516 -40.02 -21.61 -8.97
C ALA C 516 -39.99 -21.92 -10.45
N ASN C 517 -39.33 -21.09 -11.24
CA ASN C 517 -39.25 -21.31 -12.67
C ASN C 517 -37.88 -21.77 -13.13
N LYS C 518 -37.08 -22.29 -12.21
CA LYS C 518 -35.74 -22.78 -12.52
C LYS C 518 -34.84 -21.76 -13.23
N MSE C 519 -34.76 -20.56 -12.68
CA MSE C 519 -33.93 -19.50 -13.26
C MSE C 519 -32.89 -19.03 -12.24
O MSE C 519 -32.02 -18.23 -12.55
CB MSE C 519 -34.80 -18.32 -13.70
CG MSE C 519 -35.98 -18.72 -14.57
SE MSE C 519 -37.13 -17.21 -15.03
CE MSE C 519 -36.91 -17.23 -16.96
N ALA C 520 -33.00 -19.55 -11.02
CA ALA C 520 -32.06 -19.20 -9.95
C ALA C 520 -31.04 -20.31 -9.83
N PHE C 521 -29.75 -19.95 -9.74
CA PHE C 521 -28.72 -20.97 -9.61
C PHE C 521 -27.93 -20.91 -8.32
N ARG C 522 -28.42 -20.10 -7.38
CA ARG C 522 -27.78 -19.99 -6.08
C ARG C 522 -28.20 -21.20 -5.26
N TYR C 523 -27.23 -21.96 -4.76
CA TYR C 523 -27.54 -23.16 -3.98
C TYR C 523 -26.91 -23.13 -2.58
N PRO C 524 -27.59 -23.71 -1.59
CA PRO C 524 -28.91 -24.36 -1.76
C PRO C 524 -30.04 -23.34 -1.86
N GLU C 525 -31.22 -23.80 -2.27
CA GLU C 525 -32.37 -22.91 -2.37
C GLU C 525 -32.88 -22.59 -0.98
N PRO C 526 -32.93 -21.31 -0.60
CA PRO C 526 -33.41 -20.96 0.73
C PRO C 526 -34.87 -21.35 0.93
N GLU C 527 -35.20 -21.83 2.12
CA GLU C 527 -36.57 -22.25 2.41
C GLU C 527 -37.45 -21.01 2.51
N ASP C 528 -37.02 -20.04 3.31
CA ASP C 528 -37.76 -18.80 3.51
C ASP C 528 -37.10 -17.67 2.70
N LYS C 529 -37.66 -17.36 1.53
CA LYS C 529 -37.10 -16.32 0.68
C LYS C 529 -37.15 -14.93 1.31
N ALA C 530 -38.16 -14.65 2.12
CA ALA C 530 -38.25 -13.36 2.77
C ALA C 530 -37.03 -13.16 3.66
N LYS C 531 -36.77 -14.14 4.53
CA LYS C 531 -35.64 -14.09 5.45
C LYS C 531 -34.31 -14.05 4.68
N TYR C 532 -34.21 -14.83 3.61
CA TYR C 532 -33.00 -14.87 2.80
C TYR C 532 -32.63 -13.48 2.28
N VAL C 533 -33.58 -12.78 1.67
CA VAL C 533 -33.34 -11.44 1.13
C VAL C 533 -33.06 -10.39 2.21
N LYS C 534 -33.96 -10.24 3.17
CA LYS C 534 -33.78 -9.24 4.21
C LYS C 534 -32.46 -9.42 4.94
N GLU C 535 -31.98 -10.66 4.99
CA GLU C 535 -30.74 -10.97 5.68
C GLU C 535 -29.51 -10.48 4.93
N ARG C 536 -29.61 -10.36 3.61
CA ARG C 536 -28.47 -9.93 2.80
C ARG C 536 -28.46 -8.48 2.33
N THR C 537 -29.34 -7.64 2.86
CA THR C 537 -29.36 -6.25 2.45
C THR C 537 -28.25 -5.45 3.14
N TRP C 538 -27.55 -4.62 2.37
CA TRP C 538 -26.48 -3.78 2.91
C TRP C 538 -27.10 -2.67 3.76
N ARG C 539 -26.48 -2.34 4.89
CA ARG C 539 -27.00 -1.30 5.77
C ARG C 539 -26.07 -0.09 5.85
N SER C 540 -26.65 1.08 6.13
CA SER C 540 -25.87 2.30 6.23
C SER C 540 -25.20 2.49 7.59
N GLU C 541 -25.57 1.67 8.58
CA GLU C 541 -24.95 1.79 9.90
C GLU C 541 -23.46 1.45 9.80
N TYR C 542 -22.65 2.19 10.55
CA TYR C 542 -21.21 1.97 10.56
C TYR C 542 -20.89 0.58 11.10
N ASP C 543 -19.86 -0.07 10.55
CA ASP C 543 -19.43 -1.38 11.02
C ASP C 543 -18.14 -1.18 11.81
N SER C 544 -17.83 -2.09 12.71
CA SER C 544 -16.60 -1.97 13.47
C SER C 544 -15.42 -2.33 12.57
N LEU C 545 -14.36 -1.52 12.60
CA LEU C 545 -13.19 -1.79 11.78
C LEU C 545 -12.05 -2.33 12.65
N LEU C 546 -12.37 -2.71 13.88
CA LEU C 546 -11.39 -3.23 14.82
C LEU C 546 -10.90 -4.63 14.50
N PRO C 547 -9.60 -4.89 14.68
CA PRO C 547 -9.10 -6.24 14.40
C PRO C 547 -9.71 -7.18 15.45
N ASP C 548 -9.74 -8.47 15.15
CA ASP C 548 -10.31 -9.45 16.07
C ASP C 548 -9.31 -9.78 17.18
N VAL C 549 -9.43 -9.10 18.32
CA VAL C 549 -8.53 -9.32 19.45
C VAL C 549 -9.23 -10.16 20.52
N TYR C 550 -8.56 -11.20 21.00
CA TYR C 550 -9.09 -12.10 22.01
C TYR C 550 -7.95 -12.89 22.63
N GLU C 551 -8.07 -13.25 23.90
CA GLU C 551 -7.01 -14.00 24.55
C GLU C 551 -7.16 -15.51 24.37
N TRP C 552 -6.04 -16.21 24.30
CA TRP C 552 -6.05 -17.66 24.14
C TRP C 552 -6.26 -18.34 25.49
N PRO C 553 -7.00 -19.46 25.50
CA PRO C 553 -7.28 -20.22 26.71
C PRO C 553 -5.99 -20.74 27.36
N ILE D 1 7.11 8.77 -6.23
CA ILE D 1 5.79 8.40 -5.72
C ILE D 1 5.65 6.89 -5.66
N LYS D 2 5.65 6.35 -4.45
CA LYS D 2 5.55 4.90 -4.23
C LYS D 2 4.14 4.34 -4.42
N GLU D 3 3.25 5.11 -5.03
CA GLU D 3 1.88 4.64 -5.23
C GLU D 3 1.38 4.84 -6.65
N LYS D 4 0.46 3.98 -7.07
CA LYS D 4 -0.14 4.06 -8.40
C LYS D 4 -1.61 3.67 -8.28
N GLY D 5 -2.39 3.95 -9.32
CA GLY D 5 -3.80 3.61 -9.28
C GLY D 5 -4.65 4.65 -8.55
N LYS D 6 -5.86 4.25 -8.19
CA LYS D 6 -6.84 5.10 -7.51
C LYS D 6 -6.24 5.96 -6.39
N PRO D 7 -5.33 5.39 -5.57
CA PRO D 7 -4.74 6.18 -4.49
C PRO D 7 -4.14 7.50 -4.95
N LEU D 8 -3.65 7.57 -6.18
CA LEU D 8 -3.07 8.81 -6.70
C LEU D 8 -4.15 9.88 -6.86
N MSE D 9 -5.38 9.43 -7.07
CA MSE D 9 -6.50 10.35 -7.25
C MSE D 9 -7.15 10.72 -5.91
O MSE D 9 -7.68 11.81 -5.76
CB MSE D 9 -7.55 9.73 -8.18
CG MSE D 9 -7.05 9.56 -9.60
SE MSE D 9 -8.15 8.36 -10.63
CE MSE D 9 -9.86 9.26 -10.47
N LEU D 10 -7.11 9.79 -4.96
CA LEU D 10 -7.70 10.02 -3.64
C LEU D 10 -6.87 10.96 -2.78
N ASN D 11 -5.58 11.07 -3.08
CA ASN D 11 -4.70 11.94 -2.32
C ASN D 11 -4.60 13.30 -3.00
N PRO D 12 -5.10 14.36 -2.35
CA PRO D 12 -5.05 15.69 -2.95
C PRO D 12 -3.63 16.16 -3.30
N ARG D 13 -2.63 15.63 -2.60
CA ARG D 13 -1.25 16.01 -2.84
C ARG D 13 -0.82 15.62 -4.28
N THR D 14 -1.28 14.47 -4.77
CA THR D 14 -0.93 14.02 -6.13
C THR D 14 -2.03 14.14 -7.18
N ASN D 15 -3.29 14.26 -6.76
CA ASN D 15 -4.40 14.33 -7.71
C ASN D 15 -4.39 15.50 -8.69
N LYS D 16 -4.48 15.19 -9.98
CA LYS D 16 -4.50 16.21 -11.04
C LYS D 16 -5.85 16.26 -11.75
N GLY D 17 -6.77 15.36 -11.40
CA GLY D 17 -8.04 15.35 -12.09
C GLY D 17 -7.79 15.04 -13.56
N MSE D 18 -8.49 15.71 -14.46
CA MSE D 18 -8.30 15.47 -15.89
C MSE D 18 -7.01 16.04 -16.44
O MSE D 18 -6.78 15.98 -17.65
CB MSE D 18 -9.49 16.00 -16.70
CG MSE D 18 -10.75 15.20 -16.48
SE MSE D 18 -12.28 15.88 -17.46
CE MSE D 18 -12.93 17.18 -16.18
N ALA D 19 -6.15 16.59 -15.58
CA ALA D 19 -4.89 17.12 -16.04
C ALA D 19 -3.86 16.00 -16.13
N PHE D 20 -4.19 14.81 -15.60
CA PHE D 20 -3.27 13.67 -15.72
C PHE D 20 -3.16 13.44 -17.23
N THR D 21 -1.94 13.37 -17.76
CA THR D 21 -1.77 13.15 -19.20
C THR D 21 -2.17 11.73 -19.60
N LEU D 22 -2.31 11.49 -20.91
CA LEU D 22 -2.69 10.17 -21.40
C LEU D 22 -1.64 9.13 -21.00
N GLN D 23 -0.36 9.47 -21.15
CA GLN D 23 0.70 8.54 -20.77
C GLN D 23 0.75 8.29 -19.26
N GLU D 24 0.47 9.30 -18.45
CA GLU D 24 0.49 9.11 -17.00
C GLU D 24 -0.64 8.17 -16.61
N ARG D 25 -1.81 8.36 -17.21
CA ARG D 25 -2.96 7.53 -16.90
C ARG D 25 -2.68 6.08 -17.27
N GLN D 26 -2.14 5.84 -18.47
CA GLN D 26 -1.85 4.49 -18.88
C GLN D 26 -0.77 3.86 -18.00
N MSE D 27 0.35 4.56 -17.83
CA MSE D 27 1.44 4.04 -17.02
C MSE D 27 1.16 3.92 -15.54
O MSE D 27 1.77 3.09 -14.87
CB MSE D 27 2.69 4.89 -17.23
CG MSE D 27 3.34 4.68 -18.58
SE MSE D 27 5.09 5.45 -18.65
CE MSE D 27 5.22 5.80 -20.55
N LEU D 28 0.26 4.75 -15.01
CA LEU D 28 -0.05 4.72 -13.58
C LEU D 28 -1.32 4.00 -13.19
N GLY D 29 -1.97 3.34 -14.15
CA GLY D 29 -3.18 2.60 -13.88
C GLY D 29 -4.41 3.45 -13.60
N LEU D 30 -4.53 4.58 -14.30
CA LEU D 30 -5.67 5.47 -14.10
C LEU D 30 -6.57 5.47 -15.32
N GLN D 31 -6.09 4.93 -16.43
CA GLN D 31 -6.85 4.90 -17.67
C GLN D 31 -8.22 4.28 -17.38
N GLY D 32 -9.28 5.01 -17.73
CA GLY D 32 -10.63 4.52 -17.51
C GLY D 32 -11.25 5.09 -16.25
N LEU D 33 -10.43 5.47 -15.28
CA LEU D 33 -10.92 6.01 -14.02
C LEU D 33 -11.22 7.50 -14.15
N LEU D 34 -10.77 8.09 -15.25
CA LEU D 34 -11.00 9.51 -15.51
C LEU D 34 -11.71 9.65 -16.84
N PRO D 35 -12.45 10.75 -17.05
CA PRO D 35 -13.16 10.99 -18.31
C PRO D 35 -12.11 11.04 -19.41
N PRO D 36 -12.46 10.68 -20.66
CA PRO D 36 -11.51 10.68 -21.77
C PRO D 36 -10.85 12.03 -22.09
N LYS D 37 -11.41 13.10 -21.55
CA LYS D 37 -10.90 14.45 -21.76
C LYS D 37 -9.57 14.74 -21.03
N ILE D 38 -8.63 15.37 -21.71
CA ILE D 38 -7.37 15.74 -21.07
C ILE D 38 -7.45 17.27 -20.91
N GLU D 39 -7.37 17.76 -19.68
CA GLU D 39 -7.45 19.19 -19.45
C GLU D 39 -6.13 19.79 -18.99
N THR D 40 -6.04 21.10 -19.07
CA THR D 40 -4.85 21.83 -18.63
C THR D 40 -5.27 22.46 -17.31
N GLN D 41 -4.31 22.95 -16.53
CA GLN D 41 -4.65 23.57 -15.26
C GLN D 41 -5.45 24.84 -15.57
N ASP D 42 -5.16 25.48 -16.70
CA ASP D 42 -5.87 26.70 -17.09
C ASP D 42 -7.38 26.48 -17.16
N ILE D 43 -7.78 25.36 -17.75
CA ILE D 43 -9.18 25.01 -17.87
C ILE D 43 -9.81 24.80 -16.49
N GLN D 44 -9.09 24.09 -15.63
CA GLN D 44 -9.57 23.82 -14.28
C GLN D 44 -9.75 25.13 -13.52
N ALA D 45 -8.80 26.04 -13.68
CA ALA D 45 -8.87 27.32 -13.00
C ALA D 45 -10.10 28.09 -13.47
N LEU D 46 -10.39 28.01 -14.77
CA LEU D 46 -11.54 28.67 -15.36
C LEU D 46 -12.83 28.11 -14.77
N ARG D 47 -12.89 26.79 -14.62
CA ARG D 47 -14.07 26.14 -14.07
C ARG D 47 -14.33 26.71 -12.68
N PHE D 48 -13.28 26.86 -11.90
CA PHE D 48 -13.37 27.41 -10.54
C PHE D 48 -13.88 28.84 -10.50
N HIS D 49 -13.26 29.73 -11.27
CA HIS D 49 -13.68 31.13 -11.25
C HIS D 49 -15.12 31.29 -11.72
N ARG D 50 -15.57 30.43 -12.63
CA ARG D 50 -16.94 30.44 -13.12
C ARG D 50 -17.89 30.11 -11.95
N ASN D 51 -17.59 29.04 -11.23
CA ASN D 51 -18.42 28.65 -10.10
C ASN D 51 -18.37 29.66 -8.97
N LEU D 52 -17.17 30.17 -8.69
CA LEU D 52 -17.02 31.15 -7.60
C LEU D 52 -17.89 32.37 -7.88
N LYS D 53 -17.93 32.79 -9.14
CA LYS D 53 -18.70 33.95 -9.59
C LYS D 53 -20.16 33.89 -9.17
N LYS D 54 -20.77 32.72 -9.29
CA LYS D 54 -22.17 32.52 -8.95
C LYS D 54 -22.48 32.49 -7.45
N MSE D 55 -21.48 32.24 -6.62
CA MSE D 55 -21.70 32.17 -5.18
C MSE D 55 -21.94 33.52 -4.53
O MSE D 55 -21.34 34.52 -4.93
CB MSE D 55 -20.53 31.46 -4.50
CG MSE D 55 -20.24 30.14 -5.13
SE MSE D 55 -18.97 29.10 -4.16
CE MSE D 55 -19.31 27.36 -4.92
N THR D 56 -22.80 33.53 -3.52
CA THR D 56 -23.16 34.77 -2.85
C THR D 56 -22.45 35.12 -1.54
N SER D 57 -22.39 34.20 -0.59
CA SER D 57 -21.75 34.51 0.70
C SER D 57 -20.27 34.13 0.78
N PRO D 58 -19.52 34.80 1.67
CA PRO D 58 -18.10 34.50 1.84
C PRO D 58 -17.82 33.11 2.43
N LEU D 59 -18.67 32.68 3.37
CA LEU D 59 -18.46 31.38 3.99
C LEU D 59 -18.71 30.25 2.99
N GLU D 60 -19.68 30.43 2.09
CA GLU D 60 -19.95 29.43 1.08
C GLU D 60 -18.70 29.29 0.21
N LYS D 61 -18.09 30.42 -0.13
CA LYS D 61 -16.86 30.42 -0.94
C LYS D 61 -15.71 29.76 -0.18
N TYR D 62 -15.59 30.07 1.11
CA TYR D 62 -14.56 29.49 1.95
C TYR D 62 -14.66 27.96 1.91
N ILE D 63 -15.87 27.45 2.14
CA ILE D 63 -16.11 26.01 2.13
C ILE D 63 -15.72 25.43 0.77
N TYR D 64 -15.99 26.18 -0.30
CA TYR D 64 -15.68 25.75 -1.64
C TYR D 64 -14.18 25.70 -1.91
N ILE D 65 -13.49 26.83 -1.79
CA ILE D 65 -12.07 26.85 -2.06
C ILE D 65 -11.29 25.95 -1.09
N MSE D 66 -11.65 25.95 0.19
CA MSE D 66 -10.92 25.12 1.13
C MSE D 66 -11.16 23.63 0.83
O MSE D 66 -10.33 22.79 1.17
CB MSE D 66 -11.32 25.44 2.57
CG MSE D 66 -10.95 26.87 3.01
SE MSE D 66 -9.07 27.36 2.70
CE MSE D 66 -8.20 26.19 3.99
N GLY D 67 -12.28 23.33 0.15
CA GLY D 67 -12.57 21.96 -0.20
C GLY D 67 -11.59 21.51 -1.26
N ILE D 68 -11.18 22.44 -2.13
CA ILE D 68 -10.23 22.12 -3.19
C ILE D 68 -8.88 21.70 -2.62
N GLN D 69 -8.49 22.26 -1.49
CA GLN D 69 -7.22 21.88 -0.87
C GLN D 69 -7.26 20.39 -0.52
N GLU D 70 -8.46 19.85 -0.30
CA GLU D 70 -8.62 18.44 0.02
C GLU D 70 -8.90 17.57 -1.19
N ARG D 71 -8.92 18.17 -2.39
CA ARG D 71 -9.17 17.42 -3.61
C ARG D 71 -8.01 17.48 -4.60
N ASN D 72 -7.49 18.68 -4.85
CA ASN D 72 -6.40 18.88 -5.79
C ASN D 72 -5.55 20.03 -5.27
N GLU D 73 -4.56 19.70 -4.45
CA GLU D 73 -3.70 20.70 -3.84
C GLU D 73 -3.08 21.70 -4.82
N LYS D 74 -2.51 21.20 -5.91
CA LYS D 74 -1.92 22.07 -6.91
C LYS D 74 -2.95 23.08 -7.42
N LEU D 75 -4.15 22.61 -7.73
CA LEU D 75 -5.18 23.50 -8.24
C LEU D 75 -5.57 24.52 -7.17
N PHE D 76 -5.59 24.08 -5.92
CA PHE D 76 -5.94 24.95 -4.79
C PHE D 76 -5.01 26.16 -4.79
N TYR D 77 -3.71 25.93 -4.82
CA TYR D 77 -2.76 27.03 -4.82
C TYR D 77 -2.73 27.83 -6.13
N ARG D 78 -3.02 27.18 -7.26
CA ARG D 78 -3.06 27.89 -8.53
C ARG D 78 -4.18 28.92 -8.44
N ILE D 79 -5.29 28.50 -7.86
CA ILE D 79 -6.46 29.34 -7.69
C ILE D 79 -6.19 30.55 -6.80
N LEU D 80 -5.48 30.35 -5.70
CA LEU D 80 -5.15 31.45 -4.80
C LEU D 80 -4.19 32.41 -5.51
N GLN D 81 -3.27 31.85 -6.31
CA GLN D 81 -2.30 32.65 -7.06
C GLN D 81 -2.95 33.47 -8.19
N ASP D 82 -4.08 33.01 -8.71
CA ASP D 82 -4.75 33.73 -9.79
C ASP D 82 -5.25 35.10 -9.35
N ASP D 83 -5.62 35.23 -8.08
CA ASP D 83 -6.09 36.51 -7.55
C ASP D 83 -6.08 36.46 -6.03
N ILE D 84 -4.88 36.55 -5.47
CA ILE D 84 -4.69 36.48 -4.03
C ILE D 84 -5.41 37.59 -3.27
N GLU D 85 -5.50 38.77 -3.88
CA GLU D 85 -6.15 39.89 -3.20
C GLU D 85 -7.65 39.69 -3.04
N SER D 86 -8.30 39.09 -4.04
CA SER D 86 -9.73 38.88 -3.93
C SER D 86 -10.12 37.71 -3.05
N LEU D 87 -9.23 36.73 -2.91
CA LEU D 87 -9.52 35.55 -2.10
C LEU D 87 -8.97 35.63 -0.66
N MSE D 88 -8.01 36.52 -0.44
CA MSE D 88 -7.45 36.69 0.89
C MSE D 88 -8.54 36.87 1.96
O MSE D 88 -8.47 36.25 3.03
CB MSE D 88 -6.52 37.92 0.90
CG MSE D 88 -5.75 38.12 2.18
SE MSE D 88 -4.46 36.71 2.47
CE MSE D 88 -3.07 37.28 1.24
N PRO D 89 -9.54 37.74 1.70
CA PRO D 89 -10.63 37.99 2.66
C PRO D 89 -11.48 36.75 2.92
N ILE D 90 -11.39 35.78 2.02
CA ILE D 90 -12.16 34.55 2.14
C ILE D 90 -11.42 33.47 2.94
N VAL D 91 -10.16 33.22 2.60
CA VAL D 91 -9.39 32.19 3.28
C VAL D 91 -8.70 32.70 4.53
N TYR D 92 -8.60 34.02 4.66
CA TYR D 92 -7.95 34.64 5.82
C TYR D 92 -8.94 35.58 6.50
N THR D 93 -8.47 36.66 7.11
CA THR D 93 -9.39 37.57 7.79
C THR D 93 -10.15 38.40 6.75
N PRO D 94 -11.44 38.66 6.98
CA PRO D 94 -12.21 38.25 8.17
C PRO D 94 -12.99 36.93 8.12
N THR D 95 -13.17 36.34 6.95
CA THR D 95 -13.96 35.10 6.87
C THR D 95 -13.41 33.90 7.63
N VAL D 96 -12.09 33.79 7.76
CA VAL D 96 -11.54 32.67 8.50
C VAL D 96 -12.03 32.71 9.95
N GLY D 97 -12.39 33.91 10.42
CA GLY D 97 -12.89 34.08 11.77
C GLY D 97 -14.30 33.54 11.86
N LEU D 98 -15.07 33.76 10.80
CA LEU D 98 -16.45 33.27 10.73
C LEU D 98 -16.41 31.73 10.64
N ALA D 99 -15.46 31.19 9.88
CA ALA D 99 -15.35 29.75 9.73
C ALA D 99 -14.98 29.05 11.03
N CYS D 100 -14.09 29.66 11.82
CA CYS D 100 -13.71 29.06 13.09
C CYS D 100 -14.88 29.07 14.06
N SER D 101 -15.69 30.13 14.02
CA SER D 101 -16.83 30.19 14.93
C SER D 101 -17.84 29.12 14.59
N GLN D 102 -17.83 28.63 13.34
CA GLN D 102 -18.76 27.59 12.92
C GLN D 102 -18.02 26.35 12.42
N TYR D 103 -16.76 26.21 12.80
CA TYR D 103 -15.96 25.08 12.34
C TYR D 103 -16.68 23.73 12.42
N GLY D 104 -17.30 23.46 13.57
CA GLY D 104 -18.02 22.20 13.74
C GLY D 104 -19.26 22.04 12.88
N HIS D 105 -19.77 23.15 12.36
CA HIS D 105 -20.96 23.12 11.53
C HIS D 105 -20.67 22.90 10.05
N ILE D 106 -19.50 23.30 9.60
CA ILE D 106 -19.11 23.15 8.20
C ILE D 106 -18.16 21.99 7.96
N PHE D 107 -17.74 21.36 9.05
CA PHE D 107 -16.80 20.23 8.97
C PHE D 107 -17.14 19.20 7.89
N ARG D 108 -16.13 18.75 7.16
CA ARG D 108 -16.27 17.73 6.14
C ARG D 108 -15.08 16.79 6.29
N ARG D 109 -13.89 17.37 6.41
CA ARG D 109 -12.65 16.60 6.58
C ARG D 109 -11.74 17.30 7.57
N PRO D 110 -10.97 16.54 8.36
CA PRO D 110 -10.08 17.21 9.30
C PRO D 110 -8.85 17.67 8.54
N LYS D 111 -8.19 18.71 9.04
CA LYS D 111 -6.99 19.23 8.42
C LYS D 111 -6.02 19.47 9.56
N GLY D 112 -4.91 18.76 9.57
CA GLY D 112 -3.94 18.96 10.63
C GLY D 112 -3.86 17.89 11.69
N LEU D 113 -2.98 18.12 12.66
CA LEU D 113 -2.72 17.21 13.77
C LEU D 113 -3.41 17.73 15.02
N PHE D 114 -4.15 16.89 15.73
CA PHE D 114 -4.85 17.29 16.95
C PHE D 114 -4.26 16.58 18.16
N ILE D 115 -3.74 17.34 19.12
CA ILE D 115 -3.16 16.78 20.32
C ILE D 115 -3.94 17.26 21.54
N SER D 116 -4.53 16.35 22.29
CA SER D 116 -5.31 16.76 23.46
C SER D 116 -4.64 16.36 24.76
N ILE D 117 -5.11 16.94 25.86
CA ILE D 117 -4.57 16.68 27.17
C ILE D 117 -4.80 15.21 27.54
N SER D 118 -5.80 14.58 26.94
CA SER D 118 -6.10 13.18 27.19
C SER D 118 -5.03 12.27 26.60
N ASP D 119 -4.16 12.84 25.76
CA ASP D 119 -3.10 12.05 25.13
C ASP D 119 -1.76 12.30 25.83
N ARG D 120 -1.78 12.99 26.96
CA ARG D 120 -0.52 13.26 27.65
C ARG D 120 0.23 11.95 27.83
N GLY D 121 1.50 11.93 27.46
CA GLY D 121 2.28 10.72 27.58
C GLY D 121 2.33 9.90 26.31
N HIS D 122 1.45 10.22 25.36
CA HIS D 122 1.38 9.50 24.10
C HIS D 122 1.47 10.44 22.90
N VAL D 123 2.02 11.62 23.09
CA VAL D 123 2.11 12.59 22.02
C VAL D 123 2.99 12.10 20.85
N ARG D 124 4.05 11.38 21.15
CA ARG D 124 4.94 10.91 20.08
C ARG D 124 4.24 9.97 19.09
N SER D 125 3.38 9.09 19.59
CA SER D 125 2.69 8.16 18.69
C SER D 125 1.72 8.91 17.79
N ILE D 126 1.24 10.06 18.25
CA ILE D 126 0.32 10.88 17.45
C ILE D 126 1.14 11.57 16.36
N VAL D 127 2.30 12.10 16.73
CA VAL D 127 3.16 12.77 15.77
C VAL D 127 3.56 11.75 14.70
N ASP D 128 3.80 10.51 15.11
CA ASP D 128 4.19 9.47 14.17
C ASP D 128 3.08 9.08 13.21
N ASN D 129 1.83 9.42 13.54
CA ASN D 129 0.72 9.10 12.64
C ASN D 129 0.62 10.11 11.48
N TRP D 130 1.32 11.24 11.56
CA TRP D 130 1.27 12.21 10.47
C TRP D 130 1.90 11.54 9.26
N PRO D 131 1.20 11.52 8.11
CA PRO D 131 1.65 10.92 6.86
C PRO D 131 2.94 11.44 6.22
N GLU D 132 3.23 12.74 6.36
CA GLU D 132 4.44 13.30 5.74
C GLU D 132 5.70 13.09 6.58
N ASN D 133 6.80 12.73 5.91
CA ASN D 133 8.07 12.46 6.59
C ASN D 133 9.07 13.58 6.76
N HIS D 134 8.93 14.68 6.03
CA HIS D 134 9.92 15.75 6.16
C HIS D 134 9.31 17.12 6.45
N VAL D 135 8.64 17.26 7.59
CA VAL D 135 8.04 18.52 7.97
C VAL D 135 9.12 19.55 8.31
N LYS D 136 8.93 20.77 7.83
CA LYS D 136 9.88 21.85 8.07
C LYS D 136 9.21 23.01 8.82
N ALA D 137 7.88 23.06 8.77
CA ALA D 137 7.17 24.16 9.42
C ALA D 137 5.88 23.74 10.12
N VAL D 138 5.73 24.19 11.35
CA VAL D 138 4.56 23.90 12.16
C VAL D 138 3.94 25.18 12.68
N VAL D 139 2.62 25.26 12.63
CA VAL D 139 1.91 26.40 13.17
C VAL D 139 0.96 25.77 14.18
N VAL D 140 1.12 26.14 15.44
CA VAL D 140 0.31 25.57 16.50
C VAL D 140 -0.47 26.59 17.32
N THR D 141 -1.67 26.20 17.76
CA THR D 141 -2.51 27.04 18.57
C THR D 141 -3.22 26.17 19.59
N ASP D 142 -3.73 26.79 20.65
CA ASP D 142 -4.51 26.05 21.63
C ASP D 142 -5.90 26.67 21.57
N GLY D 143 -6.10 27.53 20.57
CA GLY D 143 -7.38 28.17 20.34
C GLY D 143 -7.95 29.03 21.46
N GLU D 144 -7.09 29.56 22.33
CA GLU D 144 -7.56 30.39 23.43
C GLU D 144 -7.82 31.85 23.07
N ARG D 145 -7.08 32.37 22.09
CA ARG D 145 -7.26 33.76 21.67
C ARG D 145 -7.31 33.77 20.14
N ILE D 146 -8.40 33.27 19.59
CA ILE D 146 -8.56 33.22 18.14
C ILE D 146 -8.96 34.60 17.62
N LEU D 147 -8.04 35.25 16.92
CA LEU D 147 -8.27 36.59 16.40
C LEU D 147 -8.80 37.40 17.57
N GLY D 148 -9.82 38.22 17.35
CA GLY D 148 -10.40 38.98 18.44
C GLY D 148 -11.68 38.33 18.89
N LEU D 149 -11.85 37.06 18.56
CA LEU D 149 -13.06 36.32 18.91
C LEU D 149 -12.94 35.58 20.23
N GLY D 150 -11.75 35.53 20.79
CA GLY D 150 -11.58 34.83 22.06
C GLY D 150 -11.36 33.33 21.97
N ASP D 151 -11.76 32.65 23.03
CA ASP D 151 -11.61 31.19 23.18
C ASP D 151 -12.58 30.40 22.31
N LEU D 152 -12.08 29.75 21.27
CA LEU D 152 -12.90 28.93 20.39
C LEU D 152 -12.42 27.48 20.42
N GLY D 153 -11.51 27.20 21.35
CA GLY D 153 -10.99 25.85 21.48
C GLY D 153 -10.57 25.18 20.19
N VAL D 154 -11.00 23.94 20.00
CA VAL D 154 -10.64 23.19 18.81
C VAL D 154 -11.17 23.81 17.53
N TYR D 155 -12.18 24.69 17.63
CA TYR D 155 -12.71 25.35 16.44
C TYR D 155 -11.62 26.30 15.94
N GLY D 156 -10.62 26.53 16.77
CA GLY D 156 -9.53 27.41 16.40
C GLY D 156 -8.56 26.82 15.40
N MSE D 157 -8.70 25.53 15.14
CA MSE D 157 -7.82 24.85 14.19
C MSE D 157 -7.83 25.52 12.82
O MSE D 157 -6.89 25.40 12.06
CB MSE D 157 -8.21 23.37 14.05
CG MSE D 157 -7.47 22.62 12.96
SE MSE D 157 -5.53 22.68 13.16
CE MSE D 157 -5.17 20.81 13.58
N GLY D 158 -8.91 26.24 12.50
CA GLY D 158 -8.99 26.91 11.22
C GLY D 158 -7.88 27.93 11.03
N ILE D 159 -7.31 28.39 12.14
CA ILE D 159 -6.25 29.39 12.08
C ILE D 159 -4.95 28.80 11.56
N PRO D 160 -4.41 27.75 12.21
CA PRO D 160 -3.15 27.16 11.72
C PRO D 160 -3.27 26.76 10.26
N VAL D 161 -4.42 26.23 9.88
CA VAL D 161 -4.64 25.83 8.49
C VAL D 161 -4.53 27.07 7.60
N GLY D 162 -5.11 28.17 8.04
CA GLY D 162 -5.06 29.41 7.27
C GLY D 162 -3.64 29.95 7.13
N LYS D 163 -2.95 30.10 8.26
CA LYS D 163 -1.58 30.60 8.23
C LYS D 163 -0.72 29.75 7.29
N LEU D 164 -0.85 28.42 7.37
CA LEU D 164 -0.04 27.55 6.52
C LEU D 164 -0.37 27.63 5.05
N CYS D 165 -1.62 27.92 4.71
CA CYS D 165 -1.98 28.04 3.30
C CYS D 165 -1.25 29.25 2.74
N LEU D 166 -1.02 30.23 3.61
CA LEU D 166 -0.33 31.45 3.21
C LEU D 166 1.18 31.23 3.12
N TYR D 167 1.72 30.30 3.91
CA TYR D 167 3.14 29.98 3.85
C TYR D 167 3.42 29.61 2.40
N THR D 168 2.54 28.79 1.84
CA THR D 168 2.68 28.32 0.47
C THR D 168 2.26 29.35 -0.57
N ALA D 169 1.09 29.96 -0.41
CA ALA D 169 0.61 30.92 -1.39
C ALA D 169 1.48 32.18 -1.45
N CYS D 170 2.04 32.58 -0.33
CA CYS D 170 2.86 33.79 -0.29
C CYS D 170 4.36 33.57 -0.49
N ALA D 171 4.94 32.58 0.19
CA ALA D 171 6.37 32.36 0.10
C ALA D 171 6.84 31.12 -0.66
N GLY D 172 5.91 30.35 -1.21
CA GLY D 172 6.30 29.17 -1.97
C GLY D 172 6.89 28.07 -1.09
N ILE D 173 6.49 28.02 0.17
CA ILE D 173 6.99 26.99 1.05
C ILE D 173 6.21 25.72 0.67
N ARG D 174 6.89 24.59 0.58
CA ARG D 174 6.25 23.33 0.20
C ARG D 174 5.10 22.93 1.13
N PRO D 175 3.91 22.68 0.56
CA PRO D 175 2.73 22.29 1.34
C PRO D 175 2.97 21.01 2.15
N ASP D 176 3.51 19.98 1.51
CA ASP D 176 3.75 18.71 2.19
C ASP D 176 4.75 18.79 3.33
N ARG D 177 5.34 19.96 3.54
CA ARG D 177 6.29 20.12 4.62
C ARG D 177 5.75 21.03 5.73
N CYS D 178 4.48 21.38 5.63
CA CYS D 178 3.82 22.23 6.62
C CYS D 178 2.86 21.39 7.45
N LEU D 179 2.80 21.66 8.76
CA LEU D 179 1.94 20.90 9.65
C LEU D 179 1.13 21.76 10.62
N PRO D 180 -0.19 21.88 10.40
CA PRO D 180 -1.04 22.67 11.30
C PRO D 180 -1.31 21.82 12.52
N VAL D 181 -1.24 22.42 13.71
CA VAL D 181 -1.47 21.66 14.92
C VAL D 181 -2.38 22.40 15.89
N CYS D 182 -3.28 21.66 16.53
CA CYS D 182 -4.18 22.24 17.51
C CYS D 182 -4.01 21.47 18.82
N ILE D 183 -3.70 22.19 19.90
CA ILE D 183 -3.55 21.56 21.21
C ILE D 183 -4.88 21.71 21.93
N ASP D 184 -5.49 20.60 22.31
CA ASP D 184 -6.79 20.66 22.98
C ASP D 184 -6.75 20.25 24.44
N VAL D 185 -6.84 21.25 25.32
CA VAL D 185 -6.83 21.01 26.76
C VAL D 185 -8.16 21.48 27.34
N GLY D 186 -9.13 21.67 26.45
CA GLY D 186 -10.44 22.12 26.88
C GLY D 186 -10.71 23.54 26.43
N THR D 187 -11.87 24.06 26.80
CA THR D 187 -12.23 25.42 26.43
C THR D 187 -13.16 25.99 27.50
N ASP D 188 -13.07 27.30 27.72
CA ASP D 188 -13.92 27.95 28.70
C ASP D 188 -15.11 28.61 28.02
N ASN D 189 -15.23 28.41 26.72
CA ASN D 189 -16.34 28.95 25.96
C ASN D 189 -17.58 28.12 26.31
N ILE D 190 -18.45 28.70 27.13
CA ILE D 190 -19.67 28.03 27.56
C ILE D 190 -20.56 27.59 26.41
N ALA D 191 -20.62 28.40 25.36
CA ALA D 191 -21.44 28.07 24.21
C ALA D 191 -20.96 26.81 23.49
N LEU D 192 -19.65 26.61 23.42
CA LEU D 192 -19.12 25.43 22.74
C LEU D 192 -19.31 24.16 23.55
N LEU D 193 -19.27 24.28 24.87
CA LEU D 193 -19.44 23.10 25.72
C LEU D 193 -20.83 22.49 25.61
N LYS D 194 -21.79 23.27 25.10
CA LYS D 194 -23.14 22.76 24.94
C LYS D 194 -23.46 22.55 23.46
N ASP D 195 -22.46 22.70 22.60
CA ASP D 195 -22.64 22.53 21.17
C ASP D 195 -22.41 21.07 20.80
N PRO D 196 -23.45 20.39 20.28
CA PRO D 196 -23.35 18.98 19.88
C PRO D 196 -22.38 18.76 18.74
N PHE D 197 -22.00 19.83 18.04
CA PHE D 197 -21.07 19.72 16.92
C PHE D 197 -19.65 20.11 17.31
N TYR D 198 -19.44 20.53 18.55
CA TYR D 198 -18.10 20.92 18.98
C TYR D 198 -17.10 19.79 18.68
N MSE D 199 -15.89 20.17 18.27
CA MSE D 199 -14.87 19.21 17.90
C MSE D 199 -13.80 18.87 18.94
O MSE D 199 -12.89 18.10 18.66
CB MSE D 199 -14.20 19.69 16.61
CG MSE D 199 -15.16 19.75 15.42
SE MSE D 199 -14.53 20.86 13.96
CE MSE D 199 -12.94 19.87 13.45
N GLY D 200 -13.91 19.43 20.15
CA GLY D 200 -12.91 19.15 21.16
C GLY D 200 -13.41 18.40 22.37
N LEU D 201 -12.58 18.35 23.40
CA LEU D 201 -12.93 17.70 24.65
C LEU D 201 -13.96 18.57 25.36
N TYR D 202 -14.99 17.96 25.94
CA TYR D 202 -16.01 18.73 26.64
C TYR D 202 -15.63 18.98 28.10
N GLN D 203 -14.72 19.92 28.31
CA GLN D 203 -14.26 20.26 29.65
C GLN D 203 -13.66 21.65 29.60
N LYS D 204 -13.61 22.33 30.73
CA LYS D 204 -13.03 23.67 30.82
C LYS D 204 -11.52 23.51 30.60
N ARG D 205 -10.82 24.60 30.35
CA ARG D 205 -9.38 24.52 30.13
C ARG D 205 -8.58 24.01 31.34
N ASP D 206 -7.66 23.09 31.08
CA ASP D 206 -6.79 22.55 32.13
C ASP D 206 -5.67 23.57 32.25
N ARG D 207 -5.62 24.29 33.36
CA ARG D 207 -4.59 25.29 33.55
C ARG D 207 -3.54 24.85 34.56
N THR D 208 -3.53 23.57 34.91
CA THR D 208 -2.56 23.05 35.86
C THR D 208 -1.23 22.82 35.15
N GLN D 209 -0.27 22.27 35.87
CA GLN D 209 1.05 21.99 35.31
C GLN D 209 0.93 21.02 34.13
N GLN D 210 -0.17 20.25 34.07
CA GLN D 210 -0.37 19.30 32.98
C GLN D 210 -0.41 20.00 31.63
N TYR D 211 -0.85 21.24 31.63
CA TYR D 211 -0.91 22.02 30.40
C TYR D 211 0.51 22.24 29.90
N ASP D 212 1.38 22.75 30.78
CA ASP D 212 2.77 23.00 30.41
C ASP D 212 3.49 21.71 30.04
N ASP D 213 3.13 20.62 30.72
CA ASP D 213 3.74 19.33 30.46
C ASP D 213 3.38 18.84 29.07
N LEU D 214 2.16 19.12 28.63
CA LEU D 214 1.71 18.69 27.31
C LEU D 214 2.48 19.46 26.23
N ILE D 215 2.59 20.76 26.40
CA ILE D 215 3.30 21.59 25.44
C ILE D 215 4.75 21.13 25.32
N ASP D 216 5.35 20.77 26.45
CA ASP D 216 6.73 20.31 26.48
C ASP D 216 6.86 19.00 25.73
N GLU D 217 5.91 18.10 25.95
CA GLU D 217 5.92 16.80 25.29
C GLU D 217 5.73 17.00 23.78
N PHE D 218 4.94 18.00 23.41
CA PHE D 218 4.68 18.31 22.01
C PHE D 218 5.95 18.84 21.33
N MSE D 219 6.61 19.80 21.98
CA MSE D 219 7.83 20.36 21.41
C MSE D 219 8.88 19.26 21.23
O MSE D 219 9.52 19.17 20.18
CB MSE D 219 8.40 21.47 22.31
CG MSE D 219 7.49 22.69 22.48
SE MSE D 219 7.10 23.63 20.82
CE MSE D 219 8.63 24.82 20.73
N LYS D 220 9.04 18.42 22.24
CA LYS D 220 10.01 17.33 22.17
C LYS D 220 9.66 16.33 21.07
N ALA D 221 8.40 15.94 20.99
CA ALA D 221 7.98 14.96 19.99
C ALA D 221 8.14 15.44 18.55
N ILE D 222 7.77 16.69 18.30
CA ILE D 222 7.90 17.25 16.95
C ILE D 222 9.36 17.31 16.52
N THR D 223 10.22 17.81 17.39
CA THR D 223 11.63 17.92 17.06
C THR D 223 12.31 16.56 17.05
N ASP D 224 11.82 15.62 17.86
CA ASP D 224 12.41 14.28 17.86
C ASP D 224 12.18 13.58 16.53
N ARG D 225 11.04 13.84 15.89
CA ARG D 225 10.76 13.18 14.61
C ARG D 225 11.26 13.96 13.40
N TYR D 226 11.12 15.28 13.42
CA TYR D 226 11.50 16.08 12.27
C TYR D 226 12.80 16.88 12.35
N GLY D 227 13.40 16.96 13.53
CA GLY D 227 14.64 17.69 13.67
C GLY D 227 14.50 18.85 14.64
N ARG D 228 15.59 19.21 15.30
CA ARG D 228 15.60 20.28 16.27
C ARG D 228 15.43 21.66 15.64
N ASN D 229 15.72 21.80 14.34
CA ASN D 229 15.58 23.09 13.69
C ASN D 229 14.22 23.24 13.00
N THR D 230 13.29 22.34 13.30
CA THR D 230 11.96 22.41 12.72
C THR D 230 11.35 23.72 13.23
N LEU D 231 10.86 24.55 12.30
CA LEU D 231 10.27 25.83 12.66
C LEU D 231 8.93 25.63 13.34
N ILE D 232 8.77 26.21 14.53
CA ILE D 232 7.52 26.10 15.27
C ILE D 232 6.95 27.49 15.50
N GLN D 233 5.85 27.80 14.82
CA GLN D 233 5.21 29.10 14.97
C GLN D 233 4.02 29.04 15.91
N PHE D 234 4.08 29.77 17.01
CA PHE D 234 2.96 29.81 17.95
C PHE D 234 1.95 30.82 17.43
N GLU D 235 0.67 30.46 17.48
CA GLU D 235 -0.38 31.33 16.97
C GLU D 235 -1.64 31.32 17.83
N ASP D 236 -2.09 32.51 18.20
CA ASP D 236 -3.30 32.65 19.00
C ASP D 236 -3.42 31.96 20.33
N PHE D 237 -2.34 31.97 21.11
CA PHE D 237 -2.37 31.41 22.45
C PHE D 237 -2.84 32.57 23.34
N GLY D 238 -3.28 32.25 24.56
CA GLY D 238 -3.71 33.31 25.46
C GLY D 238 -2.52 34.18 25.88
N ASN D 239 -2.80 35.39 26.34
CA ASN D 239 -1.76 36.35 26.74
C ASN D 239 -0.70 35.85 27.73
N HIS D 240 -1.10 35.10 28.76
CA HIS D 240 -0.12 34.60 29.70
C HIS D 240 0.82 33.60 29.04
N ASN D 241 0.23 32.54 28.50
CA ASN D 241 0.99 31.48 27.85
C ASN D 241 1.84 31.93 26.65
N ALA D 242 1.37 32.90 25.88
CA ALA D 242 2.11 33.38 24.70
C ALA D 242 3.53 33.84 25.04
N PHE D 243 3.64 34.85 25.91
CA PHE D 243 4.95 35.36 26.29
C PHE D 243 5.82 34.32 26.99
N ARG D 244 5.27 33.62 27.97
CA ARG D 244 6.08 32.65 28.71
C ARG D 244 6.56 31.46 27.88
N PHE D 245 5.80 31.08 26.86
CA PHE D 245 6.22 29.96 26.01
C PHE D 245 7.28 30.44 25.04
N LEU D 246 7.16 31.69 24.58
CA LEU D 246 8.15 32.24 23.67
C LEU D 246 9.48 32.32 24.41
N ARG D 247 9.44 32.87 25.62
CA ARG D 247 10.64 33.01 26.44
C ARG D 247 11.22 31.65 26.82
N LYS D 248 10.35 30.70 27.15
CA LYS D 248 10.77 29.38 27.56
C LYS D 248 11.46 28.56 26.46
N TYR D 249 11.00 28.68 25.22
CA TYR D 249 11.54 27.88 24.13
C TYR D 249 12.40 28.54 23.06
N ARG D 250 12.32 29.86 22.91
CA ARG D 250 13.07 30.53 21.86
C ARG D 250 14.57 30.24 21.77
N GLU D 251 15.17 29.76 22.85
CA GLU D 251 16.60 29.45 22.81
C GLU D 251 16.86 27.95 22.81
N LYS D 252 15.79 27.16 22.83
CA LYS D 252 15.90 25.70 22.82
C LYS D 252 15.50 25.18 21.44
N TYR D 253 14.47 25.79 20.86
CA TYR D 253 13.98 25.36 19.56
C TYR D 253 13.94 26.53 18.59
N CYS D 254 13.60 26.24 17.34
CA CYS D 254 13.49 27.28 16.32
C CYS D 254 12.03 27.70 16.35
N THR D 255 11.70 28.63 17.25
CA THR D 255 10.31 29.04 17.39
C THR D 255 10.12 30.54 17.57
N PHE D 256 8.91 30.99 17.26
CA PHE D 256 8.56 32.40 17.42
C PHE D 256 7.05 32.51 17.55
N ASN D 257 6.57 33.58 18.15
CA ASN D 257 5.15 33.78 18.30
C ASN D 257 4.76 34.86 17.29
N ASP D 258 3.95 34.48 16.30
CA ASP D 258 3.52 35.37 15.24
C ASP D 258 2.77 36.61 15.72
N ASP D 259 2.00 36.46 16.79
CA ASP D 259 1.22 37.55 17.34
C ASP D 259 2.06 38.63 17.99
N ILE D 260 3.10 38.21 18.70
CA ILE D 260 3.98 39.15 19.36
C ILE D 260 4.98 39.73 18.39
N GLN D 261 5.78 38.85 17.78
CA GLN D 261 6.85 39.25 16.86
C GLN D 261 6.48 39.56 15.41
N GLY D 262 5.56 38.80 14.83
CA GLY D 262 5.18 39.07 13.45
C GLY D 262 4.44 40.39 13.30
N THR D 263 3.55 40.67 14.24
CA THR D 263 2.78 41.91 14.23
C THR D 263 3.72 43.09 14.44
N ALA D 264 4.67 42.93 15.36
CA ALA D 264 5.63 44.00 15.64
C ALA D 264 6.29 44.45 14.35
N ALA D 265 6.76 43.49 13.56
CA ALA D 265 7.43 43.77 12.30
C ALA D 265 6.57 44.52 11.30
N VAL D 266 5.31 44.11 11.13
CA VAL D 266 4.45 44.77 10.16
C VAL D 266 3.99 46.13 10.67
N ALA D 267 3.81 46.25 11.98
CA ALA D 267 3.39 47.52 12.57
C ALA D 267 4.52 48.54 12.38
N LEU D 268 5.74 48.15 12.76
CA LEU D 268 6.90 49.01 12.62
C LEU D 268 7.13 49.38 11.15
N ALA D 269 6.83 48.46 10.24
CA ALA D 269 7.01 48.71 8.82
C ALA D 269 6.05 49.80 8.36
N GLY D 270 4.86 49.84 8.93
CA GLY D 270 3.89 50.86 8.57
C GLY D 270 4.33 52.21 9.11
N LEU D 271 4.87 52.21 10.32
CA LEU D 271 5.35 53.43 10.96
C LEU D 271 6.56 53.97 10.22
N LEU D 272 7.41 53.07 9.72
CA LEU D 272 8.59 53.49 8.98
C LEU D 272 8.16 54.11 7.65
N ALA D 273 7.05 53.64 7.10
CA ALA D 273 6.56 54.17 5.84
C ALA D 273 5.90 55.51 6.09
N ALA D 274 5.17 55.62 7.20
CA ALA D 274 4.48 56.86 7.56
C ALA D 274 5.49 57.99 7.71
N GLN D 275 6.65 57.70 8.29
CA GLN D 275 7.70 58.68 8.49
C GLN D 275 8.23 59.17 7.14
N LYS D 276 7.78 58.53 6.06
CA LYS D 276 8.21 58.90 4.72
C LYS D 276 7.39 60.10 4.24
N VAL D 277 6.31 60.39 4.96
CA VAL D 277 5.42 61.50 4.62
C VAL D 277 5.35 62.49 5.77
N ILE D 278 5.80 62.06 6.95
CA ILE D 278 5.77 62.91 8.14
C ILE D 278 7.14 63.56 8.36
N SER D 279 8.16 62.72 8.54
CA SER D 279 9.53 63.16 8.74
C SER D 279 9.81 63.87 10.06
N LYS D 280 8.76 64.26 10.78
CA LYS D 280 8.95 64.97 12.06
C LYS D 280 10.00 64.30 12.93
N PRO D 281 10.62 65.05 13.85
CA PRO D 281 11.66 64.52 14.75
C PRO D 281 11.13 63.38 15.63
N ILE D 282 11.91 62.31 15.74
CA ILE D 282 11.50 61.16 16.54
C ILE D 282 11.30 61.58 18.00
N SER D 283 11.81 62.75 18.36
CA SER D 283 11.68 63.26 19.72
C SER D 283 10.21 63.61 19.97
N GLU D 284 9.55 64.14 18.95
CA GLU D 284 8.15 64.51 19.04
C GLU D 284 7.23 63.36 18.62
N HIS D 285 7.74 62.14 18.65
CA HIS D 285 6.95 60.96 18.30
C HIS D 285 6.38 60.39 19.59
N LYS D 286 5.07 60.55 19.78
CA LYS D 286 4.41 60.04 20.97
C LYS D 286 3.44 58.94 20.55
N ILE D 287 3.66 57.72 21.06
CA ILE D 287 2.81 56.59 20.71
C ILE D 287 1.87 56.16 21.84
N LEU D 288 0.58 56.03 21.53
CA LEU D 288 -0.40 55.59 22.51
C LEU D 288 -1.08 54.31 21.98
N PHE D 289 -0.97 53.23 22.74
CA PHE D 289 -1.54 51.93 22.37
C PHE D 289 -2.90 51.68 23.00
N LEU D 290 -3.85 51.16 22.20
CA LEU D 290 -5.15 50.79 22.72
C LEU D 290 -4.94 49.30 22.93
N GLY D 291 -4.73 48.90 24.18
CA GLY D 291 -4.47 47.51 24.51
C GLY D 291 -3.02 47.38 24.94
N ALA D 292 -2.71 46.42 25.81
CA ALA D 292 -1.33 46.23 26.29
C ALA D 292 -1.01 44.74 26.39
N GLY D 293 -1.48 43.96 25.41
CA GLY D 293 -1.25 42.54 25.43
C GLY D 293 -0.16 42.07 24.47
N GLU D 294 -0.32 40.86 23.98
CA GLU D 294 0.61 40.23 23.06
C GLU D 294 1.08 41.14 21.93
N ALA D 295 0.13 41.68 21.16
CA ALA D 295 0.50 42.54 20.04
C ALA D 295 1.12 43.88 20.49
N ALA D 296 0.47 44.57 21.42
CA ALA D 296 0.96 45.87 21.89
C ALA D 296 2.41 45.80 22.37
N LEU D 297 2.66 44.92 23.33
CA LEU D 297 4.01 44.77 23.88
C LEU D 297 4.99 44.40 22.77
N GLY D 298 4.58 43.47 21.91
CA GLY D 298 5.45 43.06 20.82
C GLY D 298 5.83 44.23 19.93
N ILE D 299 4.83 45.01 19.49
CA ILE D 299 5.10 46.16 18.62
C ILE D 299 5.97 47.20 19.34
N ALA D 300 5.65 47.48 20.59
CA ALA D 300 6.40 48.45 21.38
C ALA D 300 7.87 48.09 21.54
N ASN D 301 8.17 46.83 21.83
CA ASN D 301 9.54 46.41 21.99
C ASN D 301 10.32 46.53 20.70
N LEU D 302 9.65 46.34 19.56
CA LEU D 302 10.33 46.45 18.28
C LEU D 302 10.48 47.92 17.90
N ILE D 303 9.53 48.75 18.29
CA ILE D 303 9.61 50.18 18.00
C ILE D 303 10.83 50.72 18.76
N VAL D 304 10.97 50.29 20.01
CA VAL D 304 12.09 50.71 20.85
C VAL D 304 13.44 50.34 20.21
N MSE D 305 13.53 49.11 19.69
CA MSE D 305 14.77 48.65 19.05
C MSE D 305 15.11 49.51 17.84
O MSE D 305 16.29 49.81 17.62
CB MSE D 305 14.64 47.19 18.62
CG MSE D 305 14.72 46.21 19.78
SE MSE D 305 14.51 44.37 19.22
CE MSE D 305 16.32 43.96 18.66
N SER D 306 14.10 49.87 17.06
CA SER D 306 14.34 50.70 15.89
C SER D 306 14.90 52.05 16.34
N MSE D 307 14.31 52.63 17.38
CA MSE D 307 14.76 53.92 17.90
C MSE D 307 16.17 53.80 18.46
O MSE D 307 17.04 54.60 18.12
CB MSE D 307 13.81 54.42 18.99
CG MSE D 307 12.41 54.74 18.50
SE MSE D 307 11.28 55.51 19.87
CE MSE D 307 9.94 56.32 18.76
N VAL D 308 16.39 52.81 19.32
CA VAL D 308 17.70 52.58 19.91
C VAL D 308 18.72 52.44 18.78
N GLU D 309 18.28 51.94 17.63
CA GLU D 309 19.15 51.75 16.49
C GLU D 309 19.51 53.08 15.84
N ASN D 310 18.66 54.09 16.04
CA ASN D 310 18.90 55.40 15.45
C ASN D 310 19.35 56.49 16.44
N GLY D 311 19.88 56.08 17.59
CA GLY D 311 20.34 57.08 18.54
C GLY D 311 19.84 56.98 19.96
N LEU D 312 18.55 57.21 20.16
CA LEU D 312 17.94 57.17 21.48
C LEU D 312 18.36 55.97 22.32
N SER D 313 18.32 56.12 23.64
CA SER D 313 18.68 55.04 24.54
C SER D 313 17.40 54.22 24.76
N GLU D 314 17.55 53.00 25.28
CA GLU D 314 16.40 52.15 25.53
C GLU D 314 15.38 52.87 26.40
N GLN D 315 15.82 53.36 27.56
CA GLN D 315 14.94 54.05 28.48
C GLN D 315 14.30 55.31 27.89
N GLU D 316 15.04 56.05 27.08
CA GLU D 316 14.53 57.27 26.47
C GLU D 316 13.52 56.99 25.36
N ALA D 317 13.58 55.80 24.77
CA ALA D 317 12.66 55.44 23.70
C ALA D 317 11.37 54.89 24.30
N GLN D 318 11.49 54.19 25.42
CA GLN D 318 10.33 53.62 26.08
C GLN D 318 9.42 54.70 26.68
N LYS D 319 9.97 55.90 26.87
CA LYS D 319 9.21 57.03 27.41
C LYS D 319 8.29 57.63 26.35
N LYS D 320 8.51 57.28 25.09
CA LYS D 320 7.69 57.81 24.01
C LYS D 320 6.51 56.88 23.73
N ILE D 321 6.34 55.86 24.56
CA ILE D 321 5.26 54.90 24.39
C ILE D 321 4.32 54.83 25.59
N TRP D 322 3.02 54.97 25.34
CA TRP D 322 2.02 54.87 26.39
C TRP D 322 1.00 53.78 26.01
N MSE D 323 0.41 53.12 27.01
CA MSE D 323 -0.56 52.07 26.74
C MSE D 323 -1.81 52.24 27.59
O MSE D 323 -1.73 52.67 28.73
CB MSE D 323 0.07 50.69 27.01
CG MSE D 323 1.38 50.46 26.24
SE MSE D 323 2.03 48.65 26.37
CE MSE D 323 2.64 48.63 28.20
N PHE D 324 -2.96 51.91 27.00
CA PHE D 324 -4.27 52.04 27.66
C PHE D 324 -5.01 50.71 27.49
N ASP D 325 -5.17 49.95 28.56
CA ASP D 325 -5.87 48.66 28.47
C ASP D 325 -7.30 48.70 28.98
N LYS D 326 -7.88 47.53 29.24
CA LYS D 326 -9.26 47.43 29.70
C LYS D 326 -9.52 48.12 31.03
N TYR D 327 -8.48 48.34 31.82
CA TYR D 327 -8.66 48.99 33.11
C TYR D 327 -8.25 50.46 33.04
N GLY D 328 -7.67 50.88 31.92
CA GLY D 328 -7.26 52.27 31.77
C GLY D 328 -5.79 52.45 31.45
N LEU D 329 -5.33 53.70 31.52
CA LEU D 329 -3.93 54.02 31.22
C LEU D 329 -2.99 53.28 32.17
N LEU D 330 -1.82 52.91 31.68
CA LEU D 330 -0.84 52.21 32.50
C LEU D 330 0.07 53.23 33.15
N VAL D 331 -0.15 53.47 34.45
CA VAL D 331 0.66 54.42 35.21
C VAL D 331 1.13 53.78 36.50
N LYS D 332 2.30 54.18 36.97
CA LYS D 332 2.87 53.64 38.20
C LYS D 332 1.87 53.73 39.34
N GLY D 333 1.68 52.63 40.07
CA GLY D 333 0.77 52.65 41.20
C GLY D 333 -0.72 52.48 40.94
N ARG D 334 -1.13 52.37 39.68
CA ARG D 334 -2.55 52.19 39.39
C ARG D 334 -3.01 50.90 40.06
N LYS D 335 -4.30 50.77 40.29
CA LYS D 335 -4.82 49.57 40.93
C LYS D 335 -4.64 48.33 40.05
N ALA D 336 -4.99 48.43 38.78
CA ALA D 336 -4.86 47.30 37.87
C ALA D 336 -3.42 46.78 37.80
N LYS D 337 -3.26 45.46 37.72
CA LYS D 337 -1.94 44.84 37.68
C LYS D 337 -1.14 45.25 36.44
N ILE D 338 0.19 45.13 36.55
CA ILE D 338 1.11 45.44 35.46
C ILE D 338 2.18 44.35 35.47
N ASP D 339 2.33 43.62 34.36
CA ASP D 339 3.31 42.55 34.30
C ASP D 339 4.72 43.04 33.93
N SER D 340 5.69 42.14 34.02
CA SER D 340 7.09 42.46 33.71
C SER D 340 7.28 43.16 32.37
N TYR D 341 6.60 42.70 31.33
CA TYR D 341 6.73 43.29 30.01
C TYR D 341 6.12 44.68 29.90
N GLN D 342 5.13 44.98 30.73
CA GLN D 342 4.47 46.27 30.69
C GLN D 342 5.20 47.35 31.47
N GLU D 343 5.81 46.96 32.59
CA GLU D 343 6.54 47.88 33.45
C GLU D 343 7.32 48.94 32.65
N PRO D 344 8.14 48.51 31.68
CA PRO D 344 8.93 49.45 30.87
C PRO D 344 8.12 50.52 30.14
N PHE D 345 6.80 50.37 30.09
CA PHE D 345 5.96 51.37 29.43
C PHE D 345 4.92 51.92 30.40
N THR D 346 5.06 51.60 31.68
CA THR D 346 4.17 52.09 32.72
C THR D 346 4.87 53.31 33.31
N HIS D 347 4.39 54.50 32.97
CA HIS D 347 4.99 55.74 33.45
C HIS D 347 4.28 56.37 34.64
N SER D 348 4.85 57.47 35.15
CA SER D 348 4.24 58.17 36.27
C SER D 348 3.04 58.91 35.69
N ALA D 349 1.93 58.87 36.43
CA ALA D 349 0.69 59.51 35.99
C ALA D 349 0.89 60.95 35.52
N PRO D 350 0.22 61.34 34.43
CA PRO D 350 0.32 62.70 33.89
C PRO D 350 -0.47 63.65 34.77
N GLU D 351 -0.59 64.91 34.34
CA GLU D 351 -1.33 65.93 35.08
C GLU D 351 -2.58 65.32 35.73
N SER D 352 -3.38 64.63 34.91
CA SER D 352 -4.60 63.98 35.36
C SER D 352 -4.67 62.60 34.72
N ILE D 353 -5.44 61.70 35.31
CA ILE D 353 -5.57 60.35 34.77
C ILE D 353 -6.81 60.20 33.90
N PRO D 354 -6.62 59.90 32.60
CA PRO D 354 -7.72 59.73 31.64
C PRO D 354 -8.69 58.64 32.06
N ASP D 355 -9.97 58.83 31.76
CA ASP D 355 -10.99 57.85 32.11
C ASP D 355 -11.27 56.98 30.89
N THR D 356 -11.32 57.60 29.72
CA THR D 356 -11.58 56.89 28.47
C THR D 356 -10.38 57.03 27.55
N PHE D 357 -10.39 56.34 26.42
CA PHE D 357 -9.27 56.45 25.50
C PHE D 357 -9.28 57.82 24.86
N GLU D 358 -10.45 58.44 24.77
CA GLU D 358 -10.54 59.78 24.20
C GLU D 358 -9.85 60.79 25.12
N ASP D 359 -9.93 60.56 26.43
CA ASP D 359 -9.28 61.46 27.39
C ASP D 359 -7.77 61.25 27.33
N ALA D 360 -7.34 60.00 27.22
CA ALA D 360 -5.92 59.67 27.13
C ALA D 360 -5.28 60.38 25.94
N VAL D 361 -6.03 60.47 24.85
CA VAL D 361 -5.54 61.13 23.64
C VAL D 361 -5.44 62.63 23.85
N ASN D 362 -6.47 63.24 24.43
CA ASN D 362 -6.45 64.68 24.66
C ASN D 362 -5.42 65.10 25.71
N ILE D 363 -5.22 64.26 26.72
CA ILE D 363 -4.26 64.58 27.77
C ILE D 363 -2.82 64.31 27.32
N LEU D 364 -2.58 63.16 26.70
CA LEU D 364 -1.25 62.80 26.24
C LEU D 364 -0.89 63.38 24.88
N LYS D 365 -1.89 63.70 24.07
CA LYS D 365 -1.65 64.27 22.74
C LYS D 365 -0.63 63.46 21.93
N PRO D 366 -0.84 62.14 21.79
CA PRO D 366 0.10 61.33 21.03
C PRO D 366 0.04 61.66 19.54
N SER D 367 1.08 61.30 18.80
CA SER D 367 1.13 61.55 17.36
C SER D 367 0.73 60.27 16.63
N THR D 368 0.80 59.14 17.33
CA THR D 368 0.43 57.86 16.74
C THR D 368 -0.46 57.07 17.67
N ILE D 369 -1.54 56.51 17.14
CA ILE D 369 -2.46 55.69 17.92
C ILE D 369 -2.54 54.29 17.29
N ILE D 370 -2.33 53.27 18.11
CA ILE D 370 -2.35 51.88 17.62
C ILE D 370 -3.37 51.01 18.35
N GLY D 371 -4.37 50.52 17.61
CA GLY D 371 -5.39 49.69 18.21
C GLY D 371 -5.14 48.20 18.11
N VAL D 372 -5.01 47.55 19.26
CA VAL D 372 -4.79 46.12 19.35
C VAL D 372 -5.46 45.58 20.61
N ALA D 373 -6.76 45.83 20.74
CA ALA D 373 -7.52 45.38 21.90
C ALA D 373 -8.54 44.32 21.51
N GLY D 374 -8.80 44.20 20.21
CA GLY D 374 -9.76 43.22 19.73
C GLY D 374 -11.09 43.30 20.45
N ALA D 375 -11.51 44.52 20.76
CA ALA D 375 -12.76 44.74 21.49
C ALA D 375 -13.78 45.54 20.71
N GLY D 376 -13.55 45.78 19.43
CA GLY D 376 -14.51 46.54 18.65
C GLY D 376 -14.14 47.99 18.43
N ARG D 377 -15.12 48.76 17.93
CA ARG D 377 -14.96 50.17 17.60
C ARG D 377 -14.60 51.11 18.75
N LEU D 378 -13.41 50.99 19.31
CA LEU D 378 -13.02 51.87 20.40
C LEU D 378 -12.44 53.18 19.88
N PHE D 379 -12.13 53.24 18.59
CA PHE D 379 -11.62 54.48 17.99
C PHE D 379 -12.82 55.26 17.47
N THR D 380 -13.63 55.73 18.42
CA THR D 380 -14.84 56.49 18.12
C THR D 380 -14.57 57.71 17.25
N PRO D 381 -15.63 58.27 16.64
CA PRO D 381 -15.49 59.46 15.80
C PRO D 381 -14.82 60.58 16.60
N ASP D 382 -15.11 60.63 17.89
CA ASP D 382 -14.53 61.65 18.77
C ASP D 382 -13.05 61.39 18.97
N VAL D 383 -12.67 60.12 19.06
CA VAL D 383 -11.26 59.78 19.24
C VAL D 383 -10.54 60.20 17.97
N ILE D 384 -11.15 59.91 16.83
CA ILE D 384 -10.57 60.24 15.54
C ILE D 384 -10.48 61.75 15.30
N ARG D 385 -11.51 62.50 15.66
CA ARG D 385 -11.50 63.94 15.47
C ARG D 385 -10.40 64.56 16.32
N ALA D 386 -10.30 64.10 17.57
CA ALA D 386 -9.28 64.61 18.48
C ALA D 386 -7.89 64.42 17.90
N MSE D 387 -7.66 63.29 17.25
CA MSE D 387 -6.34 63.01 16.67
C MSE D 387 -6.04 63.96 15.51
O MSE D 387 -4.89 64.34 15.32
CB MSE D 387 -6.29 61.56 16.17
CG MSE D 387 -4.92 60.92 16.29
SE MSE D 387 -4.36 60.79 18.14
CE MSE D 387 -5.67 59.51 18.77
N ALA D 388 -7.06 64.31 14.74
CA ALA D 388 -6.89 65.23 13.61
C ALA D 388 -6.72 66.65 14.14
N SER D 389 -7.24 66.88 15.33
CA SER D 389 -7.14 68.20 15.97
C SER D 389 -5.77 68.37 16.60
N ILE D 390 -5.23 67.28 17.15
CA ILE D 390 -3.93 67.30 17.81
C ILE D 390 -2.76 67.19 16.82
N ASN D 391 -3.02 66.59 15.66
CA ASN D 391 -1.96 66.40 14.66
C ASN D 391 -2.41 66.79 13.25
N GLU D 392 -1.47 67.23 12.42
CA GLU D 392 -1.77 67.61 11.04
C GLU D 392 -1.94 66.35 10.21
N ARG D 393 -1.12 65.35 10.50
CA ARG D 393 -1.15 64.05 9.82
C ARG D 393 -1.14 62.99 10.91
N PRO D 394 -2.30 62.69 11.51
CA PRO D 394 -2.33 61.68 12.56
C PRO D 394 -2.13 60.27 12.02
N VAL D 395 -1.36 59.46 12.74
CA VAL D 395 -1.13 58.09 12.33
C VAL D 395 -2.13 57.25 13.11
N ILE D 396 -3.06 56.61 12.41
CA ILE D 396 -4.07 55.79 13.06
C ILE D 396 -4.04 54.36 12.56
N PHE D 397 -3.73 53.44 13.46
CA PHE D 397 -3.65 52.01 13.15
C PHE D 397 -4.71 51.22 13.93
N ALA D 398 -5.72 50.71 13.23
CA ALA D 398 -6.76 49.90 13.85
C ALA D 398 -6.46 48.47 13.40
N LEU D 399 -5.57 47.81 14.14
CA LEU D 399 -5.11 46.46 13.80
C LEU D 399 -5.92 45.24 14.23
N SER D 400 -6.89 45.42 15.11
CA SER D 400 -7.69 44.28 15.58
C SER D 400 -8.46 43.54 14.48
N ASN D 401 -8.51 42.22 14.61
CA ASN D 401 -9.22 41.35 13.67
C ASN D 401 -10.23 40.50 14.42
N PRO D 402 -11.33 40.09 13.76
CA PRO D 402 -11.63 40.42 12.36
C PRO D 402 -12.24 41.81 12.30
N THR D 403 -12.80 42.17 11.15
CA THR D 403 -13.42 43.47 10.92
C THR D 403 -14.32 43.98 12.05
N ALA D 404 -15.30 43.19 12.46
CA ALA D 404 -16.21 43.60 13.52
C ALA D 404 -15.48 44.01 14.81
N GLN D 405 -14.27 43.49 15.00
CA GLN D 405 -13.49 43.79 16.20
C GLN D 405 -12.52 44.94 15.99
N ALA D 406 -12.44 45.44 14.76
CA ALA D 406 -11.54 46.53 14.42
C ALA D 406 -11.91 47.78 15.21
N GLU D 407 -10.92 48.61 15.51
CA GLU D 407 -11.11 49.84 16.27
C GLU D 407 -11.97 50.85 15.51
N CYS D 408 -11.81 50.88 14.20
CA CYS D 408 -12.58 51.78 13.36
C CYS D 408 -12.40 51.37 11.91
N THR D 409 -13.19 51.94 11.01
CA THR D 409 -13.12 51.59 9.60
C THR D 409 -12.28 52.62 8.85
N ALA D 410 -11.92 52.30 7.62
CA ALA D 410 -11.13 53.20 6.79
C ALA D 410 -11.98 54.43 6.48
N GLU D 411 -13.24 54.20 6.11
CA GLU D 411 -14.17 55.28 5.81
C GLU D 411 -14.20 56.31 6.92
N GLU D 412 -14.40 55.85 8.15
CA GLU D 412 -14.47 56.72 9.32
C GLU D 412 -13.17 57.48 9.55
N ALA D 413 -12.04 56.77 9.47
CA ALA D 413 -10.73 57.36 9.69
C ALA D 413 -10.43 58.50 8.72
N TYR D 414 -10.58 58.25 7.42
CA TYR D 414 -10.29 59.25 6.40
C TYR D 414 -11.29 60.39 6.38
N THR D 415 -12.58 60.05 6.46
CA THR D 415 -13.64 61.05 6.42
C THR D 415 -13.59 61.99 7.63
N LEU D 416 -13.40 61.42 8.83
CA LEU D 416 -13.35 62.22 10.04
C LEU D 416 -12.06 63.00 10.24
N THR D 417 -11.05 62.75 9.40
CA THR D 417 -9.79 63.49 9.52
C THR D 417 -9.56 64.32 8.26
N GLU D 418 -10.57 64.39 7.41
CA GLU D 418 -10.49 65.15 6.17
C GLU D 418 -9.33 64.70 5.29
N GLY D 419 -9.06 63.40 5.28
CA GLY D 419 -8.00 62.85 4.45
C GLY D 419 -6.60 63.15 4.92
N ARG D 420 -6.46 63.55 6.17
CA ARG D 420 -5.15 63.89 6.73
C ARG D 420 -4.46 62.75 7.47
N CYS D 421 -5.17 61.66 7.71
CA CYS D 421 -4.56 60.55 8.45
C CYS D 421 -3.80 59.55 7.59
N LEU D 422 -2.91 58.81 8.25
CA LEU D 422 -2.12 57.75 7.64
C LEU D 422 -2.73 56.53 8.31
N PHE D 423 -3.63 55.84 7.60
CA PHE D 423 -4.35 54.69 8.13
C PHE D 423 -3.85 53.31 7.68
N ALA D 424 -4.08 52.32 8.54
CA ALA D 424 -3.73 50.94 8.30
C ALA D 424 -4.67 50.11 9.16
N SER D 425 -5.11 48.97 8.67
CA SER D 425 -6.02 48.11 9.42
C SER D 425 -5.57 46.65 9.35
N GLY D 426 -5.97 45.86 10.34
CA GLY D 426 -5.60 44.46 10.35
C GLY D 426 -6.39 43.69 9.31
N SER D 427 -7.65 44.08 9.14
CA SER D 427 -8.54 43.45 8.18
C SER D 427 -8.80 44.39 7.00
N PRO D 428 -9.17 43.86 5.83
CA PRO D 428 -9.43 44.62 4.60
C PRO D 428 -10.59 45.61 4.55
N PHE D 429 -10.32 46.76 3.92
CA PHE D 429 -11.30 47.83 3.70
C PHE D 429 -11.00 48.34 2.29
N GLY D 430 -12.03 48.58 1.49
CA GLY D 430 -11.80 49.07 0.14
C GLY D 430 -11.34 50.53 0.16
N PRO D 431 -11.16 51.15 -1.02
CA PRO D 431 -10.72 52.55 -1.07
C PRO D 431 -11.80 53.50 -0.56
N VAL D 432 -11.39 54.65 -0.05
CA VAL D 432 -12.32 55.65 0.46
C VAL D 432 -12.28 56.93 -0.37
N LYS D 433 -13.40 57.26 -1.00
CA LYS D 433 -13.49 58.46 -1.81
C LYS D 433 -14.25 59.55 -1.06
N LEU D 434 -13.58 60.65 -0.75
CA LEU D 434 -14.20 61.75 -0.04
C LEU D 434 -15.10 62.53 -0.99
N THR D 435 -16.02 63.33 -0.42
CA THR D 435 -16.93 64.12 -1.24
C THR D 435 -16.18 65.07 -2.16
N ASP D 436 -15.02 65.56 -1.72
CA ASP D 436 -14.24 66.47 -2.54
C ASP D 436 -13.63 65.73 -3.72
N GLY D 437 -13.70 64.40 -3.70
CA GLY D 437 -13.17 63.61 -4.80
C GLY D 437 -11.87 62.88 -4.53
N ARG D 438 -11.15 63.29 -3.49
CA ARG D 438 -9.88 62.65 -3.15
C ARG D 438 -10.09 61.18 -2.76
N VAL D 439 -9.30 60.30 -3.35
CA VAL D 439 -9.40 58.86 -3.07
C VAL D 439 -8.25 58.37 -2.21
N PHE D 440 -8.56 57.51 -1.24
CA PHE D 440 -7.55 56.97 -0.34
C PHE D 440 -7.55 55.45 -0.31
N THR D 441 -6.38 54.86 -0.56
CA THR D 441 -6.21 53.41 -0.57
C THR D 441 -5.48 52.95 0.69
N PRO D 442 -6.22 52.49 1.71
CA PRO D 442 -5.63 52.03 2.98
C PRO D 442 -4.83 50.74 2.87
N GLY D 443 -3.71 50.67 3.58
CA GLY D 443 -2.89 49.47 3.55
C GLY D 443 -3.36 48.52 4.62
N GLN D 444 -2.94 47.26 4.54
CA GLN D 444 -3.35 46.29 5.53
C GLN D 444 -2.19 45.91 6.44
N GLY D 445 -2.17 46.48 7.65
CA GLY D 445 -1.11 46.15 8.58
C GLY D 445 -1.44 44.81 9.21
N ASN D 446 -1.05 43.74 8.54
CA ASN D 446 -1.31 42.39 9.02
C ASN D 446 -0.04 41.56 8.87
N ASN D 447 0.30 40.77 9.88
CA ASN D 447 1.51 39.99 9.84
C ASN D 447 1.66 39.01 8.69
N VAL D 448 0.64 38.89 7.84
CA VAL D 448 0.74 38.01 6.68
C VAL D 448 1.82 38.56 5.75
N TYR D 449 2.19 39.82 5.94
CA TYR D 449 3.23 40.45 5.12
C TYR D 449 4.58 40.04 5.63
N ILE D 450 4.62 39.46 6.83
CA ILE D 450 5.89 39.08 7.46
C ILE D 450 6.19 37.58 7.67
N PHE D 451 5.30 36.85 8.33
CA PHE D 451 5.61 35.45 8.60
C PHE D 451 5.97 34.56 7.41
N PRO D 452 5.37 34.80 6.22
CA PRO D 452 5.73 33.96 5.08
C PRO D 452 7.21 34.11 4.72
N GLY D 453 7.63 35.35 4.47
CA GLY D 453 9.03 35.62 4.12
C GLY D 453 10.04 35.21 5.18
N VAL D 454 9.73 35.50 6.44
CA VAL D 454 10.65 35.13 7.51
C VAL D 454 10.77 33.62 7.63
N ALA D 455 9.64 32.93 7.54
CA ALA D 455 9.63 31.47 7.64
C ALA D 455 10.46 30.86 6.51
N LEU D 456 10.28 31.35 5.28
CA LEU D 456 11.03 30.79 4.15
C LEU D 456 12.53 30.96 4.39
N ALA D 457 12.94 32.14 4.84
CA ALA D 457 14.35 32.40 5.10
C ALA D 457 14.88 31.49 6.20
N VAL D 458 14.19 31.44 7.33
CA VAL D 458 14.63 30.60 8.44
C VAL D 458 14.73 29.13 8.01
N ILE D 459 13.73 28.64 7.28
CA ILE D 459 13.75 27.25 6.81
C ILE D 459 14.93 27.02 5.87
N LEU D 460 15.10 27.89 4.89
CA LEU D 460 16.18 27.77 3.90
C LEU D 460 17.59 27.86 4.47
N CYS D 461 17.78 28.65 5.52
CA CYS D 461 19.08 28.83 6.12
C CYS D 461 19.37 27.84 7.24
N ASN D 462 18.43 26.94 7.50
CA ASN D 462 18.62 25.98 8.58
C ASN D 462 18.92 26.71 9.89
N THR D 463 18.29 27.86 10.08
CA THR D 463 18.46 28.67 11.29
C THR D 463 17.96 27.88 12.50
N ARG D 464 18.70 27.96 13.60
CA ARG D 464 18.35 27.24 14.81
C ARG D 464 17.47 28.00 15.79
N HIS D 465 17.70 29.30 15.91
CA HIS D 465 16.91 30.14 16.80
C HIS D 465 16.64 31.46 16.11
N ILE D 466 15.57 32.13 16.49
CA ILE D 466 15.19 33.39 15.85
C ILE D 466 15.22 34.57 16.82
N SER D 467 16.14 35.51 16.61
CA SER D 467 16.25 36.68 17.48
C SER D 467 15.25 37.74 17.02
N ASP D 468 14.97 38.71 17.87
CA ASP D 468 14.02 39.76 17.50
C ASP D 468 14.59 40.64 16.39
N SER D 469 15.90 40.74 16.30
CA SER D 469 16.52 41.55 15.27
C SER D 469 16.09 41.07 13.89
N VAL D 470 15.79 39.78 13.77
CA VAL D 470 15.34 39.22 12.51
C VAL D 470 14.07 39.93 12.04
N PHE D 471 13.15 40.14 12.96
CA PHE D 471 11.89 40.81 12.63
C PHE D 471 12.13 42.28 12.34
N LEU D 472 13.12 42.86 13.00
CA LEU D 472 13.46 44.26 12.78
C LEU D 472 13.92 44.36 11.33
N GLU D 473 14.71 43.37 10.91
CA GLU D 473 15.22 43.32 9.55
C GLU D 473 14.07 43.10 8.57
N ALA D 474 13.11 42.25 8.96
CA ALA D 474 11.97 41.98 8.10
C ALA D 474 11.14 43.25 7.96
N ALA D 475 11.01 44.01 9.06
CA ALA D 475 10.25 45.26 9.01
C ALA D 475 10.83 46.18 7.94
N LYS D 476 12.17 46.30 7.93
CA LYS D 476 12.86 47.14 6.96
C LYS D 476 12.70 46.61 5.54
N ALA D 477 12.85 45.30 5.37
CA ALA D 477 12.73 44.66 4.06
C ALA D 477 11.35 44.90 3.45
N LEU D 478 10.33 44.98 4.31
CA LEU D 478 8.97 45.22 3.83
C LEU D 478 8.80 46.64 3.30
N THR D 479 8.97 47.62 4.18
CA THR D 479 8.83 49.02 3.82
C THR D 479 9.77 49.45 2.69
N SER D 480 10.95 48.82 2.60
CA SER D 480 11.91 49.17 1.55
C SER D 480 11.35 48.96 0.15
N GLN D 481 10.34 48.11 0.00
CA GLN D 481 9.76 47.85 -1.31
C GLN D 481 8.58 48.76 -1.60
N LEU D 482 8.26 49.66 -0.67
CA LEU D 482 7.14 50.58 -0.85
C LEU D 482 7.63 51.68 -1.79
N THR D 483 6.86 51.96 -2.85
CA THR D 483 7.25 53.01 -3.80
C THR D 483 6.52 54.32 -3.50
N ASP D 484 7.08 55.42 -4.00
CA ASP D 484 6.52 56.75 -3.82
C ASP D 484 5.08 56.83 -4.27
N GLU D 485 4.83 56.50 -5.53
CA GLU D 485 3.49 56.55 -6.09
C GLU D 485 2.49 55.81 -5.21
N GLU D 486 2.89 54.65 -4.70
CA GLU D 486 2.02 53.86 -3.85
C GLU D 486 1.81 54.56 -2.50
N LEU D 487 2.80 55.35 -2.10
CA LEU D 487 2.72 56.11 -0.85
C LEU D 487 1.69 57.22 -1.01
N ALA D 488 1.63 57.78 -2.22
CA ALA D 488 0.69 58.84 -2.53
C ALA D 488 -0.74 58.35 -2.35
N GLN D 489 -1.03 57.17 -2.87
CA GLN D 489 -2.37 56.58 -2.76
C GLN D 489 -2.82 56.49 -1.31
N GLY D 490 -1.85 56.37 -0.40
CA GLY D 490 -2.16 56.26 1.01
C GLY D 490 -1.75 54.90 1.54
N ARG D 491 -0.91 54.21 0.77
CA ARG D 491 -0.44 52.88 1.13
C ARG D 491 0.81 52.92 2.01
N LEU D 492 0.71 52.36 3.20
CA LEU D 492 1.85 52.31 4.09
C LEU D 492 2.52 50.95 3.87
N TYR D 493 2.01 50.19 2.91
CA TYR D 493 2.53 48.86 2.58
C TYR D 493 2.42 48.57 1.09
N PRO D 494 3.27 47.68 0.57
CA PRO D 494 3.22 47.34 -0.86
C PRO D 494 1.86 46.73 -1.16
N PRO D 495 1.38 46.83 -2.42
CA PRO D 495 0.08 46.27 -2.76
C PRO D 495 -0.06 44.80 -2.37
N LEU D 496 -1.19 44.44 -1.78
CA LEU D 496 -1.45 43.08 -1.36
C LEU D 496 -1.36 42.14 -2.56
N ALA D 497 -1.70 42.66 -3.74
CA ALA D 497 -1.68 41.89 -4.97
C ALA D 497 -0.30 41.34 -5.33
N ASN D 498 0.76 41.91 -4.77
CA ASN D 498 2.12 41.47 -5.06
C ASN D 498 2.76 40.78 -3.87
N ILE D 499 1.93 40.36 -2.93
CA ILE D 499 2.40 39.70 -1.72
C ILE D 499 3.42 38.57 -2.00
N GLN D 500 3.26 37.86 -3.11
CA GLN D 500 4.18 36.77 -3.45
C GLN D 500 5.60 37.32 -3.60
N GLU D 501 5.76 38.28 -4.51
CA GLU D 501 7.04 38.90 -4.75
C GLU D 501 7.56 39.62 -3.49
N VAL D 502 6.67 40.28 -2.76
CA VAL D 502 7.12 40.99 -1.56
C VAL D 502 7.68 40.01 -0.53
N SER D 503 7.01 38.86 -0.36
CA SER D 503 7.47 37.86 0.58
C SER D 503 8.82 37.29 0.19
N ILE D 504 9.04 37.08 -1.10
CA ILE D 504 10.30 36.53 -1.60
C ILE D 504 11.42 37.54 -1.35
N ASN D 505 11.14 38.81 -1.60
CA ASN D 505 12.15 39.83 -1.38
C ASN D 505 12.51 39.88 0.10
N ILE D 506 11.53 39.68 0.98
CA ILE D 506 11.82 39.69 2.39
C ILE D 506 12.64 38.45 2.77
N ALA D 507 12.34 37.30 2.17
CA ALA D 507 13.10 36.09 2.46
C ALA D 507 14.56 36.31 2.07
N ILE D 508 14.77 36.88 0.88
CA ILE D 508 16.12 37.14 0.39
C ILE D 508 16.88 38.03 1.36
N LYS D 509 16.24 39.11 1.80
CA LYS D 509 16.87 40.05 2.73
C LYS D 509 17.16 39.37 4.05
N VAL D 510 16.18 38.64 4.59
CA VAL D 510 16.37 37.96 5.86
C VAL D 510 17.44 36.88 5.73
N THR D 511 17.53 36.25 4.57
CA THR D 511 18.54 35.21 4.34
C THR D 511 19.94 35.82 4.41
N GLU D 512 20.13 36.94 3.73
CA GLU D 512 21.42 37.61 3.75
C GLU D 512 21.75 38.03 5.19
N TYR D 513 20.73 38.48 5.91
CA TYR D 513 20.92 38.90 7.29
C TYR D 513 21.36 37.73 8.17
N LEU D 514 20.72 36.58 8.00
CA LEU D 514 21.05 35.40 8.79
C LEU D 514 22.47 34.92 8.50
N TYR D 515 22.89 34.96 7.25
CA TYR D 515 24.25 34.53 6.91
C TYR D 515 25.27 35.54 7.42
N ALA D 516 24.97 36.82 7.26
CA ALA D 516 25.88 37.87 7.71
C ALA D 516 26.12 37.82 9.21
N ASN D 517 25.09 37.50 9.97
CA ASN D 517 25.21 37.44 11.41
C ASN D 517 25.45 36.05 11.98
N LYS D 518 26.02 35.16 11.16
CA LYS D 518 26.32 33.81 11.60
C LYS D 518 25.15 33.09 12.27
N MSE D 519 23.98 33.15 11.67
CA MSE D 519 22.80 32.49 12.24
C MSE D 519 22.30 31.39 11.31
O MSE D 519 21.47 30.58 11.71
CB MSE D 519 21.68 33.51 12.46
CG MSE D 519 21.96 34.50 13.59
SE MSE D 519 20.73 36.01 13.59
CE MSE D 519 19.21 35.20 14.50
N ALA D 520 22.84 31.35 10.10
CA ALA D 520 22.47 30.35 9.11
C ALA D 520 23.45 29.18 9.15
N PHE D 521 22.94 27.96 9.10
CA PHE D 521 23.81 26.79 9.13
C PHE D 521 23.75 25.95 7.85
N ARG D 522 23.03 26.44 6.85
CA ARG D 522 22.94 25.73 5.58
C ARG D 522 24.27 25.94 4.86
N TYR D 523 24.95 24.84 4.55
CA TYR D 523 26.25 24.91 3.88
C TYR D 523 26.24 24.18 2.54
N PRO D 524 27.01 24.67 1.56
CA PRO D 524 27.83 25.87 1.67
C PRO D 524 26.97 27.12 1.59
N GLU D 525 27.54 28.28 1.85
CA GLU D 525 26.79 29.52 1.79
C GLU D 525 26.57 29.93 0.33
N PRO D 526 25.33 30.19 -0.06
CA PRO D 526 25.05 30.58 -1.44
C PRO D 526 25.72 31.91 -1.76
N GLU D 527 26.35 32.01 -2.93
CA GLU D 527 27.02 33.24 -3.33
C GLU D 527 25.95 34.28 -3.63
N ASP D 528 24.93 33.86 -4.37
CA ASP D 528 23.83 34.72 -4.76
C ASP D 528 22.57 34.35 -3.95
N LYS D 529 22.27 35.10 -2.90
CA LYS D 529 21.10 34.83 -2.07
C LYS D 529 19.77 34.90 -2.82
N ALA D 530 19.64 35.86 -3.72
CA ALA D 530 18.41 36.01 -4.50
C ALA D 530 18.15 34.76 -5.35
N LYS D 531 19.17 34.27 -6.02
CA LYS D 531 19.02 33.08 -6.86
C LYS D 531 18.71 31.87 -5.98
N TYR D 532 19.41 31.76 -4.85
CA TYR D 532 19.23 30.68 -3.90
C TYR D 532 17.78 30.50 -3.50
N VAL D 533 17.17 31.58 -3.01
CA VAL D 533 15.78 31.57 -2.58
C VAL D 533 14.82 31.30 -3.73
N LYS D 534 14.94 32.06 -4.81
CA LYS D 534 14.06 31.90 -5.96
C LYS D 534 14.05 30.49 -6.56
N GLU D 535 15.18 29.79 -6.51
CA GLU D 535 15.25 28.44 -7.06
C GLU D 535 14.54 27.41 -6.21
N ARG D 536 14.31 27.71 -4.95
CA ARG D 536 13.69 26.75 -4.05
C ARG D 536 12.23 26.97 -3.70
N THR D 537 11.60 27.95 -4.33
CA THR D 537 10.19 28.20 -4.06
C THR D 537 9.33 27.15 -4.76
N TRP D 538 8.37 26.59 -4.02
CA TRP D 538 7.45 25.60 -4.54
C TRP D 538 6.55 26.29 -5.57
N ARG D 539 6.26 25.61 -6.67
CA ARG D 539 5.42 26.17 -7.72
C ARG D 539 4.09 25.42 -7.83
N SER D 540 3.03 26.10 -8.26
CA SER D 540 1.73 25.46 -8.35
C SER D 540 1.49 24.73 -9.67
N GLU D 541 2.38 24.90 -10.65
CA GLU D 541 2.24 24.20 -11.93
C GLU D 541 2.40 22.71 -11.68
N TYR D 542 1.65 21.89 -12.41
CA TYR D 542 1.74 20.43 -12.25
C TYR D 542 3.12 19.89 -12.62
N ASP D 543 3.53 18.82 -11.96
CA ASP D 543 4.78 18.17 -12.25
C ASP D 543 4.45 16.88 -12.98
N SER D 544 5.39 16.36 -13.75
CA SER D 544 5.14 15.11 -14.45
C SER D 544 5.24 14.02 -13.41
N LEU D 545 4.33 13.04 -13.46
CA LEU D 545 4.37 11.93 -12.51
C LEU D 545 4.82 10.67 -13.23
N LEU D 546 5.25 10.82 -14.47
CA LEU D 546 5.70 9.68 -15.26
C LEU D 546 6.97 9.05 -14.74
N PRO D 547 7.05 7.72 -14.75
CA PRO D 547 8.27 7.07 -14.27
C PRO D 547 9.32 7.30 -15.34
N ASP D 548 10.58 7.35 -14.94
CA ASP D 548 11.67 7.60 -15.87
C ASP D 548 11.91 6.42 -16.82
N VAL D 549 11.36 6.50 -18.03
CA VAL D 549 11.52 5.43 -19.01
C VAL D 549 12.53 5.85 -20.08
N TYR D 550 13.53 5.02 -20.35
CA TYR D 550 14.54 5.37 -21.32
C TYR D 550 15.29 4.19 -21.92
N GLU D 551 15.81 4.39 -23.12
CA GLU D 551 16.55 3.35 -23.82
C GLU D 551 17.98 3.17 -23.34
N TRP D 552 18.41 1.92 -23.25
CA TRP D 552 19.76 1.56 -22.83
C TRP D 552 20.63 1.42 -24.07
N PRO D 553 21.80 2.06 -24.09
CA PRO D 553 22.68 1.94 -25.26
C PRO D 553 23.11 0.50 -25.51
MN MN E . 38.51 -2.75 0.69
C PYR F . 40.25 -5.01 1.73
O PYR F . 40.12 -4.48 0.61
OXT PYR F . 40.99 -5.99 1.86
CA PYR F . 39.54 -4.44 2.95
O3 PYR F . 38.81 -3.38 2.84
CB PYR F . 39.71 -5.11 4.31
PA NAD G . 46.54 -1.12 -5.37
O1A NAD G . 46.17 -1.75 -6.65
O2A NAD G . 46.24 0.32 -5.17
O5B NAD G . 48.07 -1.32 -5.08
C5B NAD G . 48.67 -2.60 -5.20
C4B NAD G . 50.16 -2.42 -5.05
O4B NAD G . 50.80 -3.73 -4.91
C3B NAD G . 50.75 -1.77 -6.27
O3B NAD G . 51.71 -0.74 -5.89
C2B NAD G . 51.44 -2.87 -6.98
O2B NAD G . 52.56 -2.39 -7.76
C1B NAD G . 51.87 -3.79 -5.89
N9A NAD G . 52.17 -5.16 -6.32
C8A NAD G . 51.38 -6.02 -7.08
N7A NAD G . 52.09 -7.17 -7.26
C5A NAD G . 53.22 -6.97 -6.63
C6A NAD G . 54.23 -7.92 -6.57
N6A NAD G . 54.12 -9.09 -7.19
N1A NAD G . 55.36 -7.59 -5.88
C2A NAD G . 55.46 -6.36 -5.26
N3A NAD G . 54.43 -5.46 -5.35
C4A NAD G . 53.30 -5.77 -6.04
O3 NAD G . 45.86 -1.94 -4.17
PN NAD G . 45.49 -1.57 -2.68
O1N NAD G . 44.19 -0.85 -2.69
O2N NAD G . 46.65 -0.91 -2.06
O5D NAD G . 45.28 -3.02 -2.00
C5D NAD G . 46.36 -3.98 -1.95
C4D NAD G . 46.03 -5.09 -0.94
O4D NAD G . 45.78 -4.50 0.38
C3D NAD G . 44.75 -5.86 -1.32
O3D NAD G . 44.99 -7.26 -1.36
C2D NAD G . 43.77 -5.54 -0.24
O2D NAD G . 42.92 -6.66 0.04
C1D NAD G . 44.63 -5.17 0.93
N1N NAD G . 43.90 -4.33 1.91
C2N NAD G . 43.92 -4.71 3.28
C3N NAD G . 43.19 -3.99 4.22
C7N NAD G . 43.25 -4.37 5.71
O7N NAD G . 42.59 -3.76 6.55
N7N NAD G . 44.03 -5.41 6.02
C4N NAD G . 42.45 -2.87 3.79
C5N NAD G . 42.41 -2.46 2.43
C6N NAD G . 43.15 -3.18 1.49
PA NAD H . 20.44 12.76 17.31
O1A NAD H . 19.75 13.86 16.61
O2A NAD H . 21.20 13.05 18.54
O5B NAD H . 21.40 11.99 16.28
C5B NAD H . 22.26 12.73 15.39
C4B NAD H . 22.27 12.08 13.99
O4B NAD H . 22.67 10.67 14.11
C3B NAD H . 20.90 12.10 13.38
O3B NAD H . 20.97 12.60 12.03
C2B NAD H . 20.42 10.66 13.39
O2B NAD H . 19.64 10.38 12.23
C1B NAD H . 21.67 9.84 13.43
N9A NAD H . 21.51 8.53 14.14
C8A NAD H . 21.26 8.32 15.48
N7A NAD H . 21.40 6.99 15.74
C5A NAD H . 21.72 6.47 14.59
C6A NAD H . 21.98 5.11 14.43
N6A NAD H . 21.96 4.26 15.45
N1A NAD H . 22.30 4.70 13.17
C2A NAD H . 22.36 5.59 12.13
N3A NAD H . 22.12 6.92 12.34
C4A NAD H . 21.80 7.36 13.59
O3 NAD H . 19.37 11.65 17.66
PN NAD H . 17.77 11.60 17.71
O1N NAD H . 17.36 10.27 18.22
O2N NAD H . 17.30 12.82 18.42
O5D NAD H . 17.38 11.69 16.14
C5D NAD H . 16.70 12.84 15.59
C4D NAD H . 16.76 12.76 14.06
O4D NAD H . 16.39 11.40 13.61
C3D NAD H . 15.77 13.73 13.46
O3D NAD H . 16.47 14.78 12.78
C2D NAD H . 14.93 12.94 12.48
O2D NAD H . 15.06 13.47 11.14
C1D NAD H . 15.39 11.49 12.55
N1N NAD H . 14.22 10.54 12.81
C2N NAD H . 13.18 10.42 11.81
C3N NAD H . 12.09 9.53 12.03
C7N NAD H . 10.96 9.41 10.99
O7N NAD H . 10.98 10.06 9.94
N7N NAD H . 9.99 8.55 11.29
C4N NAD H . 12.04 8.78 13.25
C5N NAD H . 13.05 8.89 14.23
C6N NAD H . 14.13 9.77 14.02
OXT FUM I . 14.01 -19.01 13.26
C FUM I . 13.39 -18.32 12.46
O FUM I . 12.24 -17.88 12.76
C4 FUM I . 13.95 -17.98 11.10
C5 FUM I . 15.00 -18.70 10.49
C6 FUM I . 15.55 -18.33 9.11
O7 FUM I . 16.50 -19.07 8.68
O8 FUM I . 15.09 -17.36 8.45
MN MN J . -2.19 -38.75 2.52
C PYR K . -0.14 -40.84 1.87
O PYR K . -0.75 -40.54 2.91
OXT PYR K . 0.73 -41.71 1.90
CA PYR K . -0.51 -40.18 0.55
O3 PYR K . -1.46 -39.31 0.51
CB PYR K . 0.23 -40.55 -0.72
PA NAD L . -5.38 -46.14 8.86
O1A NAD L . -4.83 -45.73 10.16
O2A NAD L . -6.74 -45.67 8.47
O5B NAD L . -5.37 -47.76 8.74
C5B NAD L . -4.16 -48.51 8.92
C4B NAD L . -4.52 -50.01 8.89
O4B NAD L . -3.28 -50.84 8.94
C3B NAD L . -5.35 -50.39 10.08
O3B NAD L . -6.44 -51.24 9.69
C2B NAD L . -4.41 -51.14 11.00
O2B NAD L . -5.11 -52.08 11.79
C1B NAD L . -3.44 -51.80 10.04
N9A NAD L . -2.15 -52.16 10.68
C8A NAD L . -1.34 -51.39 11.50
N7A NAD L . -0.26 -52.12 11.86
C5A NAD L . -0.44 -53.27 11.27
C6A NAD L . 0.47 -54.31 11.39
N6A NAD L . 1.58 -54.20 12.14
N1A NAD L . 0.18 -55.46 10.71
C2A NAD L . -0.95 -55.55 9.95
N3A NAD L . -1.83 -54.49 9.87
C4A NAD L . -1.56 -53.34 10.54
O3 NAD L . -4.35 -45.68 7.70
PN NAD L . -4.51 -45.33 6.18
O1N NAD L . -5.06 -43.96 6.09
O2N NAD L . -5.24 -46.42 5.49
O5D NAD L . -2.99 -45.32 5.65
C5D NAD L . -2.10 -46.41 5.92
C4D NAD L . -0.89 -46.36 4.98
O4D NAD L . -1.35 -46.16 3.59
C3D NAD L . 0.02 -45.21 5.30
O3D NAD L . 1.37 -45.65 5.48
C2D NAD L . -0.05 -44.29 4.10
O2D NAD L . 1.19 -43.65 3.85
C1D NAD L . -0.49 -45.18 2.98
N1N NAD L . -1.16 -44.44 1.89
C2N NAD L . -0.68 -44.57 0.56
C3N NAD L . -1.30 -43.85 -0.48
C7N NAD L . -0.81 -43.99 -1.95
O7N NAD L . -1.34 -43.37 -2.87
N7N NAD L . 0.22 -44.83 -2.13
C4N NAD L . -2.39 -42.98 -0.18
C5N NAD L . -2.87 -42.85 1.14
C6N NAD L . -2.28 -43.57 2.17
PA NAD M . -13.76 -20.24 -16.58
O1A NAD M . -14.68 -20.91 -17.52
O2A NAD M . -12.52 -19.65 -17.12
O5B NAD M . -13.39 -21.29 -15.41
C5B NAD M . -14.39 -21.79 -14.51
C4B NAD M . -13.84 -21.80 -13.07
O4B NAD M . -12.51 -22.45 -13.05
C3B NAD M . -13.67 -20.39 -12.54
O3B NAD M . -14.27 -20.25 -11.25
C2B NAD M . -12.17 -20.16 -12.46
O2B NAD M . -11.82 -19.36 -11.33
C1B NAD M . -11.57 -21.53 -12.37
N9A NAD M . -10.20 -21.62 -12.97
C8A NAD M . -9.85 -21.44 -14.30
N7A NAD M . -8.53 -21.72 -14.44
C5A NAD M . -8.13 -22.05 -13.23
C6A NAD M . -6.83 -22.43 -12.95
N6A NAD M . -5.90 -22.52 -13.90
N1A NAD M . -6.54 -22.73 -11.64
C2A NAD M . -7.53 -22.67 -10.69
N3A NAD M . -8.80 -22.30 -11.02
C4A NAD M . -9.10 -22.00 -12.32
O3 NAD M . -14.57 -19.10 -15.81
PN NAD M . -16.06 -18.47 -15.89
O1N NAD M . -16.39 -18.23 -17.32
O2N NAD M . -16.97 -19.30 -15.07
O5D NAD M . -15.86 -17.04 -15.15
C5D NAD M . -15.01 -16.03 -15.74
C4D NAD M . -14.28 -15.27 -14.64
O4D NAD M . -15.23 -14.77 -13.63
C3D NAD M . -13.29 -16.15 -13.92
O3D NAD M . -11.94 -15.78 -14.25
C2D NAD M . -13.56 -15.95 -12.43
O2D NAD M . -12.34 -15.58 -11.75
C1D NAD M . -14.60 -14.87 -12.32
N1N NAD M . -15.60 -15.16 -11.24
C2N NAD M . -16.60 -16.21 -11.39
C3N NAD M . -17.53 -16.45 -10.36
C7N NAD M . -18.59 -17.57 -10.52
O7N NAD M . -18.65 -18.25 -11.54
N7N NAD M . -19.42 -17.73 -9.49
C4N NAD M . -17.48 -15.68 -9.16
C5N NAD M . -16.50 -14.64 -9.01
C6N NAD M . -15.58 -14.39 -10.03
OXT FUM N . 17.84 -17.28 -10.15
C FUM N . 17.09 -16.54 -9.51
O FUM N . 16.80 -15.39 -9.95
C4 FUM N . 16.50 -16.97 -8.19
C5 FUM N . 17.02 -18.05 -7.45
C6 FUM N . 16.41 -18.49 -6.10
O7 FUM N . 16.98 -19.49 -5.55
O8 FUM N . 15.43 -17.89 -5.61
MN MN O . -33.39 6.05 -18.39
C PYR P . -35.65 8.01 -17.83
O PYR P . -34.93 7.79 -18.82
OXT PYR P . -36.43 8.96 -17.85
CA PYR P . -35.58 7.10 -16.61
O3 PYR P . -34.78 6.09 -16.60
CB PYR P . -36.46 7.38 -15.41
PA NAD Q . -36.92 7.39 -27.91
O1A NAD Q . -35.93 8.36 -28.44
O2A NAD Q . -36.70 5.96 -28.12
O5B NAD Q . -38.38 7.76 -28.46
C5B NAD Q . -38.92 9.09 -28.39
C4B NAD Q . -40.29 9.03 -29.08
O4B NAD Q . -41.05 10.30 -28.87
C3B NAD Q . -40.13 8.88 -30.55
O3B NAD Q . -41.04 7.87 -31.05
C2B NAD Q . -40.48 10.21 -31.13
O2B NAD Q . -40.98 10.11 -32.47
C1B NAD Q . -41.50 10.72 -30.18
N9A NAD Q . -41.73 12.18 -30.27
C8A NAD Q . -40.79 13.19 -30.23
N7A NAD Q . -41.43 14.39 -30.36
C5A NAD Q . -42.69 14.06 -30.47
C6A NAD Q . -43.70 15.00 -30.62
N6A NAD Q . -43.44 16.30 -30.68
N1A NAD Q . -44.97 14.52 -30.70
C2A NAD Q . -45.22 13.17 -30.64
N3A NAD Q . -44.19 12.28 -30.50
C4A NAD Q . -42.91 12.74 -30.42
O3 NAD Q . -37.08 7.64 -26.34
PN NAD Q . -37.55 6.75 -25.10
O1N NAD Q . -36.41 5.93 -24.66
O2N NAD Q . -38.82 6.08 -25.48
O5D NAD Q . -37.86 7.84 -23.97
C5D NAD Q . -38.89 8.84 -24.17
C4D NAD Q . -39.25 9.52 -22.85
O4D NAD Q . -39.67 8.51 -21.84
C3D NAD Q . -38.05 10.23 -22.26
O3D NAD Q . -38.37 11.60 -21.91
C2D NAD Q . -37.70 9.47 -21.02
O2D NAD Q . -37.16 10.30 -20.00
C1D NAD Q . -39.00 8.84 -20.62
N1N NAD Q . -38.80 7.66 -19.75
C2N NAD Q . -39.56 7.57 -18.55
C3N NAD Q . -39.35 6.51 -17.67
C7N NAD Q . -40.18 6.41 -16.36
O7N NAD Q . -40.00 5.47 -15.57
N7N NAD Q . -41.06 7.39 -16.16
C4N NAD Q . -38.39 5.52 -17.98
C5N NAD Q . -37.64 5.58 -19.19
C6N NAD Q . -37.85 6.64 -20.08
PA NAD R . -25.20 -15.63 -0.93
O1A NAD R . -24.30 -16.69 -1.46
O2A NAD R . -26.52 -16.05 -0.41
O5B NAD R . -25.41 -14.49 -2.04
C5B NAD R . -25.60 -14.84 -3.43
C4B NAD R . -24.91 -13.82 -4.36
O4B NAD R . -25.46 -12.48 -4.12
C3B NAD R . -23.42 -13.75 -4.08
O3B NAD R . -22.65 -13.84 -5.31
C2B NAD R . -23.19 -12.41 -3.41
O2B NAD R . -21.96 -11.82 -3.85
C1B NAD R . -24.37 -11.56 -3.82
N9A NAD R . -24.77 -10.58 -2.77
C8A NAD R . -25.23 -10.85 -1.49
N7A NAD R . -25.60 -9.68 -0.92
C5A NAD R . -25.36 -8.77 -1.83
C6A NAD R . -25.60 -7.42 -1.63
N6A NAD R . -26.15 -6.97 -0.50
N1A NAD R . -25.30 -6.58 -2.65
C2A NAD R . -24.77 -7.07 -3.82
N3A NAD R . -24.55 -8.41 -3.98
C4A NAD R . -24.86 -9.27 -2.96
O3 NAD R . -24.43 -14.86 0.25
PN NAD R . -22.88 -14.70 0.72
O1N NAD R . -22.41 -13.35 0.31
O2N NAD R . -22.78 -15.10 2.14
O5D NAD R . -22.14 -15.83 -0.20
C5D NAD R . -20.71 -15.91 -0.24
C4D NAD R . -20.19 -15.31 -1.55
O4D NAD R . -19.68 -13.95 -1.31
C3D NAD R . -19.07 -16.14 -2.11
O3D NAD R . -19.42 -16.69 -3.38
C2D NAD R . -17.86 -15.21 -2.24
O2D NAD R . -17.27 -15.34 -3.55
C1D NAD R . -18.39 -13.81 -2.00
N1N NAD R . -17.41 -12.97 -1.22
C2N NAD R . -16.41 -12.22 -1.93
C3N NAD R . -15.49 -11.42 -1.22
C7N NAD R . -14.41 -10.61 -1.99
O7N NAD R . -14.35 -10.64 -3.22
N7N NAD R . -13.58 -9.90 -1.22
C4N NAD R . -15.55 -11.39 0.20
C5N NAD R . -16.53 -12.12 0.91
C6N NAD R . -17.45 -12.91 0.22
OXT FUM S . -20.34 15.08 9.17
C FUM S . -19.34 14.61 8.64
O FUM S . -18.43 14.07 9.34
C4 FUM S . -19.16 14.67 7.13
C5 FUM S . -19.73 15.65 6.33
C6 FUM S . -19.54 15.71 4.79
O7 FUM S . -20.13 16.67 4.21
O8 FUM S . -18.85 14.86 4.18
MN MN T . -2.93 35.44 15.37
C PYR U . -4.51 37.87 14.32
O PYR U . -4.56 37.23 15.37
OXT PYR U . -5.33 38.76 14.12
CA PYR U . -3.43 37.56 13.28
O3 PYR U . -2.55 36.63 13.52
CB PYR U . -3.37 38.35 11.99
PA NAD V . -4.22 40.10 24.44
O1A NAD V . -5.36 39.39 25.06
O2A NAD V . -2.84 39.63 24.75
O5B NAD V . -4.28 41.66 24.81
C5B NAD V . -5.45 42.45 24.55
C4B NAD V . -5.29 43.78 25.26
O4B NAD V . -6.38 44.71 24.89
C3B NAD V . -5.36 43.59 26.76
O3B NAD V . -4.29 44.28 27.40
C2B NAD V . -6.68 44.18 27.17
O2B NAD V . -6.61 44.72 28.50
C1B NAD V . -6.95 45.23 26.13
N9A NAD V . -8.40 45.56 25.99
C8A NAD V . -9.45 44.68 25.88
N7A NAD V . -10.60 45.40 25.83
C5A NAD V . -10.21 46.64 25.92
C6A NAD V . -11.12 47.68 25.90
N6A NAD V . -12.43 47.49 25.83
N1A NAD V . -10.60 48.95 26.00
C2A NAD V . -9.25 49.13 26.09
N3A NAD V . -8.40 48.05 26.10
C4A NAD V . -8.90 46.79 26.01
O3 NAD V . -4.42 40.12 22.86
PN NAD V . -3.47 40.27 21.59
O1N NAD V . -2.81 38.98 21.36
O2N NAD V . -2.63 41.47 21.78
O5D NAD V . -4.50 40.54 20.40
C5D NAD V . -5.45 41.62 20.45
C4D NAD V . -5.94 41.95 19.04
O4D NAD V . -4.79 42.13 18.15
C3D NAD V . -6.77 40.81 18.46
O3D NAD V . -8.06 41.27 18.05
C2D NAD V . -6.01 40.33 17.24
O2D NAD V . -6.91 39.98 16.17
C1D NAD V . -5.14 41.50 16.89
N1N NAD V . -3.93 41.09 16.13
C2N NAD V . -3.70 41.68 14.86
C3N NAD V . -2.59 41.30 14.09
C7N NAD V . -2.33 41.94 12.70
O7N NAD V . -1.37 41.63 12.02
N7N NAD V . -3.23 42.86 12.32
C4N NAD V . -1.70 40.33 14.60
C5N NAD V . -1.92 39.72 15.87
C6N NAD V . -3.02 40.09 16.64
PA NAD W . 18.69 23.13 0.38
O1A NAD W . 19.57 22.20 1.13
O2A NAD W . 19.31 24.21 -0.42
O5B NAD W . 17.62 23.79 1.40
C5B NAD W . 17.91 23.90 2.82
C4B NAD W . 16.69 23.45 3.65
O4B NAD W . 15.48 24.13 3.18
C3B NAD W . 16.45 21.96 3.51
O3B NAD W . 16.29 21.36 4.80
C2B NAD W . 15.18 21.83 2.70
O2B NAD W . 14.41 20.71 3.15
C1B NAD W . 14.45 23.14 2.91
N9A NAD W . 13.59 23.56 1.75
C8A NAD W . 14.00 23.89 0.46
N7A NAD W . 12.94 24.37 -0.23
C5A NAD W . 11.95 24.32 0.63
C6A NAD W . 10.66 24.74 0.31
N6A NAD W . 10.36 25.25 -0.89
N1A NAD W . 9.71 24.63 1.28
C2A NAD W . 10.04 24.13 2.52
N3A NAD W . 11.33 23.73 2.79
C4A NAD W . 12.30 23.84 1.82
O3 NAD W . 17.74 22.28 -0.58
PN NAD W . 17.71 20.76 -1.11
O1N NAD W . 16.31 20.28 -1.04
O2N NAD W . 18.43 20.70 -2.42
O5D NAD W . 18.62 19.99 0.01
C5D NAD W . 18.54 18.57 0.18
C4D NAD W . 17.70 18.27 1.41
O4D NAD W . 16.29 18.07 1.03
C3D NAD W . 18.18 16.99 2.06
O3D NAD W . 18.65 17.26 3.39
C2D NAD W . 16.99 16.06 2.11
O2D NAD W . 16.84 15.49 3.42
C1D NAD W . 15.78 16.87 1.72
N1N NAD W . 14.83 16.08 0.85
C2N NAD W . 13.84 15.26 1.48
C3N NAD W . 12.93 14.52 0.69
C7N NAD W . 11.87 13.63 1.37
O7N NAD W . 11.77 13.56 2.59
N7N NAD W . 11.06 12.96 0.54
C4N NAD W . 13.02 14.58 -0.73
C5N NAD W . 14.00 15.38 -1.37
C6N NAD W . 14.91 16.14 -0.59
OXT FUM X . -11.52 21.11 -12.01
C FUM X . -11.24 20.11 -11.37
O FUM X . -10.79 19.07 -11.95
C4 FUM X . -11.42 20.06 -9.88
C5 FUM X . -12.36 20.84 -9.20
C6 FUM X . -12.52 20.80 -7.68
O7 FUM X . -13.40 21.56 -7.20
O8 FUM X . -11.82 20.03 -6.97
#